data_1OB5
#
_entry.id   1OB5
#
_cell.length_a   212.570
_cell.length_b   122.330
_cell.length_c   135.680
_cell.angle_alpha   90.00
_cell.angle_beta   121.30
_cell.angle_gamma   90.00
#
_symmetry.space_group_name_H-M   'C 1 2 1'
#
loop_
_entity.id
_entity.type
_entity.pdbx_description
1 polymer 'ELONGATION FACTOR TU'
2 polymer 'TRANSFER-RNA, PHE'
3 non-polymer 'PHOSPHOAMINOPHOSPHONIC ACID-GUANYLATE ESTER'
4 non-polymer 'MAGNESIUM ION'
5 non-polymer 'ENACYLOXIN IIA'
#
loop_
_entity_poly.entity_id
_entity_poly.type
_entity_poly.pdbx_seq_one_letter_code
_entity_poly.pdbx_strand_id
1 'polypeptide(L)'
;AKGEFIRTKPHVNVGTIGHVDHGKTTLTAALTYVAAAENPNVEVKDYGDIDKAPEERARGITINTAHVEYETAKRHYSHV
DCPGHADYIKNMITGAAQMDGAILVVSAADGPMPQTREHILLARQVGVPYIVVFMNKVDMVDDPELLDLVEMEVRDLLNQ
YEFPGDEVPVIRGSALLALEEMHKNPKTKRGENEWVDKIWELLDAIDEYIPTPVRDVDKPFLMPVEDVFTITGRGTVATG
RIERGKVKVGDEVEIVGLAPETRKTVVTGVEMHRKTLQEGIAGDNVGLLLRGVSREEVERGQVLAKPGSITPHTKFEASV
YILKKEEGGRHTGFFTGYRPQFYFRTTDVTGVVRLPQGVEMVMPGDNVTFTVELIKPVALEEGLRFAIREGGRTVGAGVV
TKILE
;
A,C,E
2 'polyribonucleotide'
;GCGGAUUUA(2MG)CUCAG(H2U)(H2U)GGGAGAGC(M2G)CCAGA(OMC)U(OMG)AA(YG)A(PSU)(5MC)UGGAG
(7MG)UC(5MC)UGUG(5MU)(PSU)CG(1MA)UCCACAGAAUUCGCACCA(PHA)C
;
B,D,F
#
loop_
_chem_comp.id
_chem_comp.type
_chem_comp.name
_chem_comp.formula
1MA RNA linking 6-HYDRO-1-METHYLADENOSINE-5'-MONOPHOSPHATE 'C11 H16 N5 O7 P'
2MG RNA linking 2N-METHYLGUANOSINE-5'-MONOPHOSPHATE 'C11 H16 N5 O8 P'
5MC RNA linking 5-METHYLCYTIDINE-5'-MONOPHOSPHATE 'C10 H16 N3 O8 P'
5MU RNA linking '5-METHYLURIDINE 5'-MONOPHOSPHATE' 'C10 H15 N2 O9 P'
7MG RNA linking 7N-METHYL-8-HYDROGUANOSINE-5'-MONOPHOSPHATE 'C11 H18 N5 O8 P'
A RNA linking ADENOSINE-5'-MONOPHOSPHATE 'C10 H14 N5 O7 P'
C RNA linking CYTIDINE-5'-MONOPHOSPHATE 'C9 H14 N3 O8 P'
ENX non-polymer 'ENACYLOXIN IIA' 'C33 H45 Cl2 N O11'
G RNA linking GUANOSINE-5'-MONOPHOSPHATE 'C10 H14 N5 O8 P'
GNP non-polymer 'PHOSPHOAMINOPHOSPHONIC ACID-GUANYLATE ESTER' 'C10 H17 N6 O13 P3'
H2U RNA linking 5,6-DIHYDROURIDINE-5'-MONOPHOSPHATE 'C9 H15 N2 O9 P'
M2G RNA linking N2-DIMETHYLGUANOSINE-5'-MONOPHOSPHATE 'C12 H18 N5 O8 P'
MG non-polymer 'MAGNESIUM ION' 'Mg 2'
OMC RNA linking O2'-METHYLYCYTIDINE-5'-MONOPHOSPHATE 'C10 H16 N3 O8 P'
OMG RNA linking O2'-METHYLGUANOSINE-5'-MONOPHOSPHATE 'C11 H16 N5 O8 P'
PSU RNA linking PSEUDOURIDINE-5'-MONOPHOSPHATE 'C9 H13 N2 O9 P'
U RNA linking URIDINE-5'-MONOPHOSPHATE 'C9 H13 N2 O9 P'
YG RNA linking WYBUTOSINE 'C21 H29 N6 O12 P'
#
# COMPACT_ATOMS: atom_id res chain seq x y z
N ILE A 6 -20.82 -33.46 -20.19
CA ILE A 6 -21.02 -34.83 -20.76
C ILE A 6 -21.93 -34.80 -21.99
N ARG A 7 -21.47 -34.07 -23.01
CA ARG A 7 -22.18 -33.86 -24.31
C ARG A 7 -23.19 -34.92 -24.81
N THR A 8 -24.18 -34.49 -25.62
CA THR A 8 -25.20 -35.39 -26.21
C THR A 8 -26.35 -34.79 -27.07
N LYS A 9 -27.48 -34.38 -26.46
CA LYS A 9 -28.69 -33.85 -27.15
C LYS A 9 -28.88 -32.31 -27.32
N PRO A 10 -30.05 -31.89 -27.89
CA PRO A 10 -30.40 -30.48 -28.11
C PRO A 10 -30.84 -29.73 -26.82
N HIS A 11 -30.02 -28.78 -26.35
CA HIS A 11 -30.29 -28.00 -25.12
C HIS A 11 -31.11 -26.73 -25.40
N VAL A 12 -32.44 -26.86 -25.32
CA VAL A 12 -33.35 -25.73 -25.56
C VAL A 12 -33.57 -25.04 -24.21
N ASN A 13 -34.08 -23.79 -24.21
CA ASN A 13 -34.31 -23.01 -22.98
C ASN A 13 -35.78 -22.65 -22.72
N VAL A 14 -36.28 -22.96 -21.53
CA VAL A 14 -37.67 -22.64 -21.22
C VAL A 14 -37.95 -22.41 -19.77
N GLY A 15 -39.26 -22.35 -19.46
CA GLY A 15 -39.72 -22.14 -18.10
C GLY A 15 -41.21 -21.92 -17.85
N THR A 16 -41.53 -21.87 -16.55
CA THR A 16 -42.86 -21.66 -16.01
C THR A 16 -43.00 -20.25 -15.44
N ILE A 17 -44.04 -19.56 -15.87
CA ILE A 17 -44.26 -18.21 -15.43
C ILE A 17 -45.76 -18.03 -15.26
N GLY A 18 -46.18 -17.68 -14.06
CA GLY A 18 -47.59 -17.49 -13.84
C GLY A 18 -47.85 -16.89 -12.48
N HIS A 19 -49.12 -16.56 -12.26
CA HIS A 19 -49.56 -15.97 -11.01
C HIS A 19 -48.92 -16.67 -9.83
N VAL A 20 -49.12 -16.09 -8.65
CA VAL A 20 -48.57 -16.70 -7.46
C VAL A 20 -49.50 -17.79 -6.91
N ASP A 21 -48.91 -18.93 -6.59
CA ASP A 21 -49.62 -20.08 -6.04
C ASP A 21 -50.41 -20.94 -7.02
N HIS A 22 -50.33 -20.62 -8.29
CA HIS A 22 -51.07 -21.39 -9.28
C HIS A 22 -50.34 -22.66 -9.69
N GLY A 23 -49.02 -22.74 -9.50
CA GLY A 23 -48.34 -23.97 -9.88
C GLY A 23 -46.94 -23.99 -10.45
N LYS A 24 -46.43 -22.85 -10.94
CA LYS A 24 -45.08 -22.80 -11.52
C LYS A 24 -44.10 -23.78 -10.86
N THR A 25 -43.91 -23.67 -9.54
CA THR A 25 -42.99 -24.52 -8.79
C THR A 25 -43.27 -26.03 -8.73
N THR A 26 -44.55 -26.42 -8.63
CA THR A 26 -44.91 -27.85 -8.56
C THR A 26 -44.75 -28.58 -9.92
N LEU A 27 -45.45 -28.10 -10.95
CA LEU A 27 -45.39 -28.67 -12.30
C LEU A 27 -43.96 -28.63 -12.80
N THR A 28 -43.02 -28.62 -11.88
CA THR A 28 -41.62 -28.60 -12.23
C THR A 28 -41.06 -29.97 -11.93
N ALA A 29 -41.28 -30.44 -10.71
CA ALA A 29 -40.80 -31.76 -10.37
C ALA A 29 -41.48 -32.69 -11.39
N ALA A 30 -42.77 -32.41 -11.67
CA ALA A 30 -43.57 -33.19 -12.61
C ALA A 30 -42.98 -33.13 -14.02
N LEU A 31 -41.66 -33.07 -14.08
CA LEU A 31 -40.91 -33.04 -15.31
C LEU A 31 -39.65 -33.78 -14.97
N THR A 32 -39.12 -33.49 -13.79
CA THR A 32 -37.93 -34.18 -13.34
C THR A 32 -38.33 -35.58 -12.82
N TYR A 33 -39.58 -35.96 -13.13
CA TYR A 33 -40.16 -37.26 -12.76
C TYR A 33 -40.83 -37.89 -13.96
N VAL A 34 -41.88 -37.24 -14.46
CA VAL A 34 -42.58 -37.74 -15.64
C VAL A 34 -41.69 -38.16 -16.83
N ALA A 35 -40.64 -37.38 -17.09
CA ALA A 35 -39.70 -37.68 -18.17
C ALA A 35 -38.43 -38.19 -17.52
N ALA A 36 -38.48 -38.29 -16.20
CA ALA A 36 -37.35 -38.79 -15.41
C ALA A 36 -37.54 -40.28 -15.19
N ALA A 37 -38.79 -40.71 -15.33
CA ALA A 37 -39.18 -42.12 -15.18
C ALA A 37 -38.46 -42.94 -16.24
N GLU A 38 -37.40 -42.35 -16.79
CA GLU A 38 -36.54 -42.95 -17.80
C GLU A 38 -35.17 -42.35 -17.54
N ASN A 39 -34.43 -42.10 -18.61
CA ASN A 39 -33.10 -41.52 -18.56
C ASN A 39 -32.57 -41.23 -17.16
N PRO A 40 -31.38 -41.77 -16.83
CA PRO A 40 -30.69 -41.63 -15.54
C PRO A 40 -30.24 -40.20 -15.38
N ASN A 41 -30.36 -39.46 -16.47
CA ASN A 41 -30.02 -38.04 -16.51
C ASN A 41 -31.12 -37.37 -15.69
N VAL A 42 -32.36 -37.60 -16.12
CA VAL A 42 -33.54 -37.03 -15.44
C VAL A 42 -33.54 -37.49 -13.97
N GLU A 43 -33.09 -36.58 -13.11
CA GLU A 43 -32.93 -36.80 -11.68
C GLU A 43 -34.05 -36.41 -10.69
N VAL A 44 -33.63 -36.35 -9.41
CA VAL A 44 -34.49 -36.04 -8.27
C VAL A 44 -34.69 -34.55 -7.97
N LYS A 45 -35.64 -33.91 -8.68
CA LYS A 45 -35.96 -32.49 -8.43
C LYS A 45 -37.38 -32.39 -7.88
N ASP A 46 -37.48 -32.60 -6.58
CA ASP A 46 -38.73 -32.57 -5.87
C ASP A 46 -39.13 -31.13 -5.58
N TYR A 47 -40.32 -30.95 -5.02
CA TYR A 47 -40.85 -29.64 -4.65
C TYR A 47 -39.88 -28.91 -3.71
N GLY A 48 -40.09 -29.11 -2.41
CA GLY A 48 -39.27 -28.51 -1.36
C GLY A 48 -37.80 -28.53 -1.69
N ASP A 49 -37.48 -29.26 -2.76
CA ASP A 49 -36.12 -29.41 -3.25
C ASP A 49 -35.70 -28.01 -3.72
N ILE A 50 -36.48 -27.49 -4.66
CA ILE A 50 -36.27 -26.17 -5.23
C ILE A 50 -36.25 -25.11 -4.15
N ASP A 51 -37.42 -24.92 -3.53
CA ASP A 51 -37.64 -23.95 -2.47
C ASP A 51 -36.75 -24.14 -1.24
N LYS A 52 -35.51 -24.56 -1.49
CA LYS A 52 -34.51 -24.78 -0.46
C LYS A 52 -34.50 -23.70 0.60
N ALA A 53 -34.56 -22.45 0.14
CA ALA A 53 -34.55 -21.31 1.02
C ALA A 53 -35.40 -21.54 2.25
N PRO A 54 -34.85 -21.20 3.42
CA PRO A 54 -35.56 -21.35 4.69
C PRO A 54 -36.88 -20.57 4.61
N GLU A 55 -36.75 -19.29 4.24
CA GLU A 55 -37.90 -18.42 4.09
C GLU A 55 -38.88 -18.88 3.02
N GLU A 56 -38.38 -19.19 1.83
CA GLU A 56 -39.25 -19.63 0.74
C GLU A 56 -40.22 -20.66 1.29
N ARG A 57 -39.68 -21.78 1.77
CA ARG A 57 -40.53 -22.84 2.32
C ARG A 57 -41.25 -22.36 3.58
N ALA A 58 -40.74 -21.32 4.20
CA ALA A 58 -41.38 -20.77 5.39
C ALA A 58 -42.66 -20.01 5.00
N ARG A 59 -42.52 -19.08 4.05
CA ARG A 59 -43.64 -18.29 3.55
C ARG A 59 -44.57 -19.13 2.67
N GLY A 60 -44.01 -20.09 1.94
CA GLY A 60 -44.83 -20.94 1.10
C GLY A 60 -44.87 -20.45 -0.32
N ILE A 61 -43.91 -19.61 -0.68
CA ILE A 61 -43.83 -19.08 -2.05
C ILE A 61 -42.41 -19.00 -2.58
N THR A 62 -42.33 -19.05 -3.92
CA THR A 62 -41.06 -18.99 -4.62
C THR A 62 -40.74 -17.52 -4.69
N ILE A 63 -39.61 -17.14 -4.12
CA ILE A 63 -39.23 -15.74 -4.16
C ILE A 63 -38.06 -15.73 -5.10
N ASN A 64 -37.16 -16.67 -4.79
CA ASN A 64 -35.94 -16.82 -5.52
C ASN A 64 -36.08 -17.65 -6.77
N THR A 65 -35.44 -17.18 -7.83
CA THR A 65 -35.49 -17.88 -9.11
C THR A 65 -34.88 -19.25 -8.95
N ALA A 66 -35.46 -20.23 -9.65
CA ALA A 66 -34.98 -21.61 -9.60
C ALA A 66 -35.11 -22.29 -10.97
N HIS A 67 -34.08 -23.05 -11.35
CA HIS A 67 -34.05 -23.75 -12.63
C HIS A 67 -33.64 -25.22 -12.49
N VAL A 68 -34.48 -26.12 -13.01
CA VAL A 68 -34.22 -27.56 -12.95
C VAL A 68 -34.37 -28.22 -14.31
N GLU A 69 -33.23 -28.58 -14.90
CA GLU A 69 -33.18 -29.21 -16.22
C GLU A 69 -34.03 -30.47 -16.38
N TYR A 70 -33.89 -31.09 -17.54
CA TYR A 70 -34.58 -32.32 -17.91
C TYR A 70 -34.71 -32.39 -19.44
N GLU A 71 -34.91 -33.60 -19.96
CA GLU A 71 -35.02 -33.84 -21.40
C GLU A 71 -36.16 -34.78 -21.78
N THR A 72 -36.91 -34.41 -22.82
CA THR A 72 -37.99 -35.24 -23.31
C THR A 72 -37.30 -36.48 -23.82
N ALA A 73 -37.34 -36.61 -25.13
CA ALA A 73 -36.69 -37.69 -25.84
C ALA A 73 -35.81 -36.91 -26.81
N LYS A 74 -36.45 -36.32 -27.81
CA LYS A 74 -35.71 -35.56 -28.82
C LYS A 74 -34.79 -34.44 -28.28
N ARG A 75 -35.40 -33.45 -27.64
CA ARG A 75 -34.63 -32.32 -27.12
C ARG A 75 -34.42 -32.31 -25.62
N HIS A 76 -33.28 -31.76 -25.22
CA HIS A 76 -32.90 -31.60 -23.82
C HIS A 76 -33.40 -30.21 -23.46
N TYR A 77 -33.76 -30.00 -22.21
CA TYR A 77 -34.27 -28.69 -21.84
C TYR A 77 -33.59 -28.00 -20.67
N SER A 78 -33.72 -26.67 -20.66
CA SER A 78 -33.18 -25.80 -19.61
C SER A 78 -34.40 -25.00 -19.13
N HIS A 79 -35.20 -25.66 -18.31
CA HIS A 79 -36.43 -25.11 -17.76
C HIS A 79 -36.26 -24.40 -16.42
N VAL A 80 -36.68 -23.12 -16.39
CA VAL A 80 -36.58 -22.27 -15.20
C VAL A 80 -37.92 -21.96 -14.51
N ASP A 81 -37.89 -21.96 -13.18
CA ASP A 81 -39.07 -21.73 -12.39
C ASP A 81 -39.14 -20.31 -11.82
N CYS A 82 -40.11 -19.54 -12.28
CA CYS A 82 -40.30 -18.14 -11.88
C CYS A 82 -41.21 -17.91 -10.66
N PRO A 83 -40.93 -16.84 -9.87
CA PRO A 83 -41.79 -16.59 -8.71
C PRO A 83 -43.01 -15.86 -9.21
N GLY A 84 -44.11 -15.94 -8.45
CA GLY A 84 -45.36 -15.29 -8.85
C GLY A 84 -45.74 -14.04 -8.07
N HIS A 85 -45.31 -13.94 -6.82
CA HIS A 85 -45.64 -12.78 -5.98
C HIS A 85 -45.23 -11.50 -6.65
N ALA A 86 -46.14 -10.53 -6.59
CA ALA A 86 -45.89 -9.24 -7.18
C ALA A 86 -44.56 -8.75 -6.64
N ASP A 87 -44.35 -8.87 -5.34
CA ASP A 87 -43.09 -8.41 -4.76
C ASP A 87 -41.81 -8.83 -5.47
N TYR A 88 -41.85 -9.91 -6.26
CA TYR A 88 -40.60 -10.40 -6.82
C TYR A 88 -40.45 -10.49 -8.32
N ILE A 89 -41.24 -9.71 -9.05
CA ILE A 89 -41.12 -9.75 -10.49
C ILE A 89 -39.67 -9.58 -10.95
N LYS A 90 -38.95 -8.64 -10.36
CA LYS A 90 -37.56 -8.44 -10.76
C LYS A 90 -36.89 -9.76 -11.08
N ASN A 91 -36.85 -10.65 -10.08
CA ASN A 91 -36.26 -11.98 -10.26
C ASN A 91 -36.93 -12.59 -11.46
N MET A 92 -38.23 -12.80 -11.34
CA MET A 92 -39.02 -13.36 -12.41
C MET A 92 -38.51 -12.83 -13.74
N ILE A 93 -38.60 -11.52 -13.95
CA ILE A 93 -38.11 -10.91 -15.18
C ILE A 93 -36.78 -11.51 -15.64
N THR A 94 -35.76 -11.30 -14.81
CA THR A 94 -34.42 -11.80 -15.09
C THR A 94 -34.51 -13.15 -15.82
N GLY A 95 -34.98 -14.17 -15.10
CA GLY A 95 -35.14 -15.48 -15.70
C GLY A 95 -35.60 -15.39 -17.15
N ALA A 96 -36.87 -15.05 -17.36
CA ALA A 96 -37.45 -14.95 -18.70
C ALA A 96 -36.59 -14.24 -19.73
N ALA A 97 -35.40 -13.82 -19.30
CA ALA A 97 -34.43 -13.16 -20.17
C ALA A 97 -33.41 -14.20 -20.70
N GLN A 98 -32.85 -15.04 -19.84
CA GLN A 98 -31.91 -16.06 -20.27
C GLN A 98 -32.62 -17.40 -20.57
N MET A 99 -33.77 -17.30 -21.25
CA MET A 99 -34.59 -18.43 -21.66
C MET A 99 -35.27 -18.06 -22.99
N ASP A 100 -36.13 -18.95 -23.50
CA ASP A 100 -36.84 -18.69 -24.76
C ASP A 100 -37.99 -19.66 -24.97
N GLY A 101 -39.21 -19.15 -24.82
CA GLY A 101 -40.42 -19.95 -24.95
C GLY A 101 -40.78 -20.41 -23.53
N ALA A 102 -42.06 -20.35 -23.16
CA ALA A 102 -42.43 -20.78 -21.81
C ALA A 102 -43.84 -21.33 -21.59
N ILE A 103 -43.96 -22.00 -20.44
CA ILE A 103 -45.19 -22.63 -20.02
C ILE A 103 -45.91 -21.67 -19.10
N LEU A 104 -47.06 -21.20 -19.58
CA LEU A 104 -47.86 -20.29 -18.79
C LEU A 104 -48.61 -21.07 -17.73
N VAL A 105 -48.02 -21.20 -16.55
CA VAL A 105 -48.71 -21.92 -15.50
C VAL A 105 -49.97 -21.13 -15.17
N VAL A 106 -51.12 -21.77 -15.14
CA VAL A 106 -52.37 -21.04 -14.87
C VAL A 106 -53.37 -21.89 -14.09
N SER A 107 -53.88 -21.36 -12.98
CA SER A 107 -54.87 -22.10 -12.17
C SER A 107 -56.13 -22.27 -12.98
N ALA A 108 -56.66 -23.50 -13.01
CA ALA A 108 -57.88 -23.76 -13.75
C ALA A 108 -59.04 -23.58 -12.79
N ALA A 109 -58.72 -23.12 -11.58
CA ALA A 109 -59.73 -22.92 -10.57
C ALA A 109 -59.84 -21.45 -10.18
N ASP A 110 -58.91 -20.65 -10.69
CA ASP A 110 -58.90 -19.23 -10.37
C ASP A 110 -58.86 -18.34 -11.60
N GLY A 111 -59.06 -18.91 -12.79
CA GLY A 111 -59.03 -18.11 -14.00
C GLY A 111 -57.74 -17.31 -14.07
N PRO A 112 -57.69 -16.26 -14.91
CA PRO A 112 -56.47 -15.43 -15.03
C PRO A 112 -56.38 -14.53 -13.81
N MET A 113 -55.21 -13.96 -13.55
CA MET A 113 -55.05 -13.08 -12.40
C MET A 113 -54.00 -11.99 -12.64
N PRO A 114 -53.85 -11.07 -11.68
CA PRO A 114 -52.88 -9.97 -11.76
C PRO A 114 -51.54 -10.35 -12.44
N GLN A 115 -50.85 -11.33 -11.88
CA GLN A 115 -49.58 -11.78 -12.44
C GLN A 115 -49.79 -12.46 -13.79
N THR A 116 -50.87 -13.23 -13.90
CA THR A 116 -51.18 -13.89 -15.17
C THR A 116 -50.85 -12.81 -16.20
N ARG A 117 -51.69 -11.79 -16.25
CA ARG A 117 -51.51 -10.66 -17.15
C ARG A 117 -50.06 -10.18 -17.04
N GLU A 118 -49.79 -9.41 -15.99
CA GLU A 118 -48.48 -8.85 -15.77
C GLU A 118 -47.33 -9.70 -16.33
N HIS A 119 -47.33 -11.00 -16.06
CA HIS A 119 -46.26 -11.88 -16.55
C HIS A 119 -46.28 -12.04 -18.07
N ILE A 120 -47.43 -12.43 -18.60
CA ILE A 120 -47.56 -12.56 -20.04
C ILE A 120 -47.02 -11.23 -20.56
N LEU A 121 -47.66 -10.14 -20.15
CA LEU A 121 -47.25 -8.78 -20.53
C LEU A 121 -45.76 -8.59 -20.42
N LEU A 122 -45.18 -9.04 -19.32
CA LEU A 122 -43.75 -8.90 -19.18
C LEU A 122 -43.15 -9.63 -20.38
N ALA A 123 -43.61 -10.87 -20.58
CA ALA A 123 -43.19 -11.73 -21.69
C ALA A 123 -43.26 -10.89 -22.93
N ARG A 124 -44.47 -10.47 -23.24
CA ARG A 124 -44.69 -9.62 -24.40
C ARG A 124 -43.64 -8.51 -24.39
N GLN A 125 -43.52 -7.82 -23.26
CA GLN A 125 -42.57 -6.73 -23.16
C GLN A 125 -41.16 -7.25 -23.42
N VAL A 126 -40.73 -8.23 -22.64
CA VAL A 126 -39.40 -8.78 -22.82
C VAL A 126 -39.24 -9.54 -24.11
N GLY A 127 -40.26 -9.43 -24.98
CA GLY A 127 -40.24 -10.07 -26.29
C GLY A 127 -40.33 -11.58 -26.48
N VAL A 128 -40.30 -12.36 -25.39
CA VAL A 128 -40.36 -13.84 -25.44
C VAL A 128 -41.05 -14.49 -26.66
N PRO A 129 -40.37 -15.47 -27.31
CA PRO A 129 -40.83 -16.22 -28.50
C PRO A 129 -42.20 -16.93 -28.49
N TYR A 130 -42.34 -18.03 -27.73
CA TYR A 130 -43.61 -18.75 -27.70
C TYR A 130 -44.10 -19.16 -26.32
N ILE A 131 -45.40 -19.37 -26.22
CA ILE A 131 -46.01 -19.76 -24.95
C ILE A 131 -47.10 -20.84 -25.08
N VAL A 132 -47.21 -21.65 -24.03
CA VAL A 132 -48.21 -22.71 -24.01
C VAL A 132 -48.81 -22.80 -22.62
N VAL A 133 -50.12 -22.66 -22.59
CA VAL A 133 -50.83 -22.72 -21.34
C VAL A 133 -50.83 -24.14 -20.82
N PHE A 134 -51.12 -24.29 -19.53
CA PHE A 134 -51.26 -25.58 -18.87
C PHE A 134 -52.35 -25.40 -17.81
N MET A 135 -53.60 -25.22 -18.27
CA MET A 135 -54.74 -25.04 -17.38
C MET A 135 -54.67 -26.09 -16.29
N ASN A 136 -54.02 -25.74 -15.18
CA ASN A 136 -53.75 -26.61 -14.02
C ASN A 136 -54.72 -26.63 -12.83
N LYS A 137 -54.46 -27.52 -11.87
CA LYS A 137 -55.29 -27.69 -10.69
C LYS A 137 -56.65 -28.19 -11.12
N VAL A 138 -56.74 -28.74 -12.34
CA VAL A 138 -57.99 -29.25 -12.89
C VAL A 138 -58.82 -30.01 -11.87
N ASP A 139 -58.18 -30.99 -11.23
CA ASP A 139 -58.82 -31.82 -10.20
C ASP A 139 -59.71 -31.02 -9.25
N MET A 140 -59.33 -29.80 -8.93
CA MET A 140 -60.16 -29.00 -8.06
C MET A 140 -61.45 -28.65 -8.83
N VAL A 141 -61.32 -28.55 -10.15
CA VAL A 141 -62.44 -28.22 -11.03
C VAL A 141 -63.10 -29.46 -11.64
N ASP A 142 -64.42 -29.41 -11.69
CA ASP A 142 -65.20 -30.52 -12.24
C ASP A 142 -66.16 -30.04 -13.34
N ASP A 143 -67.10 -29.17 -12.98
CA ASP A 143 -68.07 -28.60 -13.93
C ASP A 143 -67.36 -28.22 -15.22
N PRO A 144 -67.66 -28.94 -16.32
CA PRO A 144 -67.05 -28.68 -17.63
C PRO A 144 -67.31 -27.26 -18.20
N GLU A 145 -68.53 -26.76 -18.03
CA GLU A 145 -68.91 -25.42 -18.50
C GLU A 145 -67.96 -24.38 -17.91
N LEU A 146 -67.11 -24.85 -17.01
CA LEU A 146 -66.14 -24.02 -16.34
C LEU A 146 -64.74 -24.26 -16.88
N LEU A 147 -64.44 -25.49 -17.30
CA LEU A 147 -63.11 -25.79 -17.84
C LEU A 147 -62.96 -25.20 -19.24
N ASP A 148 -64.06 -25.20 -19.99
CA ASP A 148 -64.02 -24.61 -21.32
C ASP A 148 -63.96 -23.13 -21.03
N LEU A 149 -64.97 -22.67 -20.30
CA LEU A 149 -65.11 -21.28 -19.91
C LEU A 149 -63.81 -20.61 -19.45
N VAL A 150 -62.87 -21.38 -18.92
CA VAL A 150 -61.60 -20.80 -18.45
C VAL A 150 -60.41 -21.06 -19.39
N GLU A 151 -60.71 -21.28 -20.66
CA GLU A 151 -59.70 -21.47 -21.70
C GLU A 151 -60.00 -20.35 -22.69
N MET A 152 -61.28 -19.97 -22.71
CA MET A 152 -61.80 -18.91 -23.58
C MET A 152 -61.33 -17.54 -23.10
N GLU A 153 -60.73 -17.50 -21.91
CA GLU A 153 -60.24 -16.27 -21.32
C GLU A 153 -58.74 -16.16 -21.45
N VAL A 154 -58.08 -17.30 -21.56
CA VAL A 154 -56.64 -17.30 -21.70
C VAL A 154 -56.29 -17.08 -23.16
N ARG A 155 -57.20 -17.47 -24.04
CA ARG A 155 -56.96 -17.27 -25.45
C ARG A 155 -57.20 -15.78 -25.56
N ASP A 156 -58.33 -15.36 -25.02
CA ASP A 156 -58.76 -13.97 -24.99
C ASP A 156 -57.58 -13.10 -24.56
N LEU A 157 -56.99 -13.45 -23.42
CA LEU A 157 -55.86 -12.70 -22.86
C LEU A 157 -54.60 -12.81 -23.72
N LEU A 158 -54.10 -14.02 -23.96
CA LEU A 158 -52.91 -14.18 -24.77
C LEU A 158 -53.05 -13.44 -26.08
N ASN A 159 -54.27 -13.08 -26.42
CA ASN A 159 -54.50 -12.29 -27.62
C ASN A 159 -54.05 -10.92 -27.21
N GLN A 160 -54.91 -10.25 -26.43
CA GLN A 160 -54.69 -8.90 -25.91
C GLN A 160 -53.20 -8.53 -25.88
N TYR A 161 -52.37 -9.47 -25.46
CA TYR A 161 -50.95 -9.24 -25.43
C TYR A 161 -50.42 -9.98 -26.65
N GLU A 162 -50.64 -9.37 -27.81
CA GLU A 162 -50.19 -9.91 -29.10
C GLU A 162 -49.62 -11.30 -29.01
N PHE A 163 -50.47 -12.31 -29.10
CA PHE A 163 -49.97 -13.67 -29.03
C PHE A 163 -50.85 -14.70 -29.75
N PRO A 164 -50.26 -15.86 -30.15
CA PRO A 164 -51.00 -16.92 -30.84
C PRO A 164 -52.42 -17.14 -30.32
N GLY A 165 -52.74 -16.53 -29.19
CA GLY A 165 -54.05 -16.62 -28.58
C GLY A 165 -54.82 -17.92 -28.72
N ASP A 166 -55.60 -18.03 -29.79
CA ASP A 166 -56.42 -19.22 -30.03
C ASP A 166 -55.61 -20.30 -30.74
N GLU A 167 -54.36 -19.98 -31.07
CA GLU A 167 -53.45 -20.90 -31.74
C GLU A 167 -52.68 -21.75 -30.73
N VAL A 168 -52.55 -21.22 -29.51
CA VAL A 168 -51.81 -21.90 -28.46
C VAL A 168 -52.46 -23.10 -27.77
N PRO A 169 -51.60 -23.99 -27.26
CA PRO A 169 -51.97 -25.22 -26.56
C PRO A 169 -52.52 -24.98 -25.13
N VAL A 170 -53.75 -25.44 -24.89
CA VAL A 170 -54.33 -25.29 -23.56
C VAL A 170 -54.33 -26.67 -22.90
N ILE A 171 -53.14 -27.21 -22.66
CA ILE A 171 -52.97 -28.54 -22.06
C ILE A 171 -53.56 -28.68 -20.65
N ARG A 172 -54.89 -28.69 -20.52
CA ARG A 172 -55.55 -28.82 -19.22
C ARG A 172 -54.91 -29.99 -18.44
N GLY A 173 -54.56 -29.77 -17.17
CA GLY A 173 -53.92 -30.83 -16.38
C GLY A 173 -53.80 -30.57 -14.89
N SER A 174 -53.11 -31.46 -14.18
CA SER A 174 -52.91 -31.31 -12.73
C SER A 174 -51.48 -31.65 -12.31
N ALA A 175 -50.75 -30.63 -11.90
CA ALA A 175 -49.35 -30.72 -11.49
C ALA A 175 -49.11 -31.53 -10.25
N LEU A 176 -50.11 -31.58 -9.37
CA LEU A 176 -49.94 -32.32 -8.14
C LEU A 176 -50.20 -33.82 -8.26
N LEU A 177 -51.39 -34.18 -8.73
CA LEU A 177 -51.77 -35.59 -8.89
C LEU A 177 -50.75 -36.39 -9.68
N ALA A 178 -50.34 -35.81 -10.81
CA ALA A 178 -49.34 -36.40 -11.69
C ALA A 178 -47.97 -36.40 -11.00
N LEU A 179 -47.86 -35.75 -9.85
CA LEU A 179 -46.60 -35.70 -9.09
C LEU A 179 -46.71 -36.56 -7.87
N GLU A 180 -47.92 -37.00 -7.56
CA GLU A 180 -48.13 -37.86 -6.43
C GLU A 180 -47.97 -39.28 -6.98
N GLU A 181 -47.99 -39.38 -8.30
CA GLU A 181 -47.81 -40.67 -8.96
C GLU A 181 -46.31 -40.92 -9.08
N MET A 182 -45.61 -40.02 -9.76
CA MET A 182 -44.17 -40.13 -9.94
C MET A 182 -43.50 -40.38 -8.58
N HIS A 183 -44.24 -40.13 -7.51
CA HIS A 183 -43.71 -40.36 -6.18
C HIS A 183 -43.93 -41.79 -5.79
N LYS A 184 -45.16 -42.27 -5.98
CA LYS A 184 -45.47 -43.67 -5.67
C LYS A 184 -44.67 -44.56 -6.60
N ASN A 185 -45.02 -44.55 -7.88
CA ASN A 185 -44.29 -45.36 -8.84
C ASN A 185 -43.26 -44.55 -9.63
N PRO A 186 -42.09 -44.28 -9.03
CA PRO A 186 -40.98 -43.51 -9.62
C PRO A 186 -40.74 -43.66 -11.12
N LYS A 187 -40.83 -44.88 -11.63
CA LYS A 187 -40.62 -45.12 -13.06
C LYS A 187 -41.89 -45.43 -13.86
N THR A 188 -42.99 -44.73 -13.55
CA THR A 188 -44.23 -44.94 -14.29
C THR A 188 -43.89 -44.34 -15.66
N LYS A 189 -44.37 -44.94 -16.74
CA LYS A 189 -44.07 -44.39 -18.07
C LYS A 189 -45.30 -43.78 -18.75
N ARG A 190 -45.06 -43.16 -19.91
CA ARG A 190 -46.13 -42.53 -20.66
C ARG A 190 -47.30 -43.51 -20.80
N GLY A 191 -48.45 -43.00 -21.22
CA GLY A 191 -49.60 -43.88 -21.38
C GLY A 191 -49.95 -44.73 -20.18
N GLU A 192 -49.39 -44.41 -19.01
CA GLU A 192 -49.70 -45.16 -17.79
C GLU A 192 -50.65 -44.38 -16.90
N ASN A 193 -50.17 -43.29 -16.31
CA ASN A 193 -51.00 -42.48 -15.43
C ASN A 193 -51.72 -41.40 -16.26
N GLU A 194 -53.03 -41.27 -16.06
CA GLU A 194 -53.80 -40.27 -16.79
C GLU A 194 -53.42 -38.85 -16.39
N TRP A 195 -52.59 -38.72 -15.36
CA TRP A 195 -52.14 -37.42 -14.88
C TRP A 195 -50.73 -37.18 -15.37
N VAL A 196 -49.96 -38.26 -15.45
CA VAL A 196 -48.58 -38.21 -15.94
C VAL A 196 -48.68 -38.16 -17.47
N ASP A 197 -49.93 -38.16 -17.98
CA ASP A 197 -50.21 -38.09 -19.42
C ASP A 197 -50.47 -36.64 -19.84
N LYS A 198 -51.24 -35.93 -19.03
CA LYS A 198 -51.55 -34.54 -19.31
C LYS A 198 -50.20 -33.83 -19.44
N ILE A 199 -49.25 -34.26 -18.62
CA ILE A 199 -47.87 -33.74 -18.58
C ILE A 199 -47.20 -33.89 -19.96
N TRP A 200 -47.21 -35.11 -20.45
CA TRP A 200 -46.63 -35.36 -21.76
C TRP A 200 -47.32 -34.46 -22.77
N GLU A 201 -48.64 -34.53 -22.88
CA GLU A 201 -49.38 -33.66 -23.81
C GLU A 201 -48.78 -32.28 -23.74
N LEU A 202 -48.39 -31.91 -22.52
CA LEU A 202 -47.79 -30.60 -22.23
C LEU A 202 -46.41 -30.52 -22.87
N LEU A 203 -45.67 -31.63 -22.87
CA LEU A 203 -44.35 -31.62 -23.50
C LEU A 203 -44.50 -31.81 -25.01
N ASP A 204 -45.49 -32.61 -25.40
CA ASP A 204 -45.82 -32.90 -26.80
C ASP A 204 -46.40 -31.66 -27.42
N ALA A 205 -46.34 -30.60 -26.62
CA ALA A 205 -46.79 -29.30 -27.02
C ALA A 205 -45.51 -28.45 -26.98
N ILE A 206 -44.57 -28.82 -26.11
CA ILE A 206 -43.29 -28.10 -26.02
C ILE A 206 -42.59 -28.36 -27.33
N ASP A 207 -42.20 -29.62 -27.47
CA ASP A 207 -41.52 -30.12 -28.64
C ASP A 207 -42.31 -29.67 -29.86
N GLU A 208 -43.62 -29.58 -29.66
CA GLU A 208 -44.60 -29.19 -30.67
C GLU A 208 -44.69 -27.67 -30.97
N TYR A 209 -44.56 -26.83 -29.94
CA TYR A 209 -44.65 -25.38 -30.12
C TYR A 209 -43.28 -24.71 -30.34
N ILE A 210 -42.41 -24.74 -29.33
CA ILE A 210 -41.08 -24.14 -29.44
C ILE A 210 -40.26 -24.80 -30.53
N PRO A 211 -39.75 -24.01 -31.51
CA PRO A 211 -38.93 -24.55 -32.61
C PRO A 211 -37.45 -24.81 -32.31
N THR A 212 -36.67 -23.78 -31.99
CA THR A 212 -35.26 -24.05 -31.77
C THR A 212 -34.55 -23.07 -30.87
N PRO A 213 -33.42 -23.50 -30.30
CA PRO A 213 -32.61 -22.65 -29.42
C PRO A 213 -31.29 -22.31 -30.13
N VAL A 214 -31.34 -22.19 -31.47
CA VAL A 214 -30.16 -21.87 -32.33
C VAL A 214 -29.37 -20.63 -31.90
N ARG A 215 -28.06 -20.68 -32.11
CA ARG A 215 -27.20 -19.58 -31.69
C ARG A 215 -25.87 -19.49 -32.42
N ASP A 216 -24.81 -19.30 -31.61
CA ASP A 216 -23.44 -19.18 -32.11
C ASP A 216 -22.39 -18.92 -31.01
N VAL A 217 -21.36 -19.76 -30.99
CA VAL A 217 -20.27 -19.67 -30.01
C VAL A 217 -19.02 -19.11 -30.70
N ASP A 218 -19.23 -18.37 -31.79
CA ASP A 218 -18.12 -17.83 -32.57
C ASP A 218 -17.51 -16.51 -32.11
N LYS A 219 -17.99 -15.98 -31.00
CA LYS A 219 -17.45 -14.73 -30.47
C LYS A 219 -17.21 -14.86 -28.97
N PRO A 220 -15.93 -14.65 -28.53
CA PRO A 220 -15.32 -14.69 -27.19
C PRO A 220 -16.07 -15.08 -25.94
N PHE A 221 -15.35 -14.98 -24.85
CA PHE A 221 -15.90 -15.33 -23.57
C PHE A 221 -16.87 -14.23 -23.23
N LEU A 222 -18.02 -14.64 -22.69
CA LEU A 222 -19.09 -13.73 -22.33
C LEU A 222 -20.09 -14.45 -21.45
N MET A 223 -19.92 -14.36 -20.15
CA MET A 223 -20.91 -15.02 -19.31
C MET A 223 -21.86 -14.07 -18.55
N PRO A 224 -23.11 -13.93 -19.04
CA PRO A 224 -24.03 -13.05 -18.33
C PRO A 224 -24.20 -13.69 -16.94
N VAL A 225 -23.27 -13.30 -16.07
CA VAL A 225 -23.22 -13.78 -14.69
C VAL A 225 -24.60 -13.79 -14.06
N GLU A 226 -25.23 -14.96 -14.08
CA GLU A 226 -26.53 -15.07 -13.51
C GLU A 226 -26.44 -15.45 -12.01
N ASP A 227 -25.37 -16.12 -11.55
CA ASP A 227 -25.25 -16.47 -10.11
C ASP A 227 -23.84 -16.70 -9.52
N VAL A 228 -23.73 -16.61 -8.18
CA VAL A 228 -22.45 -16.74 -7.45
C VAL A 228 -22.54 -17.38 -6.04
N PHE A 229 -21.57 -18.26 -5.73
CA PHE A 229 -21.46 -18.98 -4.43
C PHE A 229 -20.04 -19.50 -4.17
N THR A 230 -19.69 -19.55 -2.88
CA THR A 230 -18.41 -20.07 -2.43
C THR A 230 -18.70 -21.56 -2.19
N ILE A 231 -18.30 -22.41 -3.16
CA ILE A 231 -18.53 -23.87 -3.10
C ILE A 231 -17.53 -24.74 -2.32
N THR A 232 -17.54 -24.58 -0.99
CA THR A 232 -16.71 -25.33 -0.04
C THR A 232 -15.45 -26.06 -0.55
N GLY A 233 -14.29 -25.65 -0.04
CA GLY A 233 -13.03 -26.28 -0.40
C GLY A 233 -12.20 -25.73 -1.54
N ARG A 234 -12.82 -24.97 -2.45
CA ARG A 234 -12.10 -24.44 -3.60
C ARG A 234 -12.14 -22.91 -3.69
N GLY A 235 -12.76 -22.40 -4.77
CA GLY A 235 -12.88 -20.96 -4.98
C GLY A 235 -14.28 -20.35 -5.11
N THR A 236 -14.93 -20.49 -6.28
CA THR A 236 -16.27 -19.96 -6.52
C THR A 236 -16.72 -20.11 -7.97
N VAL A 237 -18.02 -20.36 -8.16
CA VAL A 237 -18.58 -20.56 -9.50
C VAL A 237 -19.69 -19.60 -9.96
N ALA A 238 -19.64 -19.24 -11.24
CA ALA A 238 -20.61 -18.31 -11.80
C ALA A 238 -21.57 -18.94 -12.80
N THR A 239 -22.67 -19.51 -12.32
CA THR A 239 -23.65 -20.11 -13.23
C THR A 239 -24.18 -19.04 -14.15
N GLY A 240 -24.66 -19.41 -15.33
CA GLY A 240 -25.18 -18.40 -16.24
C GLY A 240 -25.09 -18.67 -17.71
N ARG A 241 -26.22 -19.08 -18.28
CA ARG A 241 -26.37 -19.37 -19.71
C ARG A 241 -25.54 -18.41 -20.52
N ILE A 242 -24.38 -18.87 -20.99
CA ILE A 242 -23.52 -18.02 -21.81
C ILE A 242 -24.22 -17.76 -23.15
N GLU A 243 -24.12 -16.53 -23.63
CA GLU A 243 -24.76 -16.19 -24.89
C GLU A 243 -23.91 -16.66 -26.06
N ARG A 244 -22.65 -16.19 -26.09
CA ARG A 244 -21.64 -16.49 -27.11
C ARG A 244 -20.20 -16.55 -26.54
N GLY A 245 -19.67 -17.78 -26.44
CA GLY A 245 -18.34 -18.02 -25.91
C GLY A 245 -17.90 -19.50 -25.95
N LYS A 246 -18.00 -20.16 -24.79
CA LYS A 246 -17.64 -21.57 -24.53
C LYS A 246 -16.37 -21.60 -23.67
N VAL A 247 -16.37 -22.35 -22.57
CA VAL A 247 -15.19 -22.34 -21.69
C VAL A 247 -14.48 -23.63 -21.25
N LYS A 248 -13.31 -23.87 -21.85
CA LYS A 248 -12.51 -25.01 -21.49
C LYS A 248 -11.84 -24.56 -20.22
N VAL A 249 -12.12 -25.25 -19.13
CA VAL A 249 -11.51 -24.92 -17.85
C VAL A 249 -10.10 -24.38 -18.09
N GLY A 250 -9.60 -23.57 -17.15
CA GLY A 250 -8.24 -23.05 -17.29
C GLY A 250 -8.00 -21.86 -18.22
N ASP A 251 -9.07 -21.23 -18.69
CA ASP A 251 -8.97 -20.06 -19.57
C ASP A 251 -8.71 -18.81 -18.75
N GLU A 252 -7.66 -18.05 -19.08
CA GLU A 252 -7.42 -16.82 -18.33
C GLU A 252 -8.66 -16.01 -18.71
N VAL A 253 -9.37 -15.50 -17.71
CA VAL A 253 -10.58 -14.75 -17.97
C VAL A 253 -10.59 -13.36 -17.37
N GLU A 254 -11.76 -12.73 -17.47
CA GLU A 254 -12.08 -11.39 -16.96
C GLU A 254 -13.58 -11.18 -16.73
N ILE A 255 -13.90 -10.30 -15.81
CA ILE A 255 -15.27 -9.98 -15.51
C ILE A 255 -15.46 -8.54 -15.98
N VAL A 256 -16.37 -8.32 -16.93
CA VAL A 256 -16.60 -6.98 -17.49
C VAL A 256 -17.96 -6.31 -17.12
N GLY A 257 -17.97 -5.59 -16.00
CA GLY A 257 -19.18 -4.92 -15.57
C GLY A 257 -19.12 -4.36 -14.16
N LEU A 258 -20.28 -4.26 -13.53
CA LEU A 258 -20.45 -3.76 -12.17
C LEU A 258 -19.18 -3.43 -11.36
N ALA A 259 -18.23 -4.36 -11.33
CA ALA A 259 -16.99 -4.17 -10.60
C ALA A 259 -16.08 -3.13 -11.26
N PRO A 260 -15.35 -2.34 -10.45
CA PRO A 260 -14.44 -1.29 -10.91
C PRO A 260 -13.69 -1.60 -12.19
N GLU A 261 -12.64 -2.42 -12.07
CA GLU A 261 -11.81 -2.80 -13.21
C GLU A 261 -12.13 -4.24 -13.63
N THR A 262 -11.74 -4.58 -14.85
CA THR A 262 -11.97 -5.92 -15.42
C THR A 262 -11.14 -6.99 -14.68
N ARG A 263 -11.71 -7.61 -13.64
CA ARG A 263 -11.00 -8.64 -12.85
C ARG A 263 -10.59 -9.85 -13.68
N LYS A 264 -9.34 -10.31 -13.51
CA LYS A 264 -8.82 -11.46 -14.24
C LYS A 264 -8.56 -12.65 -13.33
N THR A 265 -8.84 -13.85 -13.82
CA THR A 265 -8.66 -15.06 -13.02
C THR A 265 -8.49 -16.31 -13.91
N VAL A 266 -9.02 -17.45 -13.47
CA VAL A 266 -8.90 -18.69 -14.24
C VAL A 266 -10.15 -19.55 -14.17
N VAL A 267 -10.49 -20.21 -15.26
CA VAL A 267 -11.66 -21.08 -15.26
C VAL A 267 -11.37 -22.48 -14.72
N THR A 268 -10.42 -22.60 -13.78
CA THR A 268 -10.09 -23.91 -13.21
C THR A 268 -11.29 -24.47 -12.42
N GLY A 269 -12.39 -24.70 -13.12
CA GLY A 269 -13.63 -25.20 -12.54
C GLY A 269 -14.65 -24.86 -13.61
N VAL A 270 -15.19 -25.88 -14.27
CA VAL A 270 -16.16 -25.64 -15.34
C VAL A 270 -17.33 -26.62 -15.37
N GLU A 271 -17.94 -26.93 -14.22
CA GLU A 271 -19.05 -27.87 -14.23
C GLU A 271 -20.16 -27.71 -15.29
N MET A 272 -21.39 -28.04 -14.90
CA MET A 272 -22.58 -27.96 -15.77
C MET A 272 -23.62 -28.97 -15.27
N HIS A 273 -24.70 -28.47 -14.69
CA HIS A 273 -25.75 -29.32 -14.14
C HIS A 273 -25.14 -30.23 -13.10
N ARG A 274 -23.98 -29.80 -12.59
CA ARG A 274 -23.20 -30.53 -11.59
C ARG A 274 -22.51 -31.71 -12.27
N LYS A 275 -22.50 -31.69 -13.60
CA LYS A 275 -21.91 -32.75 -14.40
C LYS A 275 -20.85 -32.21 -15.35
N THR A 276 -19.66 -31.95 -14.80
CA THR A 276 -18.55 -31.40 -15.57
C THR A 276 -18.64 -31.61 -17.07
N LEU A 277 -18.27 -30.56 -17.78
CA LEU A 277 -18.27 -30.56 -19.22
C LEU A 277 -16.88 -30.08 -19.62
N GLN A 278 -16.54 -30.30 -20.88
CA GLN A 278 -15.25 -29.91 -21.43
C GLN A 278 -15.10 -28.40 -21.46
N GLU A 279 -15.98 -27.78 -22.24
CA GLU A 279 -15.99 -26.35 -22.45
C GLU A 279 -17.41 -25.92 -22.86
N GLY A 280 -18.30 -25.75 -21.88
CA GLY A 280 -19.67 -25.36 -22.19
C GLY A 280 -19.82 -24.51 -23.44
N ILE A 281 -20.99 -24.54 -24.08
CA ILE A 281 -21.17 -23.73 -25.29
C ILE A 281 -22.43 -22.87 -25.34
N ALA A 282 -22.77 -22.46 -26.56
CA ALA A 282 -23.92 -21.61 -26.85
C ALA A 282 -25.16 -21.89 -26.01
N GLY A 283 -25.70 -20.83 -25.42
CA GLY A 283 -26.92 -20.91 -24.60
C GLY A 283 -27.00 -22.00 -23.54
N ASP A 284 -25.92 -22.73 -23.35
CA ASP A 284 -25.92 -23.78 -22.36
C ASP A 284 -25.69 -23.14 -20.99
N ASN A 285 -26.66 -23.30 -20.10
CA ASN A 285 -26.53 -22.73 -18.77
C ASN A 285 -25.35 -23.39 -18.03
N VAL A 286 -24.15 -23.03 -18.44
CA VAL A 286 -22.91 -23.57 -17.86
C VAL A 286 -22.70 -23.19 -16.39
N GLY A 287 -21.51 -23.43 -15.86
CA GLY A 287 -21.22 -23.08 -14.48
C GLY A 287 -19.78 -23.32 -14.12
N LEU A 288 -18.96 -22.26 -14.15
CA LEU A 288 -17.51 -22.33 -13.88
C LEU A 288 -16.91 -21.62 -12.65
N LEU A 289 -15.84 -22.22 -12.13
CA LEU A 289 -15.12 -21.68 -10.98
C LEU A 289 -14.02 -20.83 -11.57
N LEU A 290 -13.36 -20.05 -10.72
CA LEU A 290 -12.27 -19.22 -11.15
C LEU A 290 -11.25 -19.01 -10.04
N ARG A 291 -9.99 -19.07 -10.44
CA ARG A 291 -8.82 -18.95 -9.56
C ARG A 291 -8.49 -17.51 -9.19
N GLY A 292 -8.90 -17.09 -7.99
CA GLY A 292 -8.59 -15.73 -7.54
C GLY A 292 -9.75 -14.74 -7.57
N VAL A 293 -10.96 -15.27 -7.61
CA VAL A 293 -12.14 -14.44 -7.64
C VAL A 293 -13.21 -15.09 -6.79
N SER A 294 -13.27 -14.71 -5.52
CA SER A 294 -14.28 -15.28 -4.63
C SER A 294 -15.61 -14.65 -5.00
N ARG A 295 -16.58 -14.73 -4.10
CA ARG A 295 -17.88 -14.10 -4.35
C ARG A 295 -17.56 -12.58 -4.34
N GLU A 296 -16.71 -12.21 -3.39
CA GLU A 296 -16.21 -10.84 -3.16
C GLU A 296 -15.46 -10.30 -4.39
N GLU A 297 -15.50 -11.07 -5.47
CA GLU A 297 -14.81 -10.69 -6.69
C GLU A 297 -15.69 -10.87 -7.90
N VAL A 298 -16.96 -11.20 -7.65
CA VAL A 298 -17.90 -11.34 -8.76
C VAL A 298 -19.34 -11.54 -8.33
N GLU A 299 -20.20 -10.64 -8.83
CA GLU A 299 -21.62 -10.63 -8.54
C GLU A 299 -22.49 -10.63 -9.77
N ARG A 300 -23.68 -11.22 -9.61
CA ARG A 300 -24.67 -11.31 -10.67
C ARG A 300 -24.62 -10.01 -11.44
N GLY A 301 -24.40 -10.11 -12.74
CA GLY A 301 -24.32 -8.90 -13.51
C GLY A 301 -23.19 -8.83 -14.52
N GLN A 302 -21.92 -8.73 -14.10
CA GLN A 302 -20.81 -8.61 -15.07
C GLN A 302 -20.88 -9.63 -16.20
N VAL A 303 -19.86 -9.59 -17.04
CA VAL A 303 -19.78 -10.57 -18.10
C VAL A 303 -18.39 -11.19 -18.04
N LEU A 304 -18.35 -12.43 -17.55
CA LEU A 304 -17.12 -13.16 -17.50
C LEU A 304 -16.82 -13.22 -18.96
N ALA A 305 -15.72 -12.57 -19.31
CA ALA A 305 -15.32 -12.51 -20.69
C ALA A 305 -13.82 -12.39 -20.79
N LYS A 306 -13.25 -13.41 -21.43
CA LYS A 306 -11.84 -13.53 -21.68
C LYS A 306 -11.28 -12.13 -21.95
N PRO A 307 -9.99 -11.92 -21.63
CA PRO A 307 -9.34 -10.61 -21.84
C PRO A 307 -9.49 -10.00 -23.25
N GLY A 308 -10.33 -8.97 -23.38
CA GLY A 308 -10.48 -8.34 -24.69
C GLY A 308 -11.87 -8.31 -25.29
N SER A 309 -12.81 -9.05 -24.72
CA SER A 309 -14.20 -9.03 -25.23
C SER A 309 -14.85 -7.63 -24.94
N ILE A 310 -15.95 -7.30 -25.63
CA ILE A 310 -16.62 -6.01 -25.47
C ILE A 310 -16.60 -5.36 -24.08
N THR A 311 -15.93 -4.21 -24.10
CA THR A 311 -15.66 -3.32 -22.98
C THR A 311 -16.76 -2.81 -22.07
N PRO A 312 -16.35 -2.19 -20.94
CA PRO A 312 -17.21 -1.60 -19.93
C PRO A 312 -17.44 -0.10 -20.25
N HIS A 313 -18.66 0.39 -20.02
CA HIS A 313 -19.00 1.78 -20.27
C HIS A 313 -19.94 2.40 -19.24
N THR A 314 -19.85 3.71 -19.09
CA THR A 314 -20.66 4.45 -18.15
C THR A 314 -21.61 5.31 -18.97
N LYS A 315 -21.08 5.95 -20.00
CA LYS A 315 -21.85 6.81 -20.90
C LYS A 315 -22.43 5.97 -22.03
N PHE A 316 -22.68 6.57 -23.19
CA PHE A 316 -23.20 5.87 -24.38
C PHE A 316 -24.42 6.51 -24.98
N GLU A 317 -24.80 6.02 -26.17
CA GLU A 317 -25.95 6.56 -26.92
C GLU A 317 -26.91 5.43 -27.20
N ALA A 318 -28.11 5.73 -27.71
CA ALA A 318 -29.04 4.64 -27.97
C ALA A 318 -30.31 5.03 -28.69
N SER A 319 -30.87 4.09 -29.45
CA SER A 319 -32.14 4.33 -30.15
C SER A 319 -33.17 3.65 -29.29
N VAL A 320 -34.16 4.43 -28.90
CA VAL A 320 -35.16 3.90 -28.02
C VAL A 320 -36.59 4.05 -28.50
N TYR A 321 -37.43 3.12 -28.06
CA TYR A 321 -38.85 3.17 -28.36
C TYR A 321 -39.53 3.19 -27.01
N ILE A 322 -40.20 4.28 -26.69
CA ILE A 322 -40.87 4.34 -25.41
C ILE A 322 -42.26 3.76 -25.66
N LEU A 323 -42.62 2.74 -24.90
CA LEU A 323 -43.95 2.16 -25.09
C LEU A 323 -45.00 3.16 -24.67
N LYS A 324 -46.15 3.06 -25.34
CA LYS A 324 -47.32 3.88 -25.08
C LYS A 324 -47.91 3.35 -23.79
N LYS A 325 -48.81 4.12 -23.17
CA LYS A 325 -49.41 3.63 -21.93
C LYS A 325 -50.17 2.40 -22.32
N GLU A 326 -50.71 2.47 -23.53
CA GLU A 326 -51.48 1.40 -24.10
C GLU A 326 -50.73 0.07 -24.06
N GLU A 327 -49.42 0.14 -23.94
CA GLU A 327 -48.62 -1.08 -23.91
C GLU A 327 -48.01 -1.36 -22.54
N GLY A 328 -48.56 -0.72 -21.51
CA GLY A 328 -48.06 -0.89 -20.15
C GLY A 328 -46.94 0.07 -19.83
N GLY A 329 -46.67 0.99 -20.77
CA GLY A 329 -45.61 1.97 -20.61
C GLY A 329 -46.10 3.09 -19.73
N ARG A 330 -45.39 4.21 -19.69
CA ARG A 330 -45.87 5.31 -18.84
C ARG A 330 -46.93 6.15 -19.55
N HIS A 331 -47.61 7.03 -18.81
CA HIS A 331 -48.65 7.87 -19.40
C HIS A 331 -48.24 9.33 -19.41
N THR A 332 -47.09 9.64 -18.81
CA THR A 332 -46.62 11.03 -18.82
C THR A 332 -45.21 11.04 -19.45
N GLY A 333 -44.93 12.02 -20.31
CA GLY A 333 -43.61 12.10 -20.90
C GLY A 333 -42.62 12.42 -19.79
N PHE A 334 -41.35 12.55 -20.12
CA PHE A 334 -40.34 12.82 -19.11
C PHE A 334 -39.28 13.53 -19.85
N PHE A 335 -38.35 14.17 -19.15
CA PHE A 335 -37.29 14.86 -19.87
C PHE A 335 -36.04 14.58 -19.16
N THR A 336 -35.00 15.22 -19.65
CA THR A 336 -33.68 15.08 -19.06
C THR A 336 -33.75 15.09 -17.53
N GLY A 337 -32.84 14.31 -16.94
CA GLY A 337 -32.74 14.17 -15.49
C GLY A 337 -33.41 12.89 -15.05
N TYR A 338 -34.06 12.23 -16.01
CA TYR A 338 -34.77 10.99 -15.75
C TYR A 338 -33.79 9.85 -15.52
N ARG A 339 -33.89 9.24 -14.34
CA ARG A 339 -33.00 8.15 -13.95
C ARG A 339 -33.75 6.84 -13.72
N PRO A 340 -34.08 6.12 -14.81
CA PRO A 340 -34.79 4.84 -14.80
C PRO A 340 -33.72 3.77 -14.88
N GLN A 341 -33.85 2.67 -14.15
CA GLN A 341 -32.79 1.68 -14.28
C GLN A 341 -32.89 0.98 -15.65
N PHE A 342 -31.74 0.73 -16.25
CA PHE A 342 -31.68 0.05 -17.53
C PHE A 342 -31.30 -1.42 -17.33
N TYR A 343 -31.99 -2.30 -18.05
CA TYR A 343 -31.75 -3.71 -17.92
C TYR A 343 -30.88 -4.25 -19.05
N PHE A 344 -29.80 -4.90 -18.66
CA PHE A 344 -28.85 -5.49 -19.59
C PHE A 344 -28.65 -6.98 -19.26
N ARG A 345 -29.47 -7.80 -19.93
CA ARG A 345 -29.45 -9.24 -19.75
C ARG A 345 -29.45 -9.64 -18.26
N THR A 346 -28.27 -9.72 -17.66
CA THR A 346 -28.13 -10.10 -16.25
C THR A 346 -28.74 -9.06 -15.28
N THR A 347 -27.91 -8.13 -14.82
CA THR A 347 -28.31 -7.10 -13.86
C THR A 347 -29.01 -5.94 -14.53
N ASP A 348 -29.43 -4.97 -13.71
CA ASP A 348 -30.11 -3.74 -14.15
C ASP A 348 -29.49 -2.52 -13.43
N VAL A 349 -29.13 -1.49 -14.19
CA VAL A 349 -28.57 -0.28 -13.57
C VAL A 349 -29.19 1.05 -13.95
N THR A 350 -29.43 1.86 -12.92
CA THR A 350 -30.04 3.15 -13.17
C THR A 350 -29.10 4.05 -13.98
N GLY A 351 -29.67 4.76 -14.94
CA GLY A 351 -28.90 5.66 -15.77
C GLY A 351 -29.61 7.00 -15.88
N VAL A 352 -28.84 8.07 -15.96
CA VAL A 352 -29.36 9.43 -16.05
C VAL A 352 -29.58 9.89 -17.48
N VAL A 353 -30.79 9.75 -18.01
CA VAL A 353 -31.06 10.17 -19.38
C VAL A 353 -30.78 11.64 -19.64
N ARG A 354 -30.13 11.94 -20.75
CA ARG A 354 -29.88 13.33 -21.08
C ARG A 354 -30.24 13.41 -22.53
N LEU A 355 -31.45 13.89 -22.77
CA LEU A 355 -31.99 14.04 -24.10
C LEU A 355 -31.05 14.76 -25.02
N PRO A 356 -31.17 14.51 -26.34
CA PRO A 356 -30.38 15.09 -27.43
C PRO A 356 -30.62 16.58 -27.47
N GLN A 357 -29.63 17.31 -27.96
CA GLN A 357 -29.72 18.76 -28.05
C GLN A 357 -30.79 19.21 -29.06
N GLY A 358 -31.84 18.40 -29.20
CA GLY A 358 -32.90 18.71 -30.12
C GLY A 358 -34.24 18.53 -29.45
N VAL A 359 -34.50 17.32 -28.95
CA VAL A 359 -35.76 17.02 -28.29
C VAL A 359 -35.80 17.64 -26.91
N GLU A 360 -37.03 17.91 -26.45
CA GLU A 360 -37.29 18.56 -25.16
C GLU A 360 -38.10 17.69 -24.19
N MET A 361 -39.07 16.94 -24.72
CA MET A 361 -39.90 16.09 -23.87
C MET A 361 -40.39 14.77 -24.44
N VAL A 362 -39.73 13.70 -24.07
CA VAL A 362 -40.11 12.39 -24.58
C VAL A 362 -41.50 12.03 -24.09
N MET A 363 -42.27 11.41 -24.98
CA MET A 363 -43.63 11.06 -24.66
C MET A 363 -43.99 9.64 -24.96
N PRO A 364 -45.00 9.10 -24.27
CA PRO A 364 -45.44 7.72 -24.50
C PRO A 364 -45.80 7.57 -25.97
N GLY A 365 -45.40 6.47 -26.58
CA GLY A 365 -45.70 6.32 -27.98
C GLY A 365 -44.49 6.78 -28.75
N ASP A 366 -43.88 7.90 -28.32
CA ASP A 366 -42.71 8.40 -29.03
C ASP A 366 -41.61 7.35 -29.18
N ASN A 367 -40.95 7.42 -30.32
CA ASN A 367 -39.86 6.52 -30.62
C ASN A 367 -38.73 7.52 -30.83
N VAL A 368 -37.66 7.42 -30.05
CA VAL A 368 -36.61 8.42 -30.21
C VAL A 368 -35.19 7.93 -30.12
N THR A 369 -34.28 8.87 -29.88
CA THR A 369 -32.85 8.62 -29.72
C THR A 369 -32.44 9.51 -28.54
N PHE A 370 -31.25 9.26 -27.96
CA PHE A 370 -30.72 10.06 -26.85
C PHE A 370 -29.56 9.44 -26.09
N THR A 371 -29.06 10.16 -25.09
CA THR A 371 -27.92 9.67 -24.33
C THR A 371 -28.28 9.14 -22.96
N VAL A 372 -27.34 8.41 -22.35
CA VAL A 372 -27.53 7.82 -21.03
C VAL A 372 -26.21 7.86 -20.32
N GLU A 373 -26.23 7.67 -19.02
CA GLU A 373 -25.01 7.71 -18.25
C GLU A 373 -25.25 6.87 -17.02
N LEU A 374 -24.98 5.57 -17.15
CA LEU A 374 -25.14 4.62 -16.06
C LEU A 374 -24.36 4.99 -14.80
N ILE A 375 -24.99 4.69 -13.67
CA ILE A 375 -24.45 4.95 -12.35
C ILE A 375 -23.25 4.07 -12.05
N LYS A 376 -23.06 3.07 -12.90
CA LYS A 376 -21.97 2.09 -12.75
C LYS A 376 -21.40 1.77 -14.13
N PRO A 377 -20.48 0.79 -14.21
CA PRO A 377 -19.91 0.44 -15.52
C PRO A 377 -20.63 -0.76 -16.17
N VAL A 378 -20.50 -0.94 -17.48
CA VAL A 378 -21.17 -2.08 -18.14
C VAL A 378 -20.67 -2.57 -19.53
N ALA A 379 -21.02 -3.80 -19.90
CA ALA A 379 -20.56 -4.32 -21.19
C ALA A 379 -21.41 -3.84 -22.38
N LEU A 380 -20.90 -2.84 -23.09
CA LEU A 380 -21.65 -2.30 -24.22
C LEU A 380 -21.13 -2.65 -25.60
N GLU A 381 -22.04 -2.62 -26.57
CA GLU A 381 -21.71 -2.92 -27.96
C GLU A 381 -22.81 -2.40 -28.85
N GLU A 382 -22.47 -1.50 -29.76
CA GLU A 382 -23.46 -0.94 -30.68
C GLU A 382 -24.38 -2.01 -31.30
N GLY A 383 -25.66 -1.98 -30.93
CA GLY A 383 -26.59 -2.97 -31.46
C GLY A 383 -27.07 -3.85 -30.33
N LEU A 384 -26.44 -3.67 -29.17
CA LEU A 384 -26.73 -4.39 -27.94
C LEU A 384 -28.11 -3.96 -27.43
N ARG A 385 -29.18 -4.52 -28.01
CA ARG A 385 -30.54 -4.18 -27.61
C ARG A 385 -30.75 -4.32 -26.09
N PHE A 386 -31.45 -3.36 -25.49
CA PHE A 386 -31.72 -3.33 -24.04
C PHE A 386 -33.12 -2.82 -23.66
N ALA A 387 -33.58 -3.18 -22.46
CA ALA A 387 -34.90 -2.76 -21.98
C ALA A 387 -34.84 -1.72 -20.84
N ILE A 388 -35.96 -1.00 -20.65
CA ILE A 388 -36.10 0.04 -19.62
C ILE A 388 -37.35 -0.06 -18.75
N ARG A 389 -37.12 -0.02 -17.45
CA ARG A 389 -38.22 -0.09 -16.50
C ARG A 389 -37.88 0.79 -15.32
N GLU A 390 -38.88 1.56 -14.92
CA GLU A 390 -38.75 2.47 -13.82
C GLU A 390 -39.96 2.30 -12.92
N GLY A 391 -39.73 2.50 -11.63
CA GLY A 391 -40.74 2.34 -10.61
C GLY A 391 -41.94 1.58 -11.10
N GLY A 392 -42.10 0.34 -10.68
CA GLY A 392 -43.28 -0.38 -11.11
C GLY A 392 -43.34 -1.01 -12.50
N ARG A 393 -43.04 -0.28 -13.58
CA ARG A 393 -43.14 -0.98 -14.85
C ARG A 393 -42.15 -0.66 -15.94
N THR A 394 -42.38 -1.34 -17.05
CA THR A 394 -41.55 -1.20 -18.24
C THR A 394 -41.98 0.06 -18.95
N VAL A 395 -41.04 0.79 -19.51
CA VAL A 395 -41.39 2.02 -20.19
C VAL A 395 -41.07 2.05 -21.66
N GLY A 396 -39.93 1.48 -22.05
CA GLY A 396 -39.57 1.50 -23.44
C GLY A 396 -38.36 0.61 -23.66
N ALA A 397 -38.22 0.13 -24.89
CA ALA A 397 -37.11 -0.73 -25.29
C ALA A 397 -36.21 0.04 -26.26
N GLY A 398 -34.94 -0.37 -26.37
CA GLY A 398 -34.04 0.34 -27.26
C GLY A 398 -32.68 -0.30 -27.41
N VAL A 399 -31.92 0.16 -28.40
CA VAL A 399 -30.59 -0.40 -28.68
C VAL A 399 -29.44 0.57 -28.51
N VAL A 400 -28.25 0.06 -28.23
CA VAL A 400 -27.08 0.91 -28.04
C VAL A 400 -26.50 1.47 -29.33
N THR A 401 -27.20 2.45 -29.91
CA THR A 401 -26.78 3.10 -31.15
C THR A 401 -25.31 3.54 -31.25
N LYS A 402 -24.61 3.64 -30.14
CA LYS A 402 -23.23 4.12 -30.16
C LYS A 402 -22.61 3.89 -28.79
N ILE A 403 -21.56 4.66 -28.49
CA ILE A 403 -20.90 4.62 -27.19
C ILE A 403 -20.11 5.88 -26.98
N LEU A 404 -19.90 6.26 -25.73
CA LEU A 404 -19.20 7.50 -25.48
C LEU A 404 -18.12 7.46 -24.42
N GLU A 405 -18.04 6.39 -23.63
CA GLU A 405 -17.04 6.35 -22.56
C GLU A 405 -17.34 5.34 -21.45
P 2MG B 10 -23.26 22.34 3.95
OP1 2MG B 10 -22.75 23.62 3.39
OP2 2MG B 10 -24.05 21.43 3.07
O5' 2MG B 10 -22.03 21.52 4.55
C5' 2MG B 10 -20.84 21.23 3.76
C4' 2MG B 10 -19.64 21.13 4.68
O4' 2MG B 10 -19.28 22.45 5.14
C3' 2MG B 10 -19.91 20.32 5.95
O3' 2MG B 10 -19.70 18.90 5.78
C2' 2MG B 10 -18.95 20.95 6.96
O2' 2MG B 10 -17.65 20.44 6.86
C1' 2MG B 10 -18.94 22.41 6.51
N9 2MG B 10 -19.91 23.24 7.24
C8 2MG B 10 -20.95 23.97 6.73
N7 2MG B 10 -21.63 24.62 7.64
C5 2MG B 10 -20.98 24.30 8.82
C6 2MG B 10 -21.25 24.69 10.15
O6 2MG B 10 -22.15 25.45 10.55
N1 2MG B 10 -20.36 24.12 11.05
C2 2MG B 10 -19.33 23.27 10.72
N2 2MG B 10 -18.54 22.81 11.71
CM2 2MG B 10 -18.65 23.25 13.09
N3 2MG B 10 -19.08 22.89 9.48
C4 2MG B 10 -19.93 23.44 8.60
P H2U B 16 -41.84 16.16 14.80
OP1 H2U B 16 -42.94 16.04 15.79
OP2 H2U B 16 -41.10 14.93 14.39
O5' H2U B 16 -42.42 16.84 13.48
C5' H2U B 16 -43.27 18.01 13.54
C4' H2U B 16 -44.08 18.13 12.25
O4' H2U B 16 -43.20 18.48 11.14
C3' H2U B 16 -44.71 16.81 11.86
O3' H2U B 16 -45.91 17.00 11.15
C1' H2U B 16 -43.10 17.40 10.23
C2' H2U B 16 -43.65 16.18 10.97
O2' H2U B 16 -44.12 15.16 10.11
N1 H2U B 16 -41.67 17.25 9.87
C2 H2U B 16 -41.21 17.61 8.65
O2 H2U B 16 -41.64 18.54 7.99
N3 H2U B 16 -40.13 16.90 8.20
C4 H2U B 16 -39.40 15.97 8.91
O4 H2U B 16 -38.30 15.59 8.51
C5 H2U B 16 -40.01 15.53 10.19
C6 H2U B 16 -40.73 16.68 10.84
P H2U B 17 -46.96 15.79 11.04
OP1 H2U B 17 -48.29 16.43 11.12
OP2 H2U B 17 -46.57 14.74 12.05
O5' H2U B 17 -46.74 15.22 9.57
C5' H2U B 17 -47.23 13.91 9.17
C4' H2U B 17 -48.39 14.05 8.20
O4' H2U B 17 -49.60 14.44 8.93
C3' H2U B 17 -48.24 15.13 7.12
O3' H2U B 17 -48.99 14.65 5.99
C1' H2U B 17 -49.97 15.76 8.55
C2' H2U B 17 -48.73 16.35 7.88
O2' H2U B 17 -48.92 17.53 7.15
N1 H2U B 17 -50.55 16.47 9.73
C2 H2U B 17 -50.69 17.84 9.71
O2 H2U B 17 -49.75 18.63 9.67
N3 H2U B 17 -51.99 18.28 9.86
C4 H2U B 17 -53.08 17.56 10.34
O4 H2U B 17 -54.11 18.15 10.70
C5 H2U B 17 -52.89 16.07 10.43
C6 H2U B 17 -51.43 15.71 10.65
P M2G B 26 -17.23 27.78 17.98
OP1 M2G B 26 -16.63 28.45 19.17
OP2 M2G B 26 -18.40 28.41 17.30
O5' M2G B 26 -16.08 27.57 16.91
C5' M2G B 26 -16.16 28.14 15.62
C4' M2G B 26 -16.24 27.06 14.58
O4' M2G B 26 -17.51 26.36 14.67
C3' M2G B 26 -16.21 27.62 13.18
O3' M2G B 26 -14.87 27.80 12.82
C2' M2G B 26 -16.95 26.56 12.37
O2' M2G B 26 -16.13 25.46 12.08
C1' M2G B 26 -18.02 26.11 13.37
N9 M2G B 26 -19.28 26.85 13.23
C8 M2G B 26 -20.14 27.23 14.23
N7 M2G B 26 -21.18 27.89 13.80
C5 M2G B 26 -21.01 27.94 12.43
C6 M2G B 26 -21.82 28.53 11.41
O6 M2G B 26 -22.89 29.13 11.55
N1 M2G B 26 -21.27 28.36 10.15
C2 M2G B 26 -20.08 27.70 9.88
N2 M2G B 26 -19.68 27.64 8.57
N3 M2G B 26 -19.32 27.15 10.81
C4 M2G B 26 -19.85 27.30 12.05
CM1 M2G B 26 -20.32 28.48 7.56
CM2 M2G B 26 -18.62 26.73 8.17
N1 OMC B 32 -13.85 44.77 21.36
C2 OMC B 32 -13.18 43.54 21.27
N3 OMC B 32 -12.97 42.99 20.05
C4 OMC B 32 -13.41 43.60 18.95
C5 OMC B 32 -14.11 44.84 19.02
C6 OMC B 32 -14.31 45.38 20.23
O2 OMC B 32 -12.77 43.00 22.32
N4 OMC B 32 -13.20 43.03 17.78
C1' OMC B 32 -14.06 45.38 22.69
C2' OMC B 32 -12.78 46.11 23.13
O2' OMC B 32 -12.67 46.11 24.55
CM2 OMC B 32 -11.93 44.96 24.95
C3' OMC B 32 -13.02 47.50 22.55
C4' OMC B 32 -14.53 47.68 22.73
O4' OMC B 32 -15.09 46.35 22.58
O3' OMC B 32 -12.23 48.51 23.16
C5' OMC B 32 -15.15 48.61 21.71
O5' OMC B 32 -14.59 48.35 20.41
P OMC B 32 -14.91 49.32 19.19
OP1 OMC B 32 -14.81 50.70 19.71
OP2 OMC B 32 -14.15 48.95 17.95
P OMG B 34 -5.65 48.25 22.54
OP1 OMG B 34 -4.43 48.68 23.30
OP2 OMG B 34 -6.83 49.17 22.42
O5' OMG B 34 -5.21 47.81 21.08
C5' OMG B 34 -5.01 48.79 20.08
C4' OMG B 34 -4.03 48.27 19.06
O4' OMG B 34 -2.73 48.13 19.67
C3' OMG B 34 -4.37 46.89 18.53
O3' OMG B 34 -5.33 46.95 17.48
C2' OMG B 34 -3.03 46.32 18.13
O2' OMG B 34 -2.69 46.73 16.82
CM2 OMG B 34 -1.37 46.28 16.50
C1' OMG B 34 -2.11 46.93 19.21
N9 OMG B 34 -1.91 46.06 20.39
C8 OMG B 34 -2.31 46.29 21.70
N7 OMG B 34 -2.00 45.33 22.52
C5 OMG B 34 -1.36 44.40 21.71
C6 OMG B 34 -0.82 43.14 22.02
O6 OMG B 34 -0.81 42.57 23.11
N1 OMG B 34 -0.26 42.54 20.89
C2 OMG B 34 -0.24 43.07 19.63
N2 OMG B 34 0.35 42.36 18.69
N3 OMG B 34 -0.75 44.24 19.32
C4 OMG B 34 -1.29 44.85 20.39
N1 YG B 37 -9.76 37.98 25.39
N2 YG B 37 -9.64 36.39 27.00
C2 YG B 37 -9.31 36.75 25.75
N3 YG B 37 -8.68 35.92 24.96
C3 YG B 37 -8.06 34.69 25.44
C4 YG B 37 -8.64 36.37 23.68
C5 YG B 37 -9.05 37.60 23.20
C6 YG B 37 -9.67 38.52 24.11
O6 YG B 37 -10.10 39.67 23.90
N7 YG B 37 -8.78 37.71 21.84
C8 YG B 37 -8.27 36.55 21.51
N9 YG B 37 -8.21 35.67 22.57
C10 YG B 37 -11.12 37.46 28.67
C11 YG B 37 -10.41 37.44 27.41
C12 YG B 37 -10.41 38.53 26.47
C13 YG B 37 -10.88 39.95 26.77
C14 YG B 37 -9.60 40.75 26.98
C15 YG B 37 -9.71 42.02 27.88
C16 YG B 37 -8.23 42.28 28.08
O17 YG B 37 -7.68 41.87 29.12
O18 YG B 37 -7.53 42.89 27.21
C19 YG B 37 -7.40 42.36 25.90
N20 YG B 37 -10.33 41.69 29.27
C21 YG B 37 -11.26 42.50 29.99
O22 YG B 37 -11.14 43.72 30.04
O23 YG B 37 -12.26 41.96 30.59
C24 YG B 37 -13.25 41.21 29.85
C1' YG B 37 -7.87 34.24 22.52
C2' YG B 37 -9.13 33.41 22.83
O2' YG B 37 -8.85 32.18 23.48
C3' YG B 37 -9.69 33.17 21.42
O3' YG B 37 -10.49 32.02 21.42
C4' YG B 37 -8.43 32.98 20.61
O4' YG B 37 -7.48 33.92 21.19
C5' YG B 37 -8.58 33.24 19.14
O5' YG B 37 -9.19 34.50 18.94
P YG B 37 -8.93 35.33 17.62
OP1 YG B 37 -9.27 34.51 16.42
OP2 YG B 37 -9.60 36.63 17.83
N1 PSU B 39 -15.44 37.09 21.88
C2 PSU B 39 -15.60 38.21 21.11
N3 PSU B 39 -16.43 39.15 21.64
C4 PSU B 39 -17.08 39.11 22.85
C5 PSU B 39 -16.82 37.94 23.60
C6 PSU B 39 -16.05 36.98 23.10
O2 PSU B 39 -15.05 38.37 20.03
O4 PSU B 39 -17.82 40.05 23.19
C1' PSU B 39 -17.40 37.84 24.96
C2' PSU B 39 -18.92 37.68 24.98
O2' PSU B 39 -19.41 38.42 26.06
C3' PSU B 39 -19.06 36.18 25.18
C4' PSU B 39 -17.90 35.86 26.10
O3' PSU B 39 -20.25 35.80 25.82
O4' PSU B 39 -16.84 36.76 25.68
C5' PSU B 39 -17.45 34.42 26.01
O5' PSU B 39 -17.33 34.01 24.63
P PSU B 39 -16.63 32.64 24.25
OP1 PSU B 39 -17.47 31.57 24.82
OP2 PSU B 39 -16.34 32.66 22.76
P 5MC B 40 -21.61 35.70 24.97
OP1 5MC B 40 -22.63 35.21 25.95
OP2 5MC B 40 -21.39 34.94 23.69
O5' 5MC B 40 -21.89 37.21 24.55
C5' 5MC B 40 -22.31 38.21 25.52
C4' 5MC B 40 -22.67 39.49 24.78
O4' 5MC B 40 -21.47 40.08 24.23
C3' 5MC B 40 -23.55 39.24 23.57
O3' 5MC B 40 -24.91 39.18 23.89
C2' 5MC B 40 -23.22 40.40 22.64
O2' 5MC B 40 -23.95 41.54 22.97
C1' 5MC B 40 -21.74 40.60 22.94
N1 5MC B 40 -20.88 39.89 21.97
C2 5MC B 40 -20.44 40.57 20.82
O2 5MC B 40 -20.75 41.76 20.67
N3 5MC B 40 -19.67 39.90 19.91
C4 5MC B 40 -19.32 38.62 20.15
N4 5MC B 40 -18.56 38.00 19.22
C5 5MC B 40 -19.74 37.92 21.34
C6 5MC B 40 -20.54 38.59 22.19
CM5 5MC B 40 -19.29 36.53 21.68
P 7MG B 46 -27.45 26.89 0.40
OP1 7MG B 46 -26.96 26.22 -0.85
OP2 7MG B 46 -28.57 27.87 0.33
O5' 7MG B 46 -27.90 25.75 1.41
C5' 7MG B 46 -26.93 24.82 1.91
C4' 7MG B 46 -27.58 23.51 2.29
O4' 7MG B 46 -28.30 23.66 3.54
C3' 7MG B 46 -28.53 22.87 1.28
O3' 7MG B 46 -28.25 21.46 1.16
C2' 7MG B 46 -29.90 23.08 1.93
O2' 7MG B 46 -30.83 22.06 1.62
C1' 7MG B 46 -29.55 23.05 3.42
N9 7MG B 46 -30.48 23.78 4.29
C8 7MG B 46 -31.13 24.95 3.99
N7 7MG B 46 -31.94 25.32 4.94
C5 7MG B 46 -31.80 24.37 5.94
C6 7MG B 46 -32.43 24.28 7.20
O6 7MG B 46 -33.23 25.06 7.74
N1 7MG B 46 -32.03 23.15 7.88
C2 7MG B 46 -31.12 22.26 7.43
N2 7MG B 46 -30.87 21.26 8.27
N3 7MG B 46 -30.49 22.33 6.27
C4 7MG B 46 -30.90 23.41 5.57
CM7 7MG B 46 -32.82 26.51 4.93
P 5MC B 49 -32.77 13.91 2.70
OP1 5MC B 49 -34.14 13.33 2.45
OP2 5MC B 49 -31.84 13.24 3.65
O5' 5MC B 49 -32.04 13.92 1.29
C5' 5MC B 49 -30.75 14.52 1.19
C4' 5MC B 49 -29.94 13.80 0.16
O4' 5MC B 49 -29.63 12.47 0.64
C3' 5MC B 49 -30.70 13.58 -1.14
O3' 5MC B 49 -30.75 14.73 -1.97
C2' 5MC B 49 -29.99 12.36 -1.73
O2' 5MC B 49 -28.82 12.67 -2.44
C1' 5MC B 49 -29.66 11.55 -0.46
N1 5MC B 49 -30.70 10.52 -0.19
C2 5MC B 49 -30.97 9.59 -1.20
O2 5MC B 49 -30.33 9.63 -2.25
N3 5MC B 49 -31.93 8.66 -1.00
C4 5MC B 49 -32.61 8.64 0.15
N4 5MC B 49 -33.57 7.72 0.30
C5 5MC B 49 -32.35 9.58 1.19
C6 5MC B 49 -31.39 10.49 0.98
CM5 5MC B 49 -33.11 9.53 2.47
N1 5MU B 54 -48.78 12.58 -7.75
C2 5MU B 54 -48.25 13.13 -6.60
N3 5MU B 54 -47.21 14.00 -6.79
C4 5MU B 54 -46.65 14.37 -8.01
C5 5MU B 54 -47.25 13.70 -9.18
C5M 5MU B 54 -46.70 13.98 -10.54
C6 5MU B 54 -48.26 12.87 -8.99
O2 5MU B 54 -48.66 12.86 -5.46
O4 5MU B 54 -45.75 15.21 -8.03
C1' 5MU B 54 -49.92 11.69 -7.65
C2' 5MU B 54 -51.26 12.44 -7.72
O2' 5MU B 54 -52.26 11.80 -6.95
C3' 5MU B 54 -51.57 12.34 -9.20
C4' 5MU B 54 -51.05 10.96 -9.54
O3' 5MU B 54 -52.95 12.46 -9.46
O4' 5MU B 54 -49.87 10.80 -8.76
C5' 5MU B 54 -50.74 10.72 -10.98
O5' 5MU B 54 -49.84 11.68 -11.45
P 5MU B 54 -49.19 11.45 -12.89
OP1 5MU B 54 -50.23 11.00 -13.86
OP2 5MU B 54 -48.38 12.67 -13.20
N1 PSU B 55 -49.18 16.61 -9.60
C2 PSU B 55 -47.92 17.15 -9.37
N3 PSU B 55 -47.70 17.58 -8.09
C4 PSU B 55 -48.59 17.54 -7.04
C5 PSU B 55 -49.89 17.02 -7.37
C6 PSU B 55 -50.11 16.56 -8.61
O2 PSU B 55 -47.07 17.23 -10.24
O4 PSU B 55 -48.23 17.95 -5.94
C1' PSU B 55 -50.99 17.03 -6.36
C2' PSU B 55 -52.02 18.12 -6.71
O2' PSU B 55 -52.72 18.50 -5.54
C3' PSU B 55 -52.95 17.36 -7.64
C4' PSU B 55 -53.03 16.02 -6.91
O3' PSU B 55 -54.21 18.03 -7.73
O4' PSU B 55 -51.68 15.79 -6.45
C5' PSU B 55 -53.54 14.85 -7.69
O5' PSU B 55 -53.02 14.89 -9.01
P PSU B 55 -53.50 13.82 -10.09
OP1 PSU B 55 -54.99 13.79 -10.05
OP2 PSU B 55 -52.78 14.00 -11.40
P 1MA B 58 -44.32 19.69 -6.93
OP1 1MA B 58 -42.98 19.93 -7.54
OP2 1MA B 58 -45.31 18.82 -7.64
O5' 1MA B 58 -44.18 19.14 -5.44
C5' 1MA B 58 -43.77 20.05 -4.40
C4' 1MA B 58 -43.20 19.29 -3.22
O4' 1MA B 58 -44.18 18.36 -2.69
C3' 1MA B 58 -41.94 18.48 -3.46
O3' 1MA B 58 -41.26 18.53 -2.23
C2' 1MA B 58 -42.47 17.07 -3.64
O2' 1MA B 58 -41.57 16.03 -3.32
C1' 1MA B 58 -43.65 17.06 -2.67
N9 1MA B 58 -44.72 16.15 -3.04
C8 1MA B 58 -45.13 15.69 -4.30
N7 1MA B 58 -46.15 14.88 -4.24
C5 1MA B 58 -46.44 14.80 -2.88
C6 1MA B 58 -47.41 14.08 -2.17
N6 1MA B 58 -48.29 13.26 -2.76
N1 1MA B 58 -47.42 14.22 -0.82
CM1 1MA B 58 -48.40 13.51 0.00
C2 1MA B 58 -46.49 15.02 -0.23
N3 1MA B 58 -45.52 15.74 -0.80
C4 1MA B 58 -45.56 15.59 -2.14
N PHA B 77 -22.86 -25.70 -13.92
CA PHA B 77 -24.01 -24.94 -13.36
C PHA B 77 -24.49 -25.67 -12.10
O PHA B 77 -25.39 -26.49 -12.12
CB PHA B 77 -25.14 -24.80 -14.43
CG PHA B 77 -26.51 -24.51 -13.83
CD1 PHA B 77 -26.74 -23.33 -13.12
CD2 PHA B 77 -27.53 -25.45 -13.90
CE1 PHA B 77 -27.95 -23.08 -12.49
CE2 PHA B 77 -28.76 -25.22 -13.27
CZ PHA B 77 -28.97 -24.03 -12.56
N ILE C 6 3.21 -17.06 40.69
CA ILE C 6 3.36 -18.11 41.75
C ILE C 6 2.56 -17.76 43.00
N ARG C 7 1.23 -17.66 42.83
CA ARG C 7 0.25 -17.30 43.87
C ARG C 7 0.57 -17.60 45.36
N THR C 8 -0.03 -16.82 46.28
CA THR C 8 0.15 -17.00 47.73
C THR C 8 -0.51 -16.00 48.74
N LYS C 9 0.17 -14.89 49.08
CA LYS C 9 -0.29 -13.87 50.07
C LYS C 9 -1.04 -12.59 49.59
N PRO C 10 -1.37 -11.67 50.53
CA PRO C 10 -2.07 -10.40 50.23
C PRO C 10 -1.15 -9.32 49.59
N HIS C 11 -1.39 -8.99 48.31
CA HIS C 11 -0.60 -7.99 47.55
C HIS C 11 -1.14 -6.57 47.72
N VAL C 12 -0.64 -5.85 48.71
CA VAL C 12 -1.05 -4.48 48.99
C VAL C 12 -0.13 -3.55 48.16
N ASN C 13 -0.52 -2.27 47.97
CA ASN C 13 0.27 -1.31 47.18
C ASN C 13 0.76 -0.10 47.97
N VAL C 14 2.06 0.19 47.92
CA VAL C 14 2.58 1.33 48.65
C VAL C 14 3.82 1.94 48.05
N GLY C 15 4.43 2.83 48.84
CA GLY C 15 5.64 3.52 48.42
C GLY C 15 6.19 4.64 49.29
N THR C 16 7.37 5.11 48.88
CA THR C 16 8.15 6.18 49.51
C THR C 16 8.06 7.45 48.68
N ILE C 17 7.70 8.54 49.34
CA ILE C 17 7.58 9.82 48.66
C ILE C 17 8.06 10.89 49.61
N GLY C 18 9.06 11.63 49.18
CA GLY C 18 9.58 12.67 50.03
C GLY C 18 10.56 13.55 49.28
N HIS C 19 10.99 14.61 49.96
CA HIS C 19 11.93 15.56 49.41
C HIS C 19 13.06 14.86 48.68
N VAL C 20 13.87 15.62 47.99
CA VAL C 20 14.99 15.02 47.28
C VAL C 20 16.19 14.85 48.22
N ASP C 21 16.79 13.67 48.16
CA ASP C 21 17.97 13.31 48.95
C ASP C 21 17.72 12.95 50.40
N HIS C 22 16.47 12.91 50.82
CA HIS C 22 16.17 12.58 52.20
C HIS C 22 16.14 11.08 52.46
N GLY C 23 15.96 10.26 51.43
CA GLY C 23 15.97 8.82 51.67
C GLY C 23 15.07 7.86 50.91
N LYS C 24 14.02 8.34 50.26
CA LYS C 24 13.11 7.47 49.51
C LYS C 24 13.80 6.23 48.92
N THR C 25 14.83 6.44 48.08
CA THR C 25 15.57 5.36 47.42
C THR C 25 16.36 4.37 48.32
N THR C 26 16.98 4.85 49.39
CA THR C 26 17.75 3.97 50.29
C THR C 26 16.86 3.07 51.17
N LEU C 27 15.97 3.68 51.96
CA LEU C 27 15.05 2.96 52.84
C LEU C 27 14.19 2.03 52.00
N THR C 28 14.70 1.64 50.85
CA THR C 28 13.98 0.74 49.99
C THR C 28 14.66 -0.60 50.05
N ALA C 29 15.97 -0.61 49.84
CA ALA C 29 16.69 -1.87 49.95
C ALA C 29 16.41 -2.35 51.38
N ALA C 30 16.43 -1.42 52.33
CA ALA C 30 16.19 -1.70 53.75
C ALA C 30 14.78 -2.28 53.97
N LEU C 31 14.33 -3.04 52.98
CA LEU C 31 13.04 -3.69 53.02
C LEU C 31 13.27 -4.96 52.25
N THR C 32 14.01 -4.85 51.16
CA THR C 32 14.35 -6.03 50.38
C THR C 32 15.50 -6.76 51.08
N TYR C 33 15.77 -6.36 52.32
CA TYR C 33 16.81 -6.96 53.18
C TYR C 33 16.25 -7.25 54.55
N VAL C 34 15.84 -6.20 55.26
CA VAL C 34 15.26 -6.38 56.60
C VAL C 34 14.16 -7.46 56.70
N ALA C 35 13.30 -7.54 55.69
CA ALA C 35 12.22 -8.53 55.65
C ALA C 35 12.63 -9.58 54.64
N ALA C 36 13.82 -9.40 54.08
CA ALA C 36 14.39 -10.32 53.09
C ALA C 36 15.26 -11.31 53.82
N ALA C 37 15.70 -10.93 55.02
CA ALA C 37 16.53 -11.75 55.89
C ALA C 37 15.78 -13.03 56.24
N GLU C 38 14.74 -13.30 55.45
CA GLU C 38 13.89 -14.47 55.58
C GLU C 38 13.46 -14.79 54.15
N ASN C 39 12.22 -15.24 54.02
CA ASN C 39 11.62 -15.58 52.74
C ASN C 39 12.54 -15.43 51.53
N PRO C 40 12.71 -16.51 50.74
CA PRO C 40 13.55 -16.58 49.54
C PRO C 40 12.95 -15.71 48.46
N ASN C 41 11.73 -15.25 48.74
CA ASN C 41 10.99 -14.38 47.85
C ASN C 41 11.73 -13.04 47.95
N VAL C 42 11.82 -12.54 49.18
CA VAL C 42 12.49 -11.28 49.47
C VAL C 42 13.95 -11.35 48.97
N GLU C 43 14.16 -10.76 47.80
CA GLU C 43 15.44 -10.78 47.09
C GLU C 43 16.45 -9.61 47.24
N VAL C 44 17.39 -9.59 46.31
CA VAL C 44 18.49 -8.62 46.23
C VAL C 44 18.15 -7.28 45.55
N LYS C 45 17.56 -6.35 46.29
CA LYS C 45 17.25 -5.01 45.76
C LYS C 45 18.09 -3.97 46.50
N ASP C 46 19.32 -3.83 46.03
CA ASP C 46 20.28 -2.93 46.60
C ASP C 46 20.03 -1.51 46.08
N TYR C 47 20.78 -0.56 46.61
CA TYR C 47 20.68 0.86 46.22
C TYR C 47 20.89 1.00 44.71
N GLY C 48 22.16 1.21 44.32
CA GLY C 48 22.55 1.38 42.94
C GLY C 48 21.86 0.40 42.01
N ASP C 49 21.17 -0.55 42.63
CA ASP C 49 20.41 -1.57 41.92
C ASP C 49 19.29 -0.84 41.20
N ILE C 50 18.49 -0.13 42.00
CA ILE C 50 17.37 0.67 41.49
C ILE C 50 17.84 1.68 40.47
N ASP C 51 18.63 2.63 40.95
CA ASP C 51 19.18 3.71 40.14
C ASP C 51 20.06 3.26 38.97
N LYS C 52 19.66 2.14 38.36
CA LYS C 52 20.36 1.54 37.23
C LYS C 52 20.78 2.56 36.20
N ALA C 53 19.88 3.49 35.91
CA ALA C 53 20.14 4.52 34.93
C ALA C 53 21.54 5.08 35.07
N PRO C 54 22.23 5.23 33.94
CA PRO C 54 23.59 5.77 33.92
C PRO C 54 23.57 7.17 34.57
N GLU C 55 22.67 8.00 34.06
CA GLU C 55 22.50 9.35 34.57
C GLU C 55 22.07 9.39 36.04
N GLU C 56 21.03 8.63 36.39
CA GLU C 56 20.55 8.62 37.76
C GLU C 56 21.75 8.52 38.70
N ARG C 57 22.49 7.40 38.59
CA ARG C 57 23.65 7.20 39.44
C ARG C 57 24.73 8.23 39.15
N ALA C 58 24.65 8.85 37.98
CA ALA C 58 25.64 9.87 37.62
C ALA C 58 25.34 11.17 38.41
N ARG C 59 24.09 11.63 38.33
CA ARG C 59 23.66 12.83 39.05
C ARG C 59 23.53 12.57 40.55
N GLY C 60 23.16 11.36 40.92
CA GLY C 60 23.04 11.05 42.33
C GLY C 60 21.62 11.19 42.83
N ILE C 61 20.67 11.19 41.91
CA ILE C 61 19.26 11.31 42.26
C ILE C 61 18.35 10.42 41.44
N THR C 62 17.22 10.08 42.03
CA THR C 62 16.21 9.24 41.41
C THR C 62 15.43 10.17 40.52
N ILE C 63 15.42 9.87 39.23
CA ILE C 63 14.68 10.73 38.32
C ILE C 63 13.54 9.86 37.91
N ASN C 64 13.94 8.65 37.52
CA ASN C 64 13.03 7.66 37.05
C ASN C 64 12.36 6.87 38.14
N THR C 65 11.05 6.65 37.97
CA THR C 65 10.27 5.91 38.93
C THR C 65 10.83 4.50 39.06
N ALA C 66 10.82 3.97 40.28
CA ALA C 66 11.31 2.62 40.54
C ALA C 66 10.47 1.93 41.61
N HIS C 67 10.16 0.64 41.39
CA HIS C 67 9.35 -0.16 42.32
C HIS C 67 9.99 -1.51 42.63
N VAL C 68 10.17 -1.80 43.92
CA VAL C 68 10.77 -3.07 44.36
C VAL C 68 9.92 -3.73 45.44
N GLU C 69 9.25 -4.80 45.06
CA GLU C 69 8.38 -5.57 45.94
C GLU C 69 9.03 -6.07 47.23
N TYR C 70 8.25 -6.84 47.98
CA TYR C 70 8.67 -7.44 49.24
C TYR C 70 7.43 -7.69 50.11
N GLU C 71 7.56 -8.61 51.08
CA GLU C 71 6.46 -8.99 51.97
C GLU C 71 6.87 -9.09 53.44
N THR C 72 6.03 -8.55 54.32
CA THR C 72 6.29 -8.62 55.75
C THR C 72 6.18 -10.10 56.06
N ALA C 73 5.13 -10.41 56.78
CA ALA C 73 4.80 -11.76 57.15
C ALA C 73 3.39 -11.88 56.61
N LYS C 74 2.45 -11.21 57.28
CA LYS C 74 1.06 -11.25 56.87
C LYS C 74 0.77 -10.83 55.42
N ARG C 75 1.07 -9.59 55.09
CA ARG C 75 0.80 -9.09 53.75
C ARG C 75 2.02 -8.93 52.87
N HIS C 76 1.80 -9.12 51.57
CA HIS C 76 2.82 -8.98 50.54
C HIS C 76 2.67 -7.53 50.08
N TYR C 77 3.76 -6.91 49.64
CA TYR C 77 3.66 -5.53 49.23
C TYR C 77 4.16 -5.19 47.84
N SER C 78 3.65 -4.09 47.32
CA SER C 78 4.02 -3.54 46.00
C SER C 78 4.43 -2.10 46.30
N HIS C 79 5.66 -1.97 46.80
CA HIS C 79 6.24 -0.69 47.19
C HIS C 79 7.04 -0.01 46.09
N VAL C 80 6.63 1.24 45.79
CA VAL C 80 7.26 2.05 44.74
C VAL C 80 8.12 3.23 45.26
N ASP C 81 9.23 3.46 44.59
CA ASP C 81 10.16 4.50 44.98
C ASP C 81 10.07 5.74 44.10
N CYS C 82 9.62 6.84 44.69
CA CYS C 82 9.42 8.11 43.97
C CYS C 82 10.62 9.07 43.94
N PRO C 83 10.76 9.87 42.86
CA PRO C 83 11.90 10.79 42.82
C PRO C 83 11.52 12.01 43.63
N GLY C 84 12.52 12.75 44.11
CA GLY C 84 12.27 13.93 44.93
C GLY C 84 12.50 15.28 44.25
N HIS C 85 13.40 15.32 43.27
CA HIS C 85 13.72 16.57 42.57
C HIS C 85 12.49 17.20 42.00
N ALA C 86 12.39 18.51 42.21
CA ALA C 86 11.26 19.24 41.71
C ALA C 86 11.11 18.93 40.23
N ASP C 87 12.22 18.93 39.50
CA ASP C 87 12.15 18.64 38.07
C ASP C 87 11.34 17.41 37.66
N TYR C 88 11.16 16.45 38.56
CA TYR C 88 10.52 15.22 38.14
C TYR C 88 9.23 14.77 38.80
N ILE C 89 8.50 15.73 39.38
CA ILE C 89 7.25 15.37 40.01
C ILE C 89 6.37 14.53 39.08
N LYS C 90 6.26 14.93 37.82
CA LYS C 90 5.42 14.18 36.89
C LYS C 90 5.52 12.69 37.17
N ASN C 91 6.74 12.16 37.07
CA ASN C 91 6.99 10.74 37.33
C ASN C 91 6.42 10.45 38.68
N MET C 92 7.00 11.10 39.69
CA MET C 92 6.54 10.94 41.07
C MET C 92 5.03 10.81 41.09
N ILE C 93 4.32 11.84 40.64
CA ILE C 93 2.85 11.79 40.60
C ILE C 93 2.34 10.44 40.11
N THR C 94 2.66 10.13 38.86
CA THR C 94 2.26 8.88 38.22
C THR C 94 2.23 7.77 39.27
N GLY C 95 3.41 7.38 39.74
CA GLY C 95 3.51 6.36 40.76
C GLY C 95 2.36 6.44 41.76
N ALA C 96 2.40 7.43 42.66
CA ALA C 96 1.39 7.62 43.69
C ALA C 96 -0.05 7.46 43.22
N ALA C 97 -0.20 7.15 41.94
CA ALA C 97 -1.51 6.91 41.33
C ALA C 97 -1.83 5.39 41.32
N GLN C 98 -0.88 4.57 40.86
CA GLN C 98 -1.09 3.13 40.86
C GLN C 98 -0.58 2.46 42.15
N MET C 99 -0.86 3.11 43.28
CA MET C 99 -0.49 2.65 44.62
C MET C 99 -1.58 3.11 45.60
N ASP C 100 -1.40 2.85 46.89
CA ASP C 100 -2.37 3.25 47.90
C ASP C 100 -1.80 3.15 49.32
N GLY C 101 -1.53 4.31 49.90
CA GLY C 101 -0.94 4.39 51.24
C GLY C 101 0.56 4.53 51.02
N ALA C 102 1.23 5.40 51.77
CA ALA C 102 2.67 5.55 51.60
C ALA C 102 3.51 6.01 52.78
N ILE C 103 4.81 5.78 52.63
CA ILE C 103 5.80 6.11 53.63
C ILE C 103 6.38 7.45 53.28
N LEU C 104 6.12 8.42 54.13
CA LEU C 104 6.62 9.76 53.92
C LEU C 104 8.08 9.80 54.33
N VAL C 105 8.97 9.56 53.38
CA VAL C 105 10.40 9.62 53.72
C VAL C 105 10.70 11.05 54.12
N VAL C 106 11.34 11.25 55.26
CA VAL C 106 11.61 12.62 55.71
C VAL C 106 12.95 12.72 56.47
N SER C 107 13.82 13.63 56.06
CA SER C 107 15.10 13.81 56.75
C SER C 107 14.85 14.29 58.16
N ALA C 108 15.50 13.65 59.13
CA ALA C 108 15.35 14.06 60.52
C ALA C 108 16.42 15.07 60.83
N ALA C 109 17.16 15.46 59.80
CA ALA C 109 18.23 16.41 59.97
C ALA C 109 17.97 17.67 59.17
N ASP C 110 16.94 17.64 58.35
CA ASP C 110 16.59 18.79 57.53
C ASP C 110 15.14 19.23 57.69
N GLY C 111 14.43 18.70 58.68
CA GLY C 111 13.05 19.08 58.87
C GLY C 111 12.26 18.92 57.57
N PRO C 112 11.08 19.54 57.45
CA PRO C 112 10.28 19.42 56.23
C PRO C 112 10.91 20.29 55.14
N MET C 113 10.53 20.07 53.89
CA MET C 113 11.10 20.86 52.80
C MET C 113 10.13 21.04 51.64
N PRO C 114 10.51 21.83 50.62
CA PRO C 114 9.68 22.09 49.44
C PRO C 114 8.88 20.85 48.95
N GLN C 115 9.58 19.77 48.63
CA GLN C 115 8.91 18.56 48.16
C GLN C 115 8.11 17.91 49.29
N THR C 116 8.66 17.95 50.51
CA THR C 116 7.95 17.40 51.65
C THR C 116 6.51 17.84 51.40
N ARG C 117 6.27 19.13 51.58
CA ARG C 117 4.97 19.73 51.36
C ARG C 117 4.44 19.26 50.02
N GLU C 118 4.92 19.88 48.94
CA GLU C 118 4.49 19.55 47.60
C GLU C 118 4.04 18.09 47.40
N HIS C 119 4.83 17.13 47.89
CA HIS C 119 4.48 15.72 47.74
C HIS C 119 3.26 15.34 48.58
N ILE C 120 3.30 15.63 49.87
CA ILE C 120 2.16 15.35 50.71
C ILE C 120 0.99 15.95 49.94
N LEU C 121 1.06 17.27 49.72
CA LEU C 121 0.03 18.01 48.97
C LEU C 121 -0.39 17.26 47.71
N LEU C 122 0.57 16.76 46.96
CA LEU C 122 0.22 16.03 45.78
C LEU C 122 -0.67 14.89 46.25
N ALA C 123 -0.17 14.17 47.27
CA ALA C 123 -0.87 13.04 47.89
C ALA C 123 -2.28 13.50 48.16
N ARG C 124 -2.38 14.51 49.01
CA ARG C 124 -3.66 15.09 49.33
C ARG C 124 -4.43 15.32 48.04
N GLN C 125 -3.80 15.99 47.07
CA GLN C 125 -4.46 16.28 45.81
C GLN C 125 -4.87 14.97 45.14
N VAL C 126 -3.91 14.10 44.90
CA VAL C 126 -4.21 12.82 44.26
C VAL C 126 -5.05 11.91 45.12
N GLY C 127 -5.53 12.45 46.25
CA GLY C 127 -6.38 11.71 47.16
C GLY C 127 -5.87 10.55 48.03
N VAL C 128 -4.61 10.13 47.84
CA VAL C 128 -4.01 9.01 48.60
C VAL C 128 -4.57 8.71 50.00
N PRO C 129 -4.90 7.41 50.27
CA PRO C 129 -5.47 6.89 51.53
C PRO C 129 -4.76 7.17 52.87
N TYR C 130 -3.60 6.55 53.12
CA TYR C 130 -2.90 6.76 54.38
C TYR C 130 -1.40 6.99 54.27
N ILE C 131 -0.83 7.62 55.28
CA ILE C 131 0.59 7.93 55.30
C ILE C 131 1.26 7.72 56.66
N VAL C 132 2.54 7.36 56.62
CA VAL C 132 3.30 7.15 57.84
C VAL C 132 4.69 7.70 57.65
N VAL C 133 5.06 8.60 58.54
CA VAL C 133 6.36 9.21 58.49
C VAL C 133 7.40 8.20 58.90
N PHE C 134 8.65 8.51 58.56
CA PHE C 134 9.82 7.71 58.95
C PHE C 134 10.95 8.70 59.15
N MET C 135 10.85 9.50 60.21
CA MET C 135 11.86 10.50 60.55
C MET C 135 13.23 9.84 60.46
N ASN C 136 13.84 9.92 59.27
CA ASN C 136 15.13 9.29 58.91
C ASN C 136 16.44 10.09 59.06
N LYS C 137 17.56 9.41 58.81
CA LYS C 137 18.88 10.00 58.95
C LYS C 137 19.14 10.35 60.39
N VAL C 138 18.35 9.76 61.30
CA VAL C 138 18.46 10.02 62.73
C VAL C 138 19.90 10.12 63.21
N ASP C 139 20.68 9.10 62.87
CA ASP C 139 22.10 9.02 63.23
C ASP C 139 22.84 10.36 63.07
N MET C 140 22.48 11.13 62.07
CA MET C 140 23.12 12.41 61.89
C MET C 140 22.69 13.32 63.04
N VAL C 141 21.47 13.08 63.54
CA VAL C 141 20.90 13.85 64.66
C VAL C 141 21.10 13.18 66.00
N ASP C 142 21.42 14.01 67.00
CA ASP C 142 21.66 13.53 68.35
C ASP C 142 20.79 14.27 69.37
N ASP C 143 20.99 15.58 69.48
CA ASP C 143 20.23 16.43 70.41
C ASP C 143 18.75 16.06 70.33
N PRO C 144 18.21 15.49 71.42
CA PRO C 144 16.78 15.08 71.49
C PRO C 144 15.78 16.23 71.29
N GLU C 145 16.06 17.39 71.88
CA GLU C 145 15.19 18.58 71.76
C GLU C 145 14.98 18.92 70.29
N LEU C 146 15.70 18.19 69.44
CA LEU C 146 15.64 18.38 68.01
C LEU C 146 14.87 17.25 67.35
N LEU C 147 14.95 16.04 67.91
CA LEU C 147 14.24 14.91 67.31
C LEU C 147 12.74 15.01 67.61
N ASP C 148 12.42 15.54 68.79
CA ASP C 148 11.02 15.73 69.14
C ASP C 148 10.61 16.90 68.26
N LEU C 149 11.33 18.00 68.44
CA LEU C 149 11.11 19.24 67.71
C LEU C 149 10.84 19.05 66.21
N VAL C 150 11.35 17.97 65.61
CA VAL C 150 11.14 17.74 64.18
C VAL C 150 10.10 16.66 63.87
N GLU C 151 9.19 16.43 64.81
CA GLU C 151 8.09 15.48 64.66
C GLU C 151 6.85 16.35 64.84
N MET C 152 7.04 17.42 65.62
CA MET C 152 5.99 18.39 65.93
C MET C 152 5.68 19.26 64.71
N GLU C 153 6.51 19.14 63.68
CA GLU C 153 6.34 19.91 62.45
C GLU C 153 5.75 19.06 61.36
N VAL C 154 5.95 17.75 61.45
CA VAL C 154 5.41 16.86 60.45
C VAL C 154 3.98 16.55 60.80
N ARG C 155 3.65 16.65 62.08
CA ARG C 155 2.29 16.40 62.49
C ARG C 155 1.62 17.68 62.03
N ASP C 156 2.23 18.79 62.41
CA ASP C 156 1.79 20.13 62.06
C ASP C 156 1.43 20.17 60.58
N LEU C 157 2.40 19.75 59.75
CA LEU C 157 2.22 19.74 58.30
C LEU C 157 1.16 18.74 57.83
N LEU C 158 1.34 17.46 58.15
CA LEU C 158 0.37 16.46 57.73
C LEU C 158 -1.04 16.88 58.12
N ASN C 159 -1.12 17.85 59.02
CA ASN C 159 -2.41 18.37 59.41
C ASN C 159 -2.79 19.24 58.24
N GLN C 160 -2.17 20.42 58.20
CA GLN C 160 -2.35 21.43 57.14
C GLN C 160 -2.92 20.82 55.85
N TYR C 161 -2.40 19.66 55.47
CA TYR C 161 -2.89 18.99 54.30
C TYR C 161 -3.77 17.87 54.84
N GLU C 162 -4.96 18.25 55.28
CA GLU C 162 -5.95 17.34 55.83
C GLU C 162 -5.45 15.92 56.00
N PHE C 163 -4.85 15.64 57.15
CA PHE C 163 -4.36 14.29 57.37
C PHE C 163 -4.28 13.91 58.85
N PRO C 164 -4.29 12.58 59.14
CA PRO C 164 -4.21 12.08 60.51
C PRO C 164 -3.26 12.87 61.43
N GLY C 165 -2.46 13.74 60.83
CA GLY C 165 -1.52 14.57 61.56
C GLY C 165 -0.85 14.01 62.80
N ASP C 166 -1.50 14.20 63.95
CA ASP C 166 -0.96 13.73 65.21
C ASP C 166 -1.34 12.27 65.47
N GLU C 167 -2.12 11.70 64.55
CA GLU C 167 -2.56 10.32 64.62
C GLU C 167 -1.56 9.38 63.96
N VAL C 168 -0.78 9.93 63.03
CA VAL C 168 0.20 9.14 62.28
C VAL C 168 1.48 8.73 62.99
N PRO C 169 2.05 7.62 62.52
CA PRO C 169 3.29 7.00 63.02
C PRO C 169 4.57 7.79 62.64
N VAL C 170 5.33 8.23 63.64
CA VAL C 170 6.57 8.92 63.35
C VAL C 170 7.72 7.99 63.68
N ILE C 171 7.81 6.89 62.93
CA ILE C 171 8.86 5.87 63.13
C ILE C 171 10.29 6.37 62.95
N ARG C 172 10.79 7.19 63.88
CA ARG C 172 12.15 7.72 63.79
C ARG C 172 13.13 6.58 63.48
N GLY C 173 14.03 6.76 62.50
CA GLY C 173 14.97 5.71 62.15
C GLY C 173 16.10 6.09 61.22
N SER C 174 16.89 5.13 60.77
CA SER C 174 18.00 5.38 59.85
C SER C 174 18.08 4.32 58.76
N ALA C 175 17.79 4.76 57.53
CA ALA C 175 17.77 3.91 56.34
C ALA C 175 19.12 3.36 55.94
N LEU C 176 20.18 4.09 56.27
CA LEU C 176 21.50 3.63 55.88
C LEU C 176 22.11 2.61 56.84
N LEU C 177 22.20 2.96 58.12
CA LEU C 177 22.79 2.08 59.13
C LEU C 177 22.15 0.70 59.13
N ALA C 178 20.82 0.68 59.10
CA ALA C 178 20.04 -0.54 59.07
C ALA C 178 20.22 -1.24 57.72
N LEU C 179 20.90 -0.59 56.77
CA LEU C 179 21.15 -1.18 55.45
C LEU C 179 22.61 -1.56 55.33
N GLU C 180 23.41 -1.10 56.28
CA GLU C 180 24.81 -1.44 56.30
C GLU C 180 24.90 -2.74 57.11
N GLU C 181 23.82 -3.04 57.81
CA GLU C 181 23.75 -4.27 58.59
C GLU C 181 23.32 -5.39 57.66
N MET C 182 22.14 -5.24 57.05
CA MET C 182 21.62 -6.23 56.12
C MET C 182 22.69 -6.58 55.07
N HIS C 183 23.72 -5.76 54.98
CA HIS C 183 24.81 -6.01 54.06
C HIS C 183 25.81 -6.92 54.70
N LYS C 184 26.21 -6.59 55.93
CA LYS C 184 27.17 -7.41 56.65
C LYS C 184 26.53 -8.76 56.93
N ASN C 185 25.52 -8.77 57.80
CA ASN C 185 24.83 -10.01 58.11
C ASN C 185 23.51 -10.15 57.35
N PRO C 186 23.58 -10.55 56.06
CA PRO C 186 22.41 -10.73 55.17
C PRO C 186 21.12 -11.26 55.79
N LYS C 187 21.24 -12.25 56.67
CA LYS C 187 20.05 -12.82 57.32
C LYS C 187 19.89 -12.43 58.79
N THR C 188 20.16 -11.18 59.13
CA THR C 188 19.98 -10.71 60.50
C THR C 188 18.45 -10.71 60.64
N LYS C 189 17.92 -11.08 61.81
CA LYS C 189 16.46 -11.08 61.96
C LYS C 189 15.97 -9.99 62.92
N ARG C 190 14.66 -9.86 63.03
CA ARG C 190 14.05 -8.86 63.88
C ARG C 190 14.69 -8.94 65.27
N GLY C 191 14.45 -7.93 66.10
CA GLY C 191 15.02 -7.93 67.43
C GLY C 191 16.52 -8.16 67.50
N GLU C 192 17.21 -8.04 66.38
CA GLU C 192 18.66 -8.22 66.36
C GLU C 192 19.37 -6.88 66.27
N ASN C 193 19.28 -6.22 65.12
CA ASN C 193 19.91 -4.92 64.93
C ASN C 193 18.97 -3.80 65.37
N GLU C 194 19.46 -2.86 66.18
CA GLU C 194 18.62 -1.76 66.64
C GLU C 194 18.25 -0.83 65.50
N TRP C 195 18.84 -1.03 64.33
CA TRP C 195 18.56 -0.21 63.17
C TRP C 195 17.62 -0.96 62.25
N VAL C 196 17.80 -2.28 62.21
CA VAL C 196 16.96 -3.17 61.40
C VAL C 196 15.65 -3.35 62.20
N ASP C 197 15.57 -2.69 63.36
CA ASP C 197 14.40 -2.72 64.24
C ASP C 197 13.50 -1.52 63.97
N LYS C 198 14.11 -0.35 63.81
CA LYS C 198 13.35 0.86 63.52
C LYS C 198 12.55 0.57 62.27
N ILE C 199 13.16 -0.19 61.36
CA ILE C 199 12.57 -0.63 60.08
C ILE C 199 11.26 -1.39 60.32
N TRP C 200 11.36 -2.43 61.13
CA TRP C 200 10.18 -3.20 61.45
C TRP C 200 9.13 -2.27 62.03
N GLU C 201 9.46 -1.55 63.10
CA GLU C 201 8.50 -0.60 63.70
C GLU C 201 7.80 0.13 62.57
N LEU C 202 8.56 0.40 61.52
CA LEU C 202 8.08 1.09 60.34
C LEU C 202 7.10 0.21 59.58
N LEU C 203 7.35 -1.10 59.55
CA LEU C 203 6.43 -2.01 58.87
C LEU C 203 5.26 -2.33 59.81
N ASP C 204 5.57 -2.43 61.11
CA ASP C 204 4.59 -2.71 62.16
C ASP C 204 3.68 -1.50 62.31
N ALA C 205 3.91 -0.57 61.39
CA ALA C 205 3.14 0.64 61.31
C ALA C 205 2.44 0.53 59.95
N ILE C 206 3.06 -0.17 58.99
CA ILE C 206 2.46 -0.37 57.67
C ILE C 206 1.24 -1.23 57.91
N ASP C 207 1.55 -2.47 58.28
CA ASP C 207 0.57 -3.49 58.57
C ASP C 207 -0.44 -2.89 59.54
N GLU C 208 0.07 -1.99 60.38
CA GLU C 208 -0.68 -1.27 61.40
C GLU C 208 -1.56 -0.10 60.90
N TYR C 209 -1.07 0.68 59.92
CA TYR C 209 -1.82 1.82 59.40
C TYR C 209 -2.69 1.46 58.18
N ILE C 210 -2.07 1.09 57.07
CA ILE C 210 -2.80 0.74 55.85
C ILE C 210 -3.70 -0.48 56.08
N PRO C 211 -5.02 -0.34 55.82
CA PRO C 211 -5.97 -1.45 55.99
C PRO C 211 -6.04 -2.50 54.87
N THR C 212 -6.43 -2.12 53.65
CA THR C 212 -6.54 -3.14 52.62
C THR C 212 -6.39 -2.64 51.21
N PRO C 213 -6.06 -3.56 50.30
CA PRO C 213 -5.90 -3.24 48.88
C PRO C 213 -7.03 -3.90 48.09
N VAL C 214 -8.21 -4.03 48.70
CA VAL C 214 -9.42 -4.63 48.11
C VAL C 214 -9.82 -4.08 46.74
N ARG C 215 -10.37 -4.95 45.88
CA ARG C 215 -10.73 -4.54 44.54
C ARG C 215 -11.77 -5.40 43.86
N ASP C 216 -11.48 -5.76 42.60
CA ASP C 216 -12.36 -6.58 41.77
C ASP C 216 -11.83 -6.81 40.34
N VAL C 217 -11.74 -8.08 39.96
CA VAL C 217 -11.27 -8.50 38.63
C VAL C 217 -12.46 -8.94 37.78
N ASP C 218 -13.65 -8.44 38.12
CA ASP C 218 -14.88 -8.83 37.43
C ASP C 218 -15.23 -8.11 36.14
N LYS C 219 -14.35 -7.19 35.70
CA LYS C 219 -14.60 -6.46 34.47
C LYS C 219 -13.33 -6.43 33.62
N PRO C 220 -13.41 -6.96 32.36
CA PRO C 220 -12.43 -7.12 31.29
C PRO C 220 -10.97 -6.74 31.42
N PHE C 221 -10.29 -6.90 30.30
CA PHE C 221 -8.88 -6.61 30.26
C PHE C 221 -8.78 -5.10 30.30
N LEU C 222 -7.82 -4.63 31.08
CA LEU C 222 -7.59 -3.21 31.27
C LEU C 222 -6.23 -2.99 31.92
N MET C 223 -5.20 -2.79 31.12
CA MET C 223 -3.91 -2.56 31.76
C MET C 223 -3.40 -1.11 31.65
N PRO C 224 -3.52 -0.34 32.75
CA PRO C 224 -3.01 1.03 32.68
C PRO C 224 -1.51 0.89 32.42
N VAL C 225 -1.19 0.80 31.14
CA VAL C 225 0.18 0.64 30.65
C VAL C 225 1.12 1.59 31.38
N GLU C 226 1.78 1.06 32.39
CA GLU C 226 2.71 1.87 33.13
C GLU C 226 4.11 1.78 32.51
N ASP C 227 4.49 0.70 31.81
CA ASP C 227 5.84 0.62 31.19
C ASP C 227 6.03 -0.31 29.95
N VAL C 228 7.11 -0.07 29.19
CA VAL C 228 7.41 -0.80 27.95
C VAL C 228 8.92 -0.98 27.62
N PHE C 229 9.28 -2.20 27.17
CA PHE C 229 10.66 -2.59 26.79
C PHE C 229 10.71 -3.80 25.86
N THR C 230 11.72 -3.81 24.99
CA THR C 230 11.96 -4.91 24.08
C THR C 230 12.88 -5.85 24.86
N ILE C 231 12.31 -6.92 25.42
CA ILE C 231 13.04 -7.91 26.25
C ILE C 231 13.80 -9.05 25.52
N THR C 232 14.88 -8.67 24.83
CA THR C 232 15.76 -9.58 24.09
C THR C 232 15.28 -11.00 23.75
N GLY C 233 15.19 -11.29 22.44
CA GLY C 233 14.79 -12.61 21.98
C GLY C 233 13.33 -12.89 21.66
N ARG C 234 12.41 -12.10 22.22
CA ARG C 234 10.99 -12.33 21.99
C ARG C 234 10.27 -11.13 21.35
N GLY C 235 9.31 -10.56 22.09
CA GLY C 235 8.54 -9.41 21.62
C GLY C 235 8.58 -8.11 22.44
N THR C 236 7.83 -8.04 23.55
CA THR C 236 7.79 -6.86 24.42
C THR C 236 6.75 -6.97 25.53
N VAL C 237 7.06 -6.41 26.68
CA VAL C 237 6.17 -6.47 27.84
C VAL C 237 5.69 -5.15 28.44
N ALA C 238 4.43 -5.13 28.85
CA ALA C 238 3.83 -3.92 29.43
C ALA C 238 3.52 -4.01 30.91
N THR C 239 4.49 -3.70 31.77
CA THR C 239 4.26 -3.74 33.21
C THR C 239 3.16 -2.75 33.54
N GLY C 240 2.45 -2.96 34.65
CA GLY C 240 1.41 -2.03 35.00
C GLY C 240 0.22 -2.58 35.78
N ARG C 241 0.24 -2.31 37.08
CA ARG C 241 -0.81 -2.70 38.01
C ARG C 241 -2.16 -2.60 37.35
N ILE C 242 -2.70 -3.74 36.93
CA ILE C 242 -4.00 -3.76 36.30
C ILE C 242 -5.06 -3.38 37.35
N GLU C 243 -6.04 -2.57 36.93
CA GLU C 243 -7.07 -2.16 37.86
C GLU C 243 -8.12 -3.24 38.02
N ARG C 244 -8.71 -3.64 36.88
CA ARG C 244 -9.75 -4.68 36.77
C ARG C 244 -9.66 -5.49 35.45
N GLY C 245 -9.18 -6.74 35.57
CA GLY C 245 -9.03 -7.64 34.44
C GLY C 245 -8.56 -9.05 34.82
N LYS C 246 -7.25 -9.30 34.64
CA LYS C 246 -6.53 -10.57 34.90
C LYS C 246 -6.15 -11.19 33.56
N VAL C 247 -4.89 -11.57 33.38
CA VAL C 247 -4.48 -12.12 32.07
C VAL C 247 -3.77 -13.48 31.93
N LYS C 248 -4.52 -14.47 31.47
CA LYS C 248 -3.95 -15.79 31.23
C LYS C 248 -3.25 -15.60 29.90
N VAL C 249 -1.94 -15.78 29.90
CA VAL C 249 -1.16 -15.65 28.69
C VAL C 249 -2.00 -16.13 27.51
N GLY C 250 -1.70 -15.64 26.31
CA GLY C 250 -2.43 -16.07 25.12
C GLY C 250 -3.80 -15.47 24.84
N ASP C 251 -4.17 -14.42 25.56
CA ASP C 251 -5.46 -13.74 25.38
C ASP C 251 -5.37 -12.77 24.20
N GLU C 252 -6.27 -12.89 23.23
CA GLU C 252 -6.23 -11.93 22.12
C GLU C 252 -6.56 -10.63 22.85
N VAL C 253 -5.71 -9.62 22.65
CA VAL C 253 -5.90 -8.35 23.33
C VAL C 253 -5.96 -7.16 22.39
N GLU C 254 -5.99 -5.98 23.02
CA GLU C 254 -6.03 -4.66 22.38
C GLU C 254 -5.49 -3.54 23.30
N ILE C 255 -4.98 -2.50 22.67
CA ILE C 255 -4.47 -1.37 23.40
C ILE C 255 -5.44 -0.23 23.09
N VAL C 256 -6.08 0.32 24.12
CA VAL C 256 -7.06 1.40 23.95
C VAL C 256 -6.63 2.80 24.46
N GLY C 257 -5.98 3.57 23.59
CA GLY C 257 -5.55 4.91 23.97
C GLY C 257 -4.60 5.56 22.98
N LEU C 258 -3.76 6.45 23.50
CA LEU C 258 -2.76 7.19 22.72
C LEU C 258 -2.59 6.83 21.23
N ALA C 259 -2.44 5.54 20.96
CA ALA C 259 -2.26 5.06 19.58
C ALA C 259 -3.54 5.20 18.75
N PRO C 260 -3.39 5.52 17.45
CA PRO C 260 -4.50 5.70 16.51
C PRO C 260 -5.68 4.77 16.72
N GLU C 261 -5.53 3.53 16.26
CA GLU C 261 -6.57 2.51 16.38
C GLU C 261 -6.23 1.52 17.48
N THR C 262 -7.24 0.79 17.95
CA THR C 262 -7.08 -0.21 19.02
C THR C 262 -6.24 -1.40 18.54
N ARG C 263 -4.92 -1.35 18.74
CA ARG C 263 -4.01 -2.43 18.32
C ARG C 263 -4.31 -3.77 18.99
N LYS C 264 -4.35 -4.84 18.19
CA LYS C 264 -4.63 -6.19 18.69
C LYS C 264 -3.41 -7.11 18.60
N THR C 265 -3.23 -7.95 19.62
CA THR C 265 -2.09 -8.86 19.65
C THR C 265 -2.37 -10.08 20.53
N VAL C 266 -1.35 -10.57 21.24
CA VAL C 266 -1.51 -11.74 22.10
C VAL C 266 -0.71 -11.64 23.40
N VAL C 267 -1.26 -12.15 24.49
CA VAL C 267 -0.55 -12.11 25.75
C VAL C 267 0.43 -13.28 25.93
N THR C 268 1.00 -13.78 24.83
CA THR C 268 1.97 -14.88 24.91
C THR C 268 3.22 -14.44 25.67
N GLY C 269 3.04 -14.09 26.94
CA GLY C 269 4.11 -13.62 27.81
C GLY C 269 3.35 -12.94 28.93
N VAL C 270 3.38 -13.51 30.12
CA VAL C 270 2.64 -12.94 31.25
C VAL C 270 3.38 -13.00 32.59
N GLU C 271 4.67 -12.66 32.62
CA GLU C 271 5.39 -12.71 33.89
C GLU C 271 4.73 -12.11 35.15
N MET C 272 5.57 -11.55 36.02
CA MET C 272 5.14 -10.93 37.29
C MET C 272 6.30 -11.00 38.29
N HIS C 273 6.90 -9.85 38.58
CA HIS C 273 8.04 -9.77 39.48
C HIS C 273 9.14 -10.65 38.95
N ARG C 274 9.05 -10.93 37.65
CA ARG C 274 9.99 -11.78 36.93
C ARG C 274 9.72 -13.24 37.29
N LYS C 275 8.57 -13.47 37.91
CA LYS C 275 8.17 -14.80 38.36
C LYS C 275 6.81 -15.20 37.78
N THR C 276 6.82 -15.63 36.52
CA THR C 276 5.61 -16.00 35.80
C THR C 276 4.44 -16.38 36.70
N LEU C 277 3.28 -15.91 36.29
CA LEU C 277 2.05 -16.19 36.98
C LEU C 277 1.09 -16.71 35.92
N GLN C 278 0.01 -17.32 36.38
CA GLN C 278 -1.00 -17.91 35.51
C GLN C 278 -1.72 -16.83 34.71
N GLU C 279 -2.39 -15.97 35.45
CA GLU C 279 -3.18 -14.89 34.90
C GLU C 279 -3.30 -13.78 35.95
N GLY C 280 -2.29 -12.92 36.05
CA GLY C 280 -2.31 -11.85 37.04
C GLY C 280 -3.71 -11.32 37.36
N ILE C 281 -3.90 -10.76 38.56
CA ILE C 281 -5.22 -10.25 38.90
C ILE C 281 -5.27 -8.82 39.46
N ALA C 282 -6.39 -8.51 40.10
CA ALA C 282 -6.67 -7.22 40.70
C ALA C 282 -5.47 -6.53 41.35
N GLY C 283 -5.26 -5.26 40.97
CA GLY C 283 -4.17 -4.45 41.51
C GLY C 283 -2.77 -5.05 41.57
N ASP C 284 -2.61 -6.24 41.01
CA ASP C 284 -1.31 -6.87 41.02
C ASP C 284 -0.49 -6.27 39.89
N ASN C 285 0.62 -5.64 40.25
CA ASN C 285 1.48 -5.04 39.25
C ASN C 285 2.06 -6.12 38.32
N VAL C 286 1.19 -6.65 37.45
CA VAL C 286 1.57 -7.71 36.51
C VAL C 286 2.59 -7.27 35.46
N GLY C 287 2.81 -8.09 34.44
CA GLY C 287 3.76 -7.74 33.39
C GLY C 287 3.75 -8.72 32.26
N LEU C 288 3.03 -8.40 31.17
CA LEU C 288 2.87 -9.29 30.00
C LEU C 288 3.44 -8.88 28.63
N LEU C 289 3.83 -9.90 27.87
CA LEU C 289 4.38 -9.70 26.52
C LEU C 289 3.18 -9.81 25.61
N LEU C 290 3.39 -9.46 24.34
CA LEU C 290 2.35 -9.55 23.35
C LEU C 290 2.91 -9.80 21.95
N ARG C 291 2.22 -10.70 21.25
CA ARG C 291 2.58 -11.14 19.90
C ARG C 291 2.19 -10.15 18.80
N GLY C 292 3.15 -9.37 18.33
CA GLY C 292 2.87 -8.42 17.26
C GLY C 292 2.76 -6.96 17.67
N VAL C 293 3.30 -6.64 18.84
CA VAL C 293 3.26 -5.29 19.34
C VAL C 293 4.58 -4.99 20.02
N SER C 294 5.53 -4.44 19.27
CA SER C 294 6.83 -4.10 19.85
C SER C 294 6.62 -2.86 20.72
N ARG C 295 7.70 -2.18 21.05
CA ARG C 295 7.60 -0.96 21.83
C ARG C 295 6.87 0.03 20.89
N GLU C 296 7.27 -0.02 19.62
CA GLU C 296 6.74 0.77 18.50
C GLU C 296 5.24 0.53 18.30
N GLU C 297 4.65 -0.25 19.20
CA GLU C 297 3.24 -0.61 19.11
C GLU C 297 2.56 -0.42 20.44
N VAL C 298 3.27 0.13 21.40
CA VAL C 298 2.64 0.39 22.70
C VAL C 298 3.52 1.19 23.65
N GLU C 299 2.96 2.30 24.12
CA GLU C 299 3.63 3.24 25.02
C GLU C 299 2.83 3.54 26.27
N ARG C 300 3.56 3.83 27.35
CA ARG C 300 2.98 4.17 28.63
C ARG C 300 1.75 5.00 28.36
N GLY C 301 0.61 4.56 28.88
CA GLY C 301 -0.59 5.31 28.63
C GLY C 301 -1.81 4.49 28.25
N GLN C 302 -1.85 3.88 27.06
CA GLN C 302 -3.06 3.12 26.66
C GLN C 302 -3.58 2.17 27.72
N VAL C 303 -4.61 1.43 27.35
CA VAL C 303 -5.12 0.43 28.26
C VAL C 303 -5.20 -0.87 27.49
N LEU C 304 -4.27 -1.77 27.82
CA LEU C 304 -4.27 -3.09 27.20
C LEU C 304 -5.58 -3.58 27.72
N ALA C 305 -6.48 -3.80 26.77
CA ALA C 305 -7.80 -4.25 27.11
C ALA C 305 -8.37 -5.08 26.00
N LYS C 306 -8.64 -6.33 26.36
CA LYS C 306 -9.23 -7.32 25.50
C LYS C 306 -10.21 -6.62 24.56
N PRO C 307 -10.41 -7.18 23.35
CA PRO C 307 -11.34 -6.60 22.36
C PRO C 307 -12.77 -6.29 22.87
N GLY C 308 -13.08 -5.01 23.08
CA GLY C 308 -14.42 -4.68 23.53
C GLY C 308 -14.54 -3.91 24.83
N SER C 309 -13.46 -3.81 25.60
CA SER C 309 -13.49 -3.06 26.87
C SER C 309 -13.67 -1.53 26.56
N ILE C 310 -14.07 -0.73 27.57
CA ILE C 310 -14.30 0.70 27.38
C ILE C 310 -13.40 1.46 26.39
N THR C 311 -14.09 1.94 25.37
CA THR C 311 -13.60 2.66 24.20
C THR C 311 -12.71 3.89 24.36
N PRO C 312 -12.14 4.33 23.21
CA PRO C 312 -11.27 5.49 23.08
C PRO C 312 -12.12 6.73 22.71
N HIS C 313 -11.77 7.89 23.27
CA HIS C 313 -12.49 9.13 23.00
C HIS C 313 -11.60 10.37 22.92
N THR C 314 -12.07 11.36 22.16
CA THR C 314 -11.34 12.59 21.97
C THR C 314 -12.13 13.69 22.67
N LYS C 315 -13.44 13.67 22.46
CA LYS C 315 -14.35 14.64 23.08
C LYS C 315 -14.79 14.13 24.45
N PHE C 316 -15.98 14.53 24.92
CA PHE C 316 -16.53 14.10 26.22
C PHE C 316 -16.97 15.22 27.10
N GLU C 317 -17.67 14.85 28.19
CA GLU C 317 -18.20 15.82 29.15
C GLU C 317 -17.69 15.49 30.53
N ALA C 318 -17.90 16.35 31.52
CA ALA C 318 -17.38 16.02 32.85
C ALA C 318 -17.79 16.96 33.95
N SER C 319 -17.88 16.43 35.18
CA SER C 319 -18.21 17.26 36.34
C SER C 319 -16.89 17.52 37.00
N VAL C 320 -16.59 18.79 37.19
CA VAL C 320 -15.33 19.15 37.74
C VAL C 320 -15.38 20.03 38.97
N TYR C 321 -14.36 19.90 39.81
CA TYR C 321 -14.23 20.74 40.99
C TYR C 321 -12.89 21.42 40.83
N ILE C 322 -12.89 22.73 40.66
CA ILE C 322 -11.62 23.41 40.51
C ILE C 322 -11.18 23.77 41.92
N LEU C 323 -9.99 23.33 42.31
CA LEU C 323 -9.52 23.64 43.65
C LEU C 323 -9.28 25.14 43.76
N LYS C 324 -9.47 25.63 44.98
CA LYS C 324 -9.27 27.02 45.34
C LYS C 324 -7.77 27.20 45.40
N LYS C 325 -7.30 28.45 45.40
CA LYS C 325 -5.85 28.66 45.48
C LYS C 325 -5.44 28.10 46.80
N GLU C 326 -6.35 28.26 47.75
CA GLU C 326 -6.15 27.80 49.11
C GLU C 326 -5.77 26.32 49.15
N GLU C 327 -6.08 25.60 48.08
CA GLU C 327 -5.76 24.18 48.05
C GLU C 327 -4.65 23.84 47.06
N GLY C 328 -3.87 24.86 46.67
CA GLY C 328 -2.79 24.67 45.73
C GLY C 328 -3.24 24.79 44.28
N GLY C 329 -4.52 25.17 44.11
CA GLY C 329 -5.11 25.33 42.80
C GLY C 329 -4.71 26.65 42.22
N ARG C 330 -5.36 27.10 41.15
CA ARG C 330 -4.97 28.38 40.59
C ARG C 330 -5.61 29.55 41.31
N HIS C 331 -5.16 30.78 41.05
CA HIS C 331 -5.73 31.94 41.72
C HIS C 331 -6.48 32.84 40.74
N THR C 332 -6.44 32.49 39.46
CA THR C 332 -7.18 33.27 38.47
C THR C 332 -8.13 32.32 37.72
N GLY C 333 -9.36 32.75 37.48
CA GLY C 333 -10.30 31.91 36.75
C GLY C 333 -9.76 31.76 35.33
N PHE C 334 -10.48 31.03 34.48
CA PHE C 334 -10.01 30.82 33.12
C PHE C 334 -11.26 30.59 32.36
N PHE C 335 -11.20 30.65 31.04
CA PHE C 335 -12.42 30.41 30.28
C PHE C 335 -12.07 29.56 29.14
N THR C 336 -13.06 29.34 28.31
CA THR C 336 -12.88 28.54 27.12
C THR C 336 -11.55 28.87 26.42
N GLY C 337 -10.98 27.82 25.83
CA GLY C 337 -9.71 27.92 25.10
C GLY C 337 -8.59 27.42 25.99
N TYR C 338 -8.94 27.12 27.24
CA TYR C 338 -7.97 26.64 28.21
C TYR C 338 -7.58 25.21 27.90
N ARG C 339 -6.28 25.00 27.70
CA ARG C 339 -5.74 23.69 27.35
C ARG C 339 -4.76 23.17 28.40
N PRO C 340 -5.29 22.62 29.51
CA PRO C 340 -4.53 22.05 30.64
C PRO C 340 -4.45 20.56 30.38
N GLN C 341 -3.32 19.93 30.63
CA GLN C 341 -3.31 18.50 30.37
C GLN C 341 -4.15 17.76 31.42
N PHE C 342 -4.89 16.75 30.97
CA PHE C 342 -5.72 15.97 31.88
C PHE C 342 -5.02 14.64 32.18
N TYR C 343 -5.06 14.24 33.44
CA TYR C 343 -4.42 13.01 33.86
C TYR C 343 -5.41 11.88 34.02
N PHE C 344 -5.11 10.78 33.33
CA PHE C 344 -5.92 9.58 33.34
C PHE C 344 -5.07 8.37 33.74
N ARG C 345 -5.05 8.10 35.05
CA ARG C 345 -4.28 7.01 35.62
C ARG C 345 -2.85 6.97 35.08
N THR C 346 -2.64 6.31 33.94
CA THR C 346 -1.31 6.18 33.34
C THR C 346 -0.74 7.54 32.85
N THR C 347 -0.99 7.84 31.57
CA THR C 347 -0.49 9.05 30.92
C THR C 347 -1.37 10.26 31.21
N ASP C 348 -0.95 11.41 30.68
CA ASP C 348 -1.65 12.69 30.83
C ASP C 348 -1.75 13.39 29.46
N VAL C 349 -2.95 13.84 29.09
CA VAL C 349 -3.08 14.54 27.80
C VAL C 349 -3.80 15.89 27.82
N THR C 350 -3.20 16.85 27.13
CA THR C 350 -3.79 18.17 27.11
C THR C 350 -5.14 18.14 26.38
N GLY C 351 -6.10 18.88 26.95
CA GLY C 351 -7.43 18.96 26.35
C GLY C 351 -7.88 20.41 26.31
N VAL C 352 -8.64 20.75 25.29
CA VAL C 352 -9.14 22.10 25.07
C VAL C 352 -10.51 22.33 25.72
N VAL C 353 -10.53 22.85 26.94
CA VAL C 353 -11.82 23.10 27.60
C VAL C 353 -12.75 24.02 26.84
N ARG C 354 -14.01 23.65 26.76
CA ARG C 354 -14.97 24.52 26.09
C ARG C 354 -16.13 24.53 27.03
N LEU C 355 -16.19 25.60 27.81
CA LEU C 355 -17.23 25.79 28.79
C LEU C 355 -18.62 25.62 28.20
N PRO C 356 -19.60 25.26 29.04
CA PRO C 356 -21.00 25.03 28.72
C PRO C 356 -21.60 26.32 28.23
N GLN C 357 -22.63 26.20 27.39
CA GLN C 357 -23.31 27.37 26.83
C GLN C 357 -24.04 28.17 27.91
N GLY C 358 -23.51 28.15 29.12
CA GLY C 358 -24.12 28.88 30.21
C GLY C 358 -23.08 29.67 30.96
N VAL C 359 -22.06 28.97 31.46
CA VAL C 359 -21.00 29.63 32.22
C VAL C 359 -20.08 30.38 31.30
N GLU C 360 -19.45 31.42 31.86
CA GLU C 360 -18.53 32.31 31.14
C GLU C 360 -17.10 32.31 31.67
N MET C 361 -16.95 32.21 32.99
CA MET C 361 -15.61 32.22 33.58
C MET C 361 -15.41 31.39 34.84
N VAL C 362 -14.81 30.21 34.66
CA VAL C 362 -14.58 29.34 35.80
C VAL C 362 -13.60 29.99 36.76
N MET C 363 -13.87 29.83 38.05
CA MET C 363 -13.05 30.43 39.07
C MET C 363 -12.59 29.48 40.14
N PRO C 364 -11.48 29.81 40.81
CA PRO C 364 -10.96 28.97 41.88
C PRO C 364 -12.04 28.80 42.93
N GLY C 365 -12.22 27.59 43.44
CA GLY C 365 -13.26 27.40 44.41
C GLY C 365 -14.48 26.89 43.67
N ASP C 366 -14.76 27.46 42.51
CA ASP C 366 -15.91 27.02 41.74
C ASP C 366 -15.92 25.51 41.49
N ASN C 367 -17.11 24.95 41.52
CA ASN C 367 -17.31 23.55 41.28
C ASN C 367 -18.24 23.59 40.07
N VAL C 368 -17.85 23.01 38.95
CA VAL C 368 -18.71 23.12 37.78
C VAL C 368 -18.84 21.90 36.91
N THR C 369 -19.30 22.12 35.69
CA THR C 369 -19.48 21.09 34.66
C THR C 369 -18.97 21.74 33.38
N PHE C 370 -18.71 20.94 32.34
CA PHE C 370 -18.26 21.44 31.02
C PHE C 370 -17.67 20.40 30.09
N THR C 371 -17.27 20.83 28.90
CA THR C 371 -16.74 19.91 27.91
C THR C 371 -15.24 19.96 27.77
N VAL C 372 -14.69 18.94 27.11
CA VAL C 372 -13.24 18.84 26.88
C VAL C 372 -13.05 18.20 25.53
N GLU C 373 -11.84 18.29 25.02
CA GLU C 373 -11.57 17.74 23.72
C GLU C 373 -10.08 17.44 23.69
N LEU C 374 -9.71 16.26 24.16
CA LEU C 374 -8.33 15.82 24.19
C LEU C 374 -7.62 15.86 22.84
N ILE C 375 -6.35 16.21 22.89
CA ILE C 375 -5.49 16.33 21.72
C ILE C 375 -5.19 14.99 21.11
N LYS C 376 -5.56 13.92 21.83
CA LYS C 376 -5.33 12.54 21.42
C LYS C 376 -6.53 11.70 21.81
N PRO C 377 -6.45 10.36 21.63
CA PRO C 377 -7.59 9.51 22.01
C PRO C 377 -7.43 8.90 23.40
N VAL C 378 -8.51 8.43 24.02
CA VAL C 378 -8.38 7.85 25.37
C VAL C 378 -9.51 6.91 25.90
N ALA C 379 -9.20 6.09 26.91
CA ALA C 379 -10.21 5.18 27.44
C ALA C 379 -11.19 5.85 28.41
N LEU C 380 -12.37 6.19 27.91
CA LEU C 380 -13.36 6.85 28.77
C LEU C 380 -14.53 6.02 29.22
N GLU C 381 -15.11 6.41 30.36
CA GLU C 381 -16.26 5.73 30.92
C GLU C 381 -16.93 6.64 31.93
N GLU C 382 -18.20 6.96 31.69
CA GLU C 382 -18.95 7.82 32.61
C GLU C 382 -18.73 7.45 34.09
N GLY C 383 -18.06 8.31 34.85
CA GLY C 383 -17.82 8.01 36.25
C GLY C 383 -16.34 7.82 36.47
N LEU C 384 -15.61 7.79 35.36
CA LEU C 384 -14.16 7.62 35.32
C LEU C 384 -13.50 8.89 35.90
N ARG C 385 -13.45 8.99 37.23
CA ARG C 385 -12.86 10.17 37.89
C ARG C 385 -11.44 10.44 37.36
N PHE C 386 -11.13 11.74 37.15
CA PHE C 386 -9.82 12.19 36.62
C PHE C 386 -9.31 13.49 37.25
N ALA C 387 -8.00 13.72 37.16
CA ALA C 387 -7.38 14.93 37.72
C ALA C 387 -6.87 15.90 36.64
N ILE C 388 -6.69 17.18 37.05
CA ILE C 388 -6.22 18.26 36.17
C ILE C 388 -5.07 19.09 36.71
N ARG C 389 -4.03 19.22 35.89
CA ARG C 389 -2.87 20.00 36.28
C ARG C 389 -2.34 20.68 35.05
N GLU C 390 -2.04 21.97 35.24
CA GLU C 390 -1.52 22.80 34.18
C GLU C 390 -0.33 23.55 34.73
N GLY C 391 0.63 23.81 33.84
CA GLY C 391 1.85 24.48 34.17
C GLY C 391 2.12 24.53 35.64
N GLY C 392 3.05 23.74 36.14
CA GLY C 392 3.33 23.82 37.56
C GLY C 392 2.43 23.12 38.57
N ARG C 393 1.12 23.30 38.54
CA ARG C 393 0.34 22.59 39.55
C ARG C 393 -1.00 22.03 39.19
N THR C 394 -1.60 21.45 40.21
CA THR C 394 -2.92 20.84 40.11
C THR C 394 -3.94 21.95 40.19
N VAL C 395 -5.00 21.83 39.43
CA VAL C 395 -6.01 22.88 39.44
C VAL C 395 -7.38 22.44 39.91
N GLY C 396 -7.79 21.25 39.51
CA GLY C 396 -9.10 20.79 39.91
C GLY C 396 -9.25 19.33 39.53
N ALA C 397 -10.15 18.65 40.25
CA ALA C 397 -10.44 17.24 40.03
C ALA C 397 -11.85 17.11 39.48
N GLY C 398 -12.14 16.02 38.77
CA GLY C 398 -13.48 15.84 38.20
C GLY C 398 -13.73 14.50 37.56
N VAL C 399 -14.99 14.21 37.26
CA VAL C 399 -15.38 12.93 36.68
C VAL C 399 -15.98 13.02 35.29
N VAL C 400 -15.88 11.95 34.52
CA VAL C 400 -16.41 11.94 33.16
C VAL C 400 -17.93 11.79 33.09
N THR C 401 -18.64 12.86 33.43
CA THR C 401 -20.11 12.88 33.43
C THR C 401 -20.81 12.31 32.18
N LYS C 402 -20.10 12.17 31.07
CA LYS C 402 -20.72 11.70 29.85
C LYS C 402 -19.64 11.40 28.83
N ILE C 403 -20.01 11.43 27.54
CA ILE C 403 -19.08 11.22 26.45
C ILE C 403 -19.67 11.77 25.16
N LEU C 404 -18.82 12.15 24.23
CA LEU C 404 -19.34 12.74 23.02
C LEU C 404 -18.74 12.24 21.72
N GLU C 405 -17.61 11.52 21.78
CA GLU C 405 -16.98 11.07 20.53
C GLU C 405 -15.51 10.67 20.69
P 2MG D 10 0.65 32.06 4.86
OP1 2MG D 10 -0.53 32.63 4.16
OP2 2MG D 10 0.52 31.68 6.31
O5' 2MG D 10 1.16 30.79 4.05
C5' 2MG D 10 0.28 29.71 3.68
C4' 2MG D 10 0.76 29.06 2.39
O4' 2MG D 10 0.47 29.95 1.28
C3' 2MG D 10 2.26 28.83 2.34
O3' 2MG D 10 2.66 27.57 2.93
C2' 2MG D 10 2.57 28.92 0.86
O2' 2MG D 10 2.33 27.72 0.17
C1' 2MG D 10 1.57 29.97 0.39
N9 2MG D 10 2.11 31.33 0.36
C8 2MG D 10 1.67 32.43 1.05
N7 2MG D 10 2.36 33.50 0.80
C5 2MG D 10 3.34 33.08 -0.09
C6 2MG D 10 4.37 33.80 -0.72
O6 2MG D 10 4.66 35.00 -0.60
N1 2MG D 10 5.13 32.98 -1.56
C2 2MG D 10 4.90 31.63 -1.77
N2 2MG D 10 5.72 30.97 -2.62
CM2 2MG D 10 6.76 31.64 -3.42
N3 2MG D 10 3.94 30.96 -1.18
C4 2MG D 10 3.19 31.73 -0.36
P H2U D 16 17.99 40.48 16.25
OP1 H2U D 16 19.22 41.24 16.63
OP2 H2U D 16 17.96 39.00 16.47
O5' H2U D 16 16.74 41.12 16.99
C5' H2U D 16 16.54 42.56 17.06
C4' H2U D 16 15.63 42.90 18.22
O4' H2U D 16 14.28 42.44 17.95
C3' H2U D 16 16.04 42.18 19.50
O3' H2U D 16 15.70 42.94 20.65
C1' H2U D 16 13.92 41.38 18.82
C2' H2U D 16 15.24 40.89 19.43
O2' H2U D 16 15.08 40.25 20.67
N1 H2U D 16 13.26 40.33 18.00
C2 H2U D 16 11.92 40.11 18.08
O2 H2U D 16 11.10 40.97 18.30
N3 H2U D 16 11.54 38.82 17.84
C4 H2U D 16 12.34 37.79 17.38
O4 H2U D 16 11.83 36.76 16.94
C5 H2U D 16 13.79 38.05 17.41
C6 H2U D 16 14.05 39.49 17.10
P H2U D 17 16.43 42.61 22.03
OP1 H2U D 17 16.61 43.93 22.68
OP2 H2U D 17 17.63 41.74 21.74
O5' H2U D 17 15.35 41.77 22.85
C5' H2U D 17 15.71 40.98 24.01
C4' H2U D 17 15.17 41.62 25.28
O4' H2U D 17 15.97 42.78 25.65
C3' H2U D 17 13.74 42.16 25.18
O3' H2U D 17 13.19 42.04 26.52
C1' H2U D 17 15.19 43.97 25.49
C2' H2U D 17 14.00 43.55 24.62
O2' H2U D 17 12.92 44.44 24.57
N1 H2U D 17 16.06 45.08 25.01
C2 H2U D 17 15.50 46.22 24.49
O2 H2U D 17 14.85 46.25 23.45
N3 H2U D 17 15.82 47.37 25.17
C4 H2U D 17 16.86 47.56 26.08
O4 H2U D 17 17.20 48.71 26.39
C5 H2U D 17 17.50 46.30 26.60
C6 H2U D 17 17.43 45.19 25.57
P M2G D 26 8.58 35.18 -8.94
OP1 M2G D 26 9.13 35.55 -10.27
OP2 M2G D 26 8.07 36.25 -8.03
O5' M2G D 26 7.42 34.12 -9.17
C5' M2G D 26 6.08 34.39 -8.75
C4' M2G D 26 5.69 33.40 -7.68
O4' M2G D 26 6.43 33.64 -6.46
C3' M2G D 26 4.25 33.56 -7.29
O3' M2G D 26 3.47 32.83 -8.20
C2' M2G D 26 4.22 33.04 -5.86
O2' M2G D 26 4.20 31.65 -5.81
C1' M2G D 26 5.57 33.53 -5.34
N9 M2G D 26 5.51 34.83 -4.67
C8 M2G D 26 6.46 35.83 -4.71
N7 M2G D 26 6.10 36.90 -4.03
C5 M2G D 26 4.86 36.58 -3.51
C6 M2G D 26 3.98 37.34 -2.70
O6 M2G D 26 4.14 38.48 -2.24
N1 M2G D 26 2.80 36.64 -2.42
C2 M2G D 26 2.51 35.38 -2.86
N2 M2G D 26 1.30 34.84 -2.49
N3 M2G D 26 3.33 34.65 -3.61
C4 M2G D 26 4.47 35.31 -3.90
CM1 M2G D 26 0.27 35.70 -1.91
CM2 M2G D 26 1.04 33.42 -2.66
N1 OMC D 32 3.22 46.91 -20.96
C2 OMC D 32 3.46 45.55 -20.86
N3 OMC D 32 2.60 44.77 -20.16
C4 OMC D 32 1.52 45.32 -19.58
C5 OMC D 32 1.25 46.70 -19.67
C6 OMC D 32 2.12 47.45 -20.36
O2 OMC D 32 4.47 45.07 -21.42
N4 OMC D 32 0.70 44.52 -18.92
C1' OMC D 32 4.15 47.76 -21.75
C2' OMC D 32 3.84 47.63 -23.25
O2' OMC D 32 5.02 47.82 -24.01
CM2 OMC D 32 5.64 46.56 -24.22
C3' OMC D 32 2.82 48.75 -23.43
C4' OMC D 32 3.33 49.83 -22.49
O4' OMC D 32 3.94 49.12 -21.38
O3' OMC D 32 2.67 49.16 -24.78
C5' OMC D 32 2.25 50.75 -21.95
O5' OMC D 32 1.08 49.96 -21.62
P OMC D 32 -0.29 50.69 -21.24
OP1 OMC D 32 -0.46 51.79 -22.22
OP2 OMC D 32 -1.41 49.72 -21.02
P OMG D 34 0.35 44.87 -29.23
OP1 OMG D 34 0.45 44.60 -30.71
OP2 OMG D 34 0.18 46.27 -28.73
O5' OMG D 34 -0.85 43.99 -28.65
C5' OMG D 34 -2.18 44.44 -28.77
C4' OMG D 34 -3.11 43.27 -28.75
O4' OMG D 34 -2.91 42.48 -29.96
C3' OMG D 34 -2.88 42.31 -27.60
O3' OMG D 34 -3.52 42.74 -26.43
C2' OMG D 34 -3.37 40.99 -28.16
O2' OMG D 34 -4.77 40.86 -27.95
CM2 OMG D 34 -5.23 39.65 -28.57
C1' OMG D 34 -2.97 41.09 -29.63
N9 OMG D 34 -1.65 40.52 -29.96
C8 OMG D 34 -0.51 41.17 -30.40
N7 OMG D 34 0.51 40.39 -30.57
C5 OMG D 34 0.03 39.14 -30.22
C6 OMG D 34 0.67 37.89 -30.18
O6 OMG D 34 1.87 37.64 -30.45
N1 OMG D 34 -0.19 36.87 -29.77
C2 OMG D 34 -1.51 37.05 -29.43
N2 OMG D 34 -2.18 35.98 -29.09
N3 OMG D 34 -2.12 38.20 -29.44
C4 OMG D 34 -1.31 39.20 -29.84
N1 YG D 37 8.38 39.91 -22.80
N2 YG D 37 10.39 38.91 -22.93
C2 YG D 37 9.09 38.76 -22.73
N3 YG D 37 8.57 37.59 -22.43
C3 YG D 37 9.33 36.34 -22.56
C4 YG D 37 7.28 37.69 -22.06
C5 YG D 37 6.46 38.79 -22.09
C6 YG D 37 7.03 40.05 -22.50
O6 YG D 37 6.48 41.15 -22.61
N7 YG D 37 5.17 38.46 -21.68
C8 YG D 37 5.24 37.20 -21.37
N9 YG D 37 6.50 36.67 -21.50
C10 YG D 37 11.80 40.93 -23.14
C11 YG D 37 10.53 40.25 -23.04
C12 YG D 37 9.25 40.92 -23.11
C13 YG D 37 9.03 42.38 -23.55
C14 YG D 37 8.50 42.27 -24.98
C15 YG D 37 8.76 43.47 -25.92
C16 YG D 37 8.38 42.81 -27.23
O17 YG D 37 9.29 42.35 -27.95
O18 YG D 37 7.18 42.71 -27.61
C19 YG D 37 6.25 41.98 -26.83
N20 YG D 37 10.27 43.84 -25.98
C21 YG D 37 10.80 45.16 -26.01
O22 YG D 37 10.30 46.05 -26.71
O23 YG D 37 11.85 45.45 -25.32
C24 YG D 37 11.82 45.35 -23.87
C1' YG D 37 6.97 35.35 -21.07
C2' YG D 37 7.95 35.53 -19.90
O2' YG D 37 8.96 34.52 -19.86
C3' YG D 37 7.03 35.42 -18.70
O3' YG D 37 7.75 35.01 -17.56
C4' YG D 37 6.04 34.36 -19.15
O4' YG D 37 5.86 34.62 -20.57
C5' YG D 37 4.72 34.39 -18.45
O5' YG D 37 4.19 35.70 -18.47
P YG D 37 2.62 35.94 -18.41
OP1 YG D 37 2.06 35.29 -17.20
OP2 YG D 37 2.43 37.39 -18.63
N1 PSU D 39 7.41 42.02 -16.47
C2 PSU D 39 6.31 42.84 -16.50
N3 PSU D 39 6.60 44.18 -16.59
C4 PSU D 39 7.84 44.75 -16.67
C5 PSU D 39 8.92 43.83 -16.69
C6 PSU D 39 8.68 42.53 -16.57
O2 PSU D 39 5.16 42.44 -16.47
O4 PSU D 39 7.94 45.99 -16.72
C1' PSU D 39 10.30 44.36 -16.87
C2' PSU D 39 10.82 45.14 -15.67
O2' PSU D 39 11.57 46.21 -16.18
C3' PSU D 39 11.67 44.11 -14.98
C4' PSU D 39 12.26 43.32 -16.13
O3' PSU D 39 12.74 44.65 -14.21
O4' PSU D 39 11.21 43.30 -17.12
C5' PSU D 39 12.67 41.93 -15.75
O5' PSU D 39 11.63 41.29 -14.98
P PSU D 39 11.69 39.72 -14.68
OP1 PSU D 39 12.88 39.51 -13.85
OP2 PSU D 39 10.33 39.29 -14.18
P 5MC D 40 12.45 45.23 -12.75
OP1 5MC D 40 13.78 45.65 -12.24
OP2 5MC D 40 11.61 44.29 -11.94
O5' 5MC D 40 11.52 46.50 -13.05
C5' 5MC D 40 12.03 47.71 -13.66
C4' 5MC D 40 10.96 48.79 -13.64
O4' 5MC D 40 9.89 48.42 -14.53
C3' 5MC D 40 10.30 48.91 -12.29
O3' 5MC D 40 10.99 49.74 -11.41
C2' 5MC D 40 8.91 49.43 -12.61
O2' 5MC D 40 8.90 50.82 -12.77
C1' 5MC D 40 8.63 48.74 -13.95
N1 5MC D 40 7.87 47.50 -13.78
C2 5MC D 40 6.47 47.55 -13.86
O2 5MC D 40 5.92 48.64 -14.12
N3 5MC D 40 5.75 46.40 -13.69
C4 5MC D 40 6.39 45.24 -13.47
N4 5MC D 40 5.65 44.14 -13.30
C5 5MC D 40 7.84 45.18 -13.41
C6 5MC D 40 8.52 46.32 -13.55
CM5 5MC D 40 8.60 43.88 -13.27
P 7MG D 46 -3.10 37.47 7.58
OP1 7MG D 46 -4.02 36.43 8.13
OP2 7MG D 46 -3.26 38.89 7.98
O5' 7MG D 46 -1.62 37.05 7.95
C5' 7MG D 46 -1.07 35.83 7.41
C4' 7MG D 46 -0.01 35.28 8.33
O4' 7MG D 46 1.21 36.06 8.19
C3' 7MG D 46 -0.31 35.17 9.82
O3' 7MG D 46 0.10 33.88 10.33
C2' 7MG D 46 0.54 36.28 10.42
O2' 7MG D 46 0.99 36.00 11.73
C1' 7MG D 46 1.74 36.32 9.45
N9 7MG D 46 2.44 37.60 9.38
C8 7MG D 46 1.87 38.85 9.47
N7 7MG D 46 2.76 39.80 9.43
C5 7MG D 46 3.98 39.17 9.28
C6 7MG D 46 5.28 39.70 9.17
O6 7MG D 46 5.64 40.89 9.15
N1 7MG D 46 6.24 38.70 9.07
C2 7MG D 46 5.97 37.37 9.03
N2 7MG D 46 7.03 36.61 8.91
N3 7MG D 46 4.74 36.85 9.11
C4 7MG D 46 3.81 37.80 9.23
CM7 7MG D 46 2.50 41.25 9.53
P 5MC D 49 5.97 31.06 16.44
OP1 5MC D 49 6.40 31.39 17.84
OP2 5MC D 49 6.79 30.14 15.59
O5' 5MC D 49 4.55 30.36 16.57
C5' 5MC D 49 3.82 30.03 15.39
C4' 5MC D 49 3.02 28.80 15.62
O4' 5MC D 49 3.92 27.66 15.78
C3' 5MC D 49 2.23 28.84 16.92
O3' 5MC D 49 1.04 29.62 16.81
C2' 5MC D 49 2.04 27.36 17.24
O2' 5MC D 49 0.95 26.76 16.57
C1' 5MC D 49 3.38 26.77 16.76
N1 5MC D 49 4.34 26.65 17.88
C2 5MC D 49 3.96 25.90 19.00
O2 5MC D 49 2.86 25.36 19.01
N3 5MC D 49 4.80 25.79 20.05
C4 5MC D 49 5.99 26.41 20.01
N4 5MC D 49 6.81 26.30 21.06
C5 5MC D 49 6.41 27.16 18.86
C6 5MC D 49 5.57 27.25 17.83
CM5 5MC D 49 7.75 27.82 18.83
N1 5MU D 54 2.25 37.81 33.98
C2 5MU D 54 2.86 38.12 32.77
N3 5MU D 54 2.01 38.13 31.69
C4 5MU D 54 0.66 37.86 31.70
C5 5MU D 54 0.11 37.49 33.02
C5M 5MU D 54 -1.34 37.12 33.13
C6 5MU D 54 0.93 37.49 34.07
O2 5MU D 54 4.05 38.37 32.65
O4 5MU D 54 0.01 37.96 30.66
C1' 5MU D 54 3.06 37.83 35.20
C2' 5MU D 54 3.06 39.20 35.87
O2' 5MU D 54 4.30 39.45 36.54
C3' 5MU D 54 1.93 39.04 36.86
C4' 5MU D 54 2.08 37.60 37.29
O3' 5MU D 54 2.07 39.92 37.95
O4' 5MU D 54 2.48 36.90 36.11
C5' 5MU D 54 0.86 36.97 37.87
O5' 5MU D 54 -0.22 37.07 36.97
P 5MU D 54 -1.53 36.24 37.30
OP1 5MU D 54 -1.86 36.34 38.76
OP2 5MU D 54 -2.55 36.64 36.29
N1 PSU D 55 -0.93 40.83 33.30
C2 PSU D 55 -1.33 40.52 32.01
N3 PSU D 55 -0.49 40.96 31.02
C4 PSU D 55 0.68 41.67 31.19
C5 PSU D 55 1.00 41.98 32.56
C6 PSU D 55 0.20 41.54 33.54
O2 PSU D 55 -2.36 39.92 31.77
O4 PSU D 55 1.35 41.96 30.20
C1' PSU D 55 2.19 42.84 32.88
C2' PSU D 55 1.72 44.25 33.30
O2' PSU D 55 2.76 45.18 33.08
C3' PSU D 55 1.52 44.05 34.79
C4' PSU D 55 2.74 43.20 35.12
O3' PSU D 55 1.52 45.31 35.47
O4' PSU D 55 2.84 42.28 34.01
C5' PSU D 55 2.73 42.44 36.42
O5' PSU D 55 1.43 41.93 36.66
P PSU D 55 1.10 41.20 38.04
OP1 PSU D 55 1.58 42.08 39.13
OP2 PSU D 55 -0.31 40.67 38.05
P 1MA D 58 -1.38 40.76 26.98
OP1 1MA D 58 -2.40 40.03 26.17
OP2 1MA D 58 -1.33 40.55 28.46
O5' 1MA D 58 0.09 40.53 26.41
C5' 1MA D 58 0.46 41.16 25.18
C4' 1MA D 58 1.63 40.46 24.53
O4' 1MA D 58 2.78 40.42 25.44
C3' 1MA D 58 1.40 39.02 24.09
O3' 1MA D 58 2.24 38.86 22.97
C2' 1MA D 58 2.01 38.22 25.24
O2' 1MA D 58 2.46 36.92 24.88
C1' 1MA D 58 3.19 39.09 25.63
N9 1MA D 58 3.57 38.98 27.03
C8 1MA D 58 2.83 38.64 28.15
N7 1MA D 58 3.51 38.64 29.27
C5 1MA D 58 4.79 39.00 28.86
C6 1MA D 58 5.99 39.15 29.56
N6 1MA D 58 6.09 38.95 30.88
N1 1MA D 58 7.10 39.51 28.86
CM1 1MA D 58 8.39 39.71 29.52
C2 1MA D 58 6.98 39.68 27.51
N3 1MA D 58 5.90 39.55 26.73
C4 1MA D 58 4.84 39.20 27.48
N PHA D 77 5.85 -8.67 35.56
CA PHA D 77 6.32 -7.28 35.78
C PHA D 77 7.85 -7.33 35.87
O PHA D 77 8.45 -7.43 36.92
CB PHA D 77 5.69 -6.68 37.07
CG PHA D 77 6.46 -5.52 37.66
CD1 PHA D 77 6.62 -4.35 36.93
CD2 PHA D 77 7.10 -5.64 38.90
CE1 PHA D 77 7.42 -3.31 37.42
CE2 PHA D 77 7.90 -4.61 39.38
CZ PHA D 77 8.06 -3.45 38.64
N ILE E 6 41.20 -7.74 -13.99
CA ILE E 6 42.52 -8.45 -14.13
C ILE E 6 43.68 -7.47 -14.30
N ARG E 7 43.86 -6.62 -13.28
CA ARG E 7 44.89 -5.56 -13.21
C ARG E 7 46.20 -5.70 -14.03
N THR E 8 46.82 -4.57 -14.40
CA THR E 8 48.10 -4.55 -15.15
C THR E 8 48.73 -3.20 -15.61
N LYS E 9 48.35 -2.70 -16.79
CA LYS E 9 48.90 -1.45 -17.40
C LYS E 9 48.14 -0.08 -17.22
N PRO E 10 48.65 1.00 -17.87
CA PRO E 10 48.06 2.35 -17.80
C PRO E 10 46.78 2.52 -18.68
N HIS E 11 45.62 2.68 -18.02
CA HIS E 11 44.31 2.84 -18.72
C HIS E 11 44.00 4.30 -19.06
N VAL E 12 44.40 4.73 -20.25
CA VAL E 12 44.17 6.10 -20.71
C VAL E 12 42.80 6.11 -21.44
N ASN E 13 42.20 7.30 -21.64
CA ASN E 13 40.88 7.43 -22.30
C ASN E 13 40.91 8.20 -23.61
N VAL E 14 40.36 7.63 -24.68
CA VAL E 14 40.35 8.33 -25.96
C VAL E 14 39.21 7.95 -26.87
N GLY E 15 39.34 8.40 -28.12
CA GLY E 15 38.33 8.12 -29.14
C GLY E 15 38.46 8.81 -30.50
N THR E 16 37.56 8.39 -31.39
CA THR E 16 37.42 8.86 -32.76
C THR E 16 36.18 9.76 -32.90
N ILE E 17 36.40 10.94 -33.46
CA ILE E 17 35.31 11.87 -33.63
C ILE E 17 35.53 12.58 -34.95
N GLY E 18 34.54 12.48 -35.83
CA GLY E 18 34.68 13.11 -37.12
C GLY E 18 33.39 13.06 -37.89
N HIS E 19 33.40 13.75 -39.02
CA HIS E 19 32.24 13.82 -39.90
C HIS E 19 31.60 12.46 -40.05
N VAL E 20 30.44 12.43 -40.69
CA VAL E 20 29.76 11.17 -40.90
C VAL E 20 30.29 10.47 -42.16
N ASP E 21 30.57 9.18 -42.02
CA ASP E 21 31.06 8.34 -43.10
C ASP E 21 32.54 8.46 -43.46
N HIS E 22 33.27 9.27 -42.71
CA HIS E 22 34.69 9.44 -43.00
C HIS E 22 35.55 8.34 -42.41
N GLY E 23 35.07 7.63 -41.38
CA GLY E 23 35.88 6.55 -40.83
C GLY E 23 35.91 6.22 -39.35
N LYS E 24 35.44 7.11 -38.48
CA LYS E 24 35.44 6.85 -37.05
C LYS E 24 35.26 5.36 -36.70
N THR E 25 34.17 4.75 -37.16
CA THR E 25 33.85 3.34 -36.88
C THR E 25 34.80 2.27 -37.43
N THR E 26 35.34 2.46 -38.64
CA THR E 26 36.26 1.48 -39.23
C THR E 26 37.65 1.47 -38.56
N LEU E 27 38.33 2.63 -38.59
CA LEU E 27 39.66 2.79 -37.98
C LEU E 27 39.59 2.45 -36.51
N THR E 28 38.62 1.62 -36.15
CA THR E 28 38.47 1.20 -34.77
C THR E 28 38.90 -0.24 -34.68
N ALA E 29 38.35 -1.08 -35.55
CA ALA E 29 38.76 -2.46 -35.55
C ALA E 29 40.28 -2.42 -35.80
N ALA E 30 40.68 -1.53 -36.71
CA ALA E 30 42.09 -1.34 -37.08
C ALA E 30 42.94 -0.89 -35.88
N LEU E 31 42.55 -1.38 -34.72
CA LEU E 31 43.23 -1.11 -33.46
C LEU E 31 43.05 -2.38 -32.68
N THR E 32 41.85 -2.93 -32.75
CA THR E 32 41.58 -4.19 -32.07
C THR E 32 42.16 -5.34 -32.91
N TYR E 33 42.99 -4.95 -33.91
CA TYR E 33 43.67 -5.89 -34.82
C TYR E 33 45.14 -5.53 -34.93
N VAL E 34 45.42 -4.35 -35.45
CA VAL E 34 46.80 -3.88 -35.58
C VAL E 34 47.67 -4.04 -34.32
N ALA E 35 47.09 -3.76 -33.15
CA ALA E 35 47.80 -3.88 -31.87
C ALA E 35 47.25 -5.13 -31.19
N ALA E 36 46.35 -5.81 -31.89
CA ALA E 36 45.73 -7.04 -31.41
C ALA E 36 46.53 -8.22 -31.94
N ALA E 37 47.27 -7.95 -33.02
CA ALA E 37 48.12 -8.95 -33.67
C ALA E 37 49.19 -9.41 -32.69
N GLU E 38 48.93 -9.13 -31.42
CA GLU E 38 49.79 -9.50 -30.30
C GLU E 38 48.82 -9.74 -29.14
N ASN E 39 49.25 -9.37 -27.94
CA ASN E 39 48.48 -9.50 -26.72
C ASN E 39 47.11 -10.16 -26.90
N PRO E 40 46.85 -11.24 -26.14
CA PRO E 40 45.60 -12.03 -26.14
C PRO E 40 44.47 -11.18 -25.58
N ASN E 41 44.87 -10.04 -25.04
CA ASN E 41 43.95 -9.08 -24.46
C ASN E 41 43.26 -8.47 -25.68
N VAL E 42 44.08 -7.92 -26.58
CA VAL E 42 43.59 -7.29 -27.81
C VAL E 42 42.77 -8.32 -28.60
N GLU E 43 41.45 -8.20 -28.48
CA GLU E 43 40.48 -9.13 -29.08
C GLU E 43 39.83 -8.80 -30.44
N VAL E 44 38.73 -9.52 -30.70
CA VAL E 44 37.95 -9.46 -31.93
C VAL E 44 36.88 -8.35 -31.99
N LYS E 45 37.30 -7.13 -32.33
CA LYS E 45 36.35 -6.00 -32.47
C LYS E 45 36.30 -5.57 -33.94
N ASP E 46 35.49 -6.30 -34.69
CA ASP E 46 35.32 -6.07 -36.10
C ASP E 46 34.33 -4.92 -36.32
N TYR E 47 34.17 -4.54 -37.59
CA TYR E 47 33.26 -3.45 -37.98
C TYR E 47 31.84 -3.74 -37.48
N GLY E 48 31.06 -4.42 -38.33
CA GLY E 48 29.68 -4.78 -38.03
C GLY E 48 29.50 -5.29 -36.61
N ASP E 49 30.64 -5.49 -35.95
CA ASP E 49 30.69 -5.95 -34.56
C ASP E 49 30.08 -4.83 -33.74
N ILE E 50 30.69 -3.65 -33.85
CA ILE E 50 30.24 -2.45 -33.16
C ILE E 50 28.80 -2.14 -33.48
N ASP E 51 28.57 -1.79 -34.75
CA ASP E 51 27.26 -1.44 -35.27
C ASP E 51 26.20 -2.54 -35.14
N LYS E 52 26.27 -3.27 -34.04
CA LYS E 52 25.36 -4.36 -33.72
C LYS E 52 23.92 -4.02 -34.03
N ALA E 53 23.53 -2.80 -33.65
CA ALA E 53 22.17 -2.34 -33.85
C ALA E 53 21.65 -2.72 -35.22
N PRO E 54 20.41 -3.24 -35.25
CA PRO E 54 19.78 -3.64 -36.50
C PRO E 54 19.75 -2.44 -37.45
N GLU E 55 19.22 -1.34 -36.93
CA GLU E 55 19.12 -0.09 -37.69
C GLU E 55 20.49 0.47 -38.09
N GLU E 56 21.41 0.57 -37.13
CA GLU E 56 22.73 1.10 -37.44
C GLU E 56 23.23 0.46 -38.72
N ARG E 57 23.41 -0.86 -38.69
CA ARG E 57 23.89 -1.58 -39.87
C ARG E 57 22.89 -1.48 -41.01
N ALA E 58 21.63 -1.18 -40.69
CA ALA E 58 20.61 -1.05 -41.72
C ALA E 58 20.81 0.28 -42.48
N ARG E 59 20.92 1.39 -41.74
CA ARG E 59 21.13 2.71 -42.32
C ARG E 59 22.58 2.86 -42.84
N GLY E 60 23.52 2.21 -42.16
CA GLY E 60 24.89 2.30 -42.62
C GLY E 60 25.67 3.36 -41.87
N ILE E 61 25.15 3.77 -40.72
CA ILE E 61 25.81 4.77 -39.91
C ILE E 61 25.74 4.49 -38.41
N THR E 62 26.73 5.03 -37.70
CA THR E 62 26.85 4.87 -36.26
C THR E 62 25.91 5.90 -35.69
N ILE E 63 24.93 5.45 -34.93
CA ILE E 63 24.01 6.39 -34.33
C ILE E 63 24.35 6.34 -32.89
N ASN E 64 24.42 5.09 -32.43
CA ASN E 64 24.70 4.79 -31.05
C ASN E 64 26.17 4.78 -30.71
N THR E 65 26.48 5.37 -29.57
CA THR E 65 27.86 5.44 -29.11
C THR E 65 28.41 4.05 -28.92
N ALA E 66 29.68 3.86 -29.26
CA ALA E 66 30.34 2.56 -29.12
C ALA E 66 31.80 2.73 -28.69
N HIS E 67 32.24 1.88 -27.76
CA HIS E 67 33.61 1.92 -27.23
C HIS E 67 34.27 0.54 -27.22
N VAL E 68 35.45 0.44 -27.84
CA VAL E 68 36.19 -0.82 -27.90
C VAL E 68 37.65 -0.63 -27.49
N GLU E 69 37.97 -1.13 -26.30
CA GLU E 69 39.31 -1.01 -25.73
C GLU E 69 40.44 -1.56 -26.60
N TYR E 70 41.64 -1.56 -26.02
CA TYR E 70 42.85 -2.04 -26.66
C TYR E 70 44.07 -1.33 -26.04
N GLU E 71 45.24 -1.94 -26.18
CA GLU E 71 46.48 -1.40 -25.62
C GLU E 71 47.68 -1.47 -26.57
N THR E 72 48.44 -0.39 -26.64
CA THR E 72 49.62 -0.33 -27.48
C THR E 72 50.54 -1.35 -26.86
N ALA E 73 51.61 -0.83 -26.27
CA ALA E 73 52.60 -1.61 -25.58
C ALA E 73 52.58 -0.94 -24.22
N LYS E 74 53.14 0.26 -24.16
CA LYS E 74 53.22 1.01 -22.91
C LYS E 74 51.88 1.24 -22.19
N ARG E 75 50.97 1.96 -22.85
CA ARG E 75 49.69 2.26 -22.22
C ARG E 75 48.51 1.49 -22.78
N HIS E 76 47.54 1.24 -21.90
CA HIS E 76 46.30 0.55 -22.23
C HIS E 76 45.34 1.67 -22.57
N TYR E 77 44.38 1.41 -23.45
CA TYR E 77 43.48 2.46 -23.83
C TYR E 77 41.99 2.17 -23.70
N SER E 78 41.21 3.25 -23.58
CA SER E 78 39.76 3.20 -23.46
C SER E 78 39.27 4.13 -24.60
N HIS E 79 39.30 3.57 -25.80
CA HIS E 79 38.92 4.27 -27.03
C HIS E 79 37.45 4.12 -27.40
N VAL E 80 36.78 5.28 -27.53
CA VAL E 80 35.35 5.34 -27.88
C VAL E 80 35.04 5.83 -29.32
N ASP E 81 34.05 5.20 -29.92
CA ASP E 81 33.67 5.52 -31.28
C ASP E 81 32.42 6.37 -31.37
N CYS E 82 32.58 7.61 -31.84
CA CYS E 82 31.49 8.58 -31.94
C CYS E 82 30.70 8.59 -33.26
N PRO E 83 29.39 8.92 -33.22
CA PRO E 83 28.64 8.94 -34.47
C PRO E 83 28.92 10.26 -35.15
N GLY E 84 28.72 10.31 -36.47
CA GLY E 84 28.99 11.54 -37.22
C GLY E 84 27.78 12.31 -37.72
N HIS E 85 26.67 11.61 -37.93
CA HIS E 85 25.44 12.27 -38.41
C HIS E 85 25.03 13.40 -37.51
N ALA E 86 24.67 14.50 -38.14
CA ALA E 86 24.26 15.68 -37.42
C ALA E 86 23.17 15.25 -36.45
N ASP E 87 22.21 14.45 -36.92
CA ASP E 87 21.14 14.01 -36.03
C ASP E 87 21.55 13.46 -34.67
N TYR E 88 22.79 13.01 -34.52
CA TYR E 88 23.14 12.37 -33.27
C TYR E 88 24.26 12.92 -32.43
N ILE E 89 24.55 14.20 -32.60
CA ILE E 89 25.61 14.80 -31.81
C ILE E 89 25.43 14.52 -30.33
N LYS E 90 24.21 14.67 -29.81
CA LYS E 90 23.97 14.41 -28.40
C LYS E 90 24.82 13.25 -27.91
N ASN E 91 24.60 12.09 -28.52
CA ASN E 91 25.37 10.88 -28.16
C ASN E 91 26.81 11.25 -28.26
N MET E 92 27.24 11.59 -29.48
CA MET E 92 28.61 12.00 -29.73
C MET E 92 29.12 12.80 -28.56
N ILE E 93 28.50 13.96 -28.30
CA ILE E 93 28.91 14.80 -27.17
C ILE E 93 29.23 13.98 -25.91
N THR E 94 28.18 13.31 -25.40
CA THR E 94 28.29 12.48 -24.22
C THR E 94 29.68 11.82 -24.18
N GLY E 95 29.90 10.89 -25.11
CA GLY E 95 31.18 10.23 -25.20
C GLY E 95 32.33 11.17 -24.86
N ALA E 96 32.66 12.07 -25.78
CA ALA E 96 33.77 13.02 -25.61
C ALA E 96 33.85 13.68 -24.25
N ALA E 97 32.92 13.30 -23.38
CA ALA E 97 32.87 13.80 -22.00
C ALA E 97 33.61 12.81 -21.05
N GLN E 98 33.31 11.51 -21.16
CA GLN E 98 33.98 10.52 -20.31
C GLN E 98 35.21 9.93 -21.01
N MET E 99 35.99 10.82 -21.64
CA MET E 99 37.22 10.48 -22.36
C MET E 99 38.18 11.67 -22.23
N ASP E 100 39.35 11.59 -22.86
CA ASP E 100 40.33 12.68 -22.82
C ASP E 100 41.42 12.52 -23.88
N GLY E 101 41.35 13.36 -24.91
CA GLY E 101 42.29 13.30 -26.03
C GLY E 101 41.61 12.46 -27.10
N ALA E 102 41.69 12.87 -28.36
CA ALA E 102 41.05 12.07 -29.42
C ALA E 102 41.64 12.14 -30.83
N ILE E 103 41.23 11.14 -31.60
CA ILE E 103 41.66 10.98 -32.98
C ILE E 103 40.62 11.60 -33.86
N LEU E 104 41.01 12.67 -34.54
CA LEU E 104 40.12 13.37 -35.43
C LEU E 104 40.03 12.58 -36.73
N VAL E 105 39.05 11.68 -36.83
CA VAL E 105 38.91 10.92 -38.06
C VAL E 105 38.56 11.93 -39.16
N VAL E 106 39.27 11.91 -40.27
CA VAL E 106 38.99 12.87 -41.33
C VAL E 106 39.21 12.28 -42.72
N SER E 107 38.22 12.39 -43.60
CA SER E 107 38.36 11.86 -44.98
C SER E 107 39.44 12.64 -45.69
N ALA E 108 40.37 11.93 -46.34
CA ALA E 108 41.42 12.60 -47.08
C ALA E 108 40.94 12.78 -48.50
N ALA E 109 39.68 12.44 -48.74
CA ALA E 109 39.10 12.56 -50.06
C ALA E 109 37.96 13.56 -50.07
N ASP E 110 37.58 14.03 -48.89
CA ASP E 110 36.49 14.97 -48.79
C ASP E 110 36.84 16.21 -47.99
N GLY E 111 38.12 16.41 -47.69
CA GLY E 111 38.52 17.58 -46.94
C GLY E 111 37.70 17.69 -45.65
N PRO E 112 37.67 18.88 -45.01
CA PRO E 112 36.91 19.04 -43.77
C PRO E 112 35.42 19.13 -44.11
N MET E 113 34.55 18.96 -43.13
CA MET E 113 33.13 19.04 -43.41
C MET E 113 32.33 19.55 -42.20
N PRO E 114 31.01 19.76 -42.37
CA PRO E 114 30.13 20.24 -41.30
C PRO E 114 30.47 19.68 -39.90
N GLN E 115 30.45 18.36 -39.74
CA GLN E 115 30.76 17.74 -38.46
C GLN E 115 32.23 17.92 -38.11
N THR E 116 33.10 17.84 -39.13
CA THR E 116 34.53 18.06 -38.89
C THR E 116 34.54 19.23 -37.91
N ARG E 117 34.20 20.41 -38.43
CA ARG E 117 34.14 21.62 -37.64
C ARG E 117 33.34 21.33 -36.37
N GLU E 118 32.02 21.32 -36.50
CA GLU E 118 31.13 21.09 -35.38
C GLU E 118 31.71 20.20 -34.27
N HIS E 119 32.31 19.06 -34.65
CA HIS E 119 32.89 18.14 -33.65
C HIS E 119 34.11 18.74 -32.97
N ILE E 120 35.09 19.18 -33.76
CA ILE E 120 36.26 19.81 -33.20
C ILE E 120 35.68 20.85 -32.24
N LEU E 121 34.91 21.77 -32.80
CA LEU E 121 34.25 22.84 -32.01
C LEU E 121 33.61 22.30 -30.75
N LEU E 122 32.90 21.19 -30.87
CA LEU E 122 32.30 20.62 -29.69
C LEU E 122 33.45 20.35 -28.73
N ALA E 123 34.49 19.69 -29.25
CA ALA E 123 35.70 19.36 -28.50
C ALA E 123 36.15 20.61 -27.80
N ARG E 124 36.47 21.61 -28.61
CA ARG E 124 36.87 22.89 -28.09
C ARG E 124 35.88 23.29 -27.00
N GLN E 125 34.59 23.26 -27.32
CA GLN E 125 33.57 23.65 -26.36
C GLN E 125 33.68 22.77 -25.12
N VAL E 126 33.56 21.46 -25.30
CA VAL E 126 33.65 20.55 -24.18
C VAL E 126 35.02 20.50 -23.55
N GLY E 127 35.89 21.41 -23.99
CA GLY E 127 37.24 21.53 -23.44
C GLY E 127 38.32 20.48 -23.71
N VAL E 128 37.98 19.36 -24.34
CA VAL E 128 38.93 18.26 -24.63
C VAL E 128 40.43 18.62 -24.75
N PRO E 129 41.32 17.87 -24.03
CA PRO E 129 42.77 18.04 -23.99
C PRO E 129 43.60 18.07 -25.28
N TYR E 130 43.74 16.93 -25.96
CA TYR E 130 44.53 16.89 -27.20
C TYR E 130 43.90 16.14 -28.36
N ILE E 131 44.33 16.48 -29.56
CA ILE E 131 43.81 15.85 -30.76
C ILE E 131 44.87 15.53 -31.83
N VAL E 132 44.63 14.46 -32.58
CA VAL E 132 45.55 14.06 -33.63
C VAL E 132 44.75 13.61 -34.84
N VAL E 133 45.02 14.25 -35.96
CA VAL E 133 44.34 13.94 -37.18
C VAL E 133 44.81 12.59 -37.68
N PHE E 134 44.04 12.00 -38.59
CA PHE E 134 44.37 10.75 -39.26
C PHE E 134 43.80 10.86 -40.66
N MET E 135 44.39 11.74 -41.48
CA MET E 135 43.96 11.96 -42.85
C MET E 135 43.77 10.60 -43.51
N ASN E 136 42.55 10.08 -43.44
CA ASN E 136 42.14 8.75 -43.92
C ASN E 136 41.55 8.59 -45.34
N LYS E 137 41.30 7.35 -45.74
CA LYS E 137 40.78 7.02 -47.05
C LYS E 137 41.80 7.41 -48.10
N VAL E 138 43.06 7.59 -47.67
CA VAL E 138 44.14 7.98 -48.57
C VAL E 138 44.08 7.28 -49.92
N ASP E 139 44.01 5.95 -49.86
CA ASP E 139 43.94 5.09 -51.05
C ASP E 139 43.03 5.65 -52.14
N MET E 140 41.94 6.29 -51.74
CA MET E 140 41.05 6.86 -52.73
C MET E 140 41.78 8.04 -53.40
N VAL E 141 42.67 8.68 -52.63
CA VAL E 141 43.45 9.82 -53.10
C VAL E 141 44.83 9.42 -53.59
N ASP E 142 45.24 10.05 -54.70
CA ASP E 142 46.54 9.78 -55.30
C ASP E 142 47.35 11.07 -55.49
N ASP E 143 46.82 11.98 -56.31
CA ASP E 143 47.47 13.27 -56.58
C ASP E 143 47.99 13.88 -55.28
N PRO E 144 49.33 13.95 -55.13
CA PRO E 144 49.96 14.51 -53.93
C PRO E 144 49.60 15.98 -53.61
N GLU E 145 49.52 16.81 -54.65
CA GLU E 145 49.17 18.23 -54.50
C GLU E 145 47.83 18.35 -53.80
N LEU E 146 47.20 17.20 -53.59
CA LEU E 146 45.91 17.12 -52.94
C LEU E 146 46.04 16.60 -51.51
N LEU E 147 47.01 15.71 -51.28
CA LEU E 147 47.21 15.16 -49.93
C LEU E 147 47.84 16.20 -49.02
N ASP E 148 48.71 17.02 -49.60
CA ASP E 148 49.34 18.08 -48.82
C ASP E 148 48.22 19.07 -48.64
N LEU E 149 47.69 19.52 -49.77
CA LEU E 149 46.59 20.47 -49.83
C LEU E 149 45.47 20.23 -48.82
N VAL E 150 45.27 18.98 -48.41
CA VAL E 150 44.19 18.67 -47.46
C VAL E 150 44.70 18.40 -46.02
N GLU E 151 45.86 18.95 -45.71
CA GLU E 151 46.45 18.84 -44.37
C GLU E 151 46.59 20.30 -43.94
N MET E 152 46.75 21.17 -44.95
CA MET E 152 46.90 22.60 -44.79
C MET E 152 45.58 23.25 -44.38
N GLU E 153 44.50 22.46 -44.44
CA GLU E 153 43.17 22.94 -44.08
C GLU E 153 42.76 22.44 -42.71
N VAL E 154 43.34 21.32 -42.30
CA VAL E 154 43.02 20.77 -41.00
C VAL E 154 43.88 21.47 -39.96
N ARG E 155 45.03 21.98 -40.39
CA ARG E 155 45.87 22.69 -39.46
C ARG E 155 45.12 23.99 -39.34
N ASP E 156 44.80 24.55 -40.49
CA ASP E 156 44.05 25.79 -40.62
C ASP E 156 42.87 25.77 -39.67
N LEU E 157 42.06 24.72 -39.78
CA LEU E 157 40.87 24.55 -38.94
C LEU E 157 41.21 24.33 -37.46
N LEU E 158 41.97 23.29 -37.15
CA LEU E 158 42.32 23.03 -35.76
C LEU E 158 42.88 24.28 -35.11
N ASN E 159 43.27 25.25 -35.94
CA ASN E 159 43.75 26.51 -35.41
C ASN E 159 42.48 27.20 -34.96
N GLN E 160 41.76 27.72 -35.95
CA GLN E 160 40.48 28.42 -35.78
C GLN E 160 39.80 28.06 -34.46
N TYR E 161 39.82 26.78 -34.13
CA TYR E 161 39.24 26.34 -32.88
C TYR E 161 40.43 26.10 -31.97
N GLU E 162 40.99 27.21 -31.48
CA GLU E 162 42.14 27.20 -30.57
C GLU E 162 42.75 25.83 -30.37
N PHE E 163 43.67 25.46 -31.24
CA PHE E 163 44.30 24.15 -31.08
C PHE E 163 45.70 24.07 -31.66
N PRO E 164 46.53 23.10 -31.18
CA PRO E 164 47.90 22.92 -31.67
C PRO E 164 48.07 23.12 -33.19
N GLY E 165 46.95 23.20 -33.89
CA GLY E 165 46.95 23.41 -35.33
C GLY E 165 48.06 22.79 -36.15
N ASP E 166 49.15 23.54 -36.32
CA ASP E 166 50.29 23.08 -37.11
C ASP E 166 51.23 22.23 -36.27
N GLU E 167 50.91 22.10 -34.98
CA GLU E 167 51.70 21.30 -34.04
C GLU E 167 51.23 19.85 -34.03
N VAL E 168 49.99 19.63 -34.42
CA VAL E 168 49.40 18.30 -34.41
C VAL E 168 49.80 17.33 -35.51
N PRO E 169 49.71 16.03 -35.19
CA PRO E 169 50.05 14.91 -36.06
C PRO E 169 49.02 14.66 -37.18
N VAL E 170 49.47 14.73 -38.43
CA VAL E 170 48.56 14.46 -39.55
C VAL E 170 48.91 13.09 -40.13
N ILE E 171 48.72 12.05 -39.32
CA ILE E 171 49.03 10.67 -39.71
C ILE E 171 48.24 10.15 -40.92
N ARG E 172 48.54 10.66 -42.12
CA ARG E 172 47.84 10.22 -43.33
C ARG E 172 47.79 8.69 -43.38
N GLY E 173 46.62 8.11 -43.65
CA GLY E 173 46.49 6.66 -43.69
C GLY E 173 45.20 6.10 -44.26
N SER E 174 45.00 4.79 -44.18
CA SER E 174 43.78 4.15 -44.68
C SER E 174 43.27 3.08 -43.72
N ALA E 175 42.12 3.38 -43.11
CA ALA E 175 41.48 2.51 -42.13
C ALA E 175 40.97 1.20 -42.68
N LEU E 176 40.64 1.19 -43.97
CA LEU E 176 40.12 -0.04 -44.53
C LEU E 176 41.20 -1.03 -44.97
N LEU E 177 42.12 -0.58 -45.83
CA LEU E 177 43.20 -1.44 -46.34
C LEU E 177 43.97 -2.13 -45.22
N ALA E 178 44.33 -1.33 -44.21
CA ALA E 178 45.05 -1.81 -43.05
C ALA E 178 44.14 -2.71 -42.20
N LEU E 179 42.86 -2.79 -42.55
CA LEU E 179 41.90 -3.64 -41.82
C LEU E 179 41.54 -4.84 -42.67
N GLU E 180 41.93 -4.79 -43.94
CA GLU E 180 41.69 -5.91 -44.82
C GLU E 180 42.91 -6.81 -44.67
N GLU E 181 43.95 -6.28 -44.06
CA GLU E 181 45.17 -7.04 -43.81
C GLU E 181 44.97 -7.82 -42.53
N MET E 182 44.72 -7.10 -41.44
CA MET E 182 44.50 -7.71 -40.13
C MET E 182 43.44 -8.83 -40.26
N HIS E 183 42.72 -8.83 -41.37
CA HIS E 183 41.72 -9.84 -41.60
C HIS E 183 42.36 -11.04 -42.24
N LYS E 184 43.15 -10.81 -43.28
CA LYS E 184 43.86 -11.90 -43.95
C LYS E 184 44.85 -12.49 -42.98
N ASN E 185 45.90 -11.74 -42.65
CA ASN E 185 46.89 -12.23 -41.71
C ASN E 185 46.67 -11.68 -40.29
N PRO E 186 45.72 -12.26 -39.54
CA PRO E 186 45.38 -11.85 -38.17
C PRO E 186 46.50 -11.37 -37.25
N LYS E 187 47.65 -12.04 -37.30
CA LYS E 187 48.79 -11.65 -36.47
C LYS E 187 49.93 -10.98 -37.23
N THR E 188 49.60 -10.11 -38.19
CA THR E 188 50.64 -9.38 -38.93
C THR E 188 51.20 -8.45 -37.87
N LYS E 189 52.50 -8.19 -37.87
CA LYS E 189 53.06 -7.28 -36.87
C LYS E 189 53.56 -5.96 -37.47
N ARG E 190 53.97 -5.04 -36.60
CA ARG E 190 54.46 -3.74 -37.04
C ARG E 190 55.49 -3.95 -38.14
N GLY E 191 55.84 -2.87 -38.84
CA GLY E 191 56.83 -2.98 -39.90
C GLY E 191 56.55 -4.05 -40.94
N GLU E 192 55.33 -4.58 -40.97
CA GLU E 192 54.97 -5.60 -41.96
C GLU E 192 54.12 -5.00 -43.06
N ASN E 193 52.88 -4.64 -42.74
CA ASN E 193 51.99 -4.06 -43.72
C ASN E 193 52.16 -2.54 -43.76
N GLU E 194 52.31 -1.97 -44.95
CA GLU E 194 52.47 -0.53 -45.08
C GLU E 194 51.20 0.23 -44.68
N TRP E 195 50.12 -0.51 -44.46
CA TRP E 195 48.85 0.09 -44.07
C TRP E 195 48.65 -0.10 -42.59
N VAL E 196 49.13 -1.24 -42.08
CA VAL E 196 49.06 -1.55 -40.66
C VAL E 196 50.20 -0.76 -39.99
N ASP E 197 50.93 0.01 -40.80
CA ASP E 197 52.05 0.86 -40.33
C ASP E 197 51.56 2.28 -40.09
N LYS E 198 50.75 2.79 -41.02
CA LYS E 198 50.20 4.13 -40.89
C LYS E 198 49.48 4.18 -39.55
N ILE E 199 48.85 3.04 -39.21
CA ILE E 199 48.10 2.84 -37.96
C ILE E 199 49.02 3.08 -36.75
N TRP E 200 50.13 2.36 -36.73
CA TRP E 200 51.07 2.53 -35.65
C TRP E 200 51.48 4.00 -35.58
N GLU E 201 51.99 4.56 -36.68
CA GLU E 201 52.38 5.98 -36.69
C GLU E 201 51.30 6.77 -35.98
N LEU E 202 50.06 6.32 -36.16
CA LEU E 202 48.89 6.93 -35.56
C LEU E 202 48.90 6.70 -34.05
N LEU E 203 49.35 5.53 -33.61
CA LEU E 203 49.43 5.27 -32.18
C LEU E 203 50.71 5.90 -31.61
N ASP E 204 51.77 5.87 -32.42
CA ASP E 204 53.08 6.44 -32.06
C ASP E 204 52.95 7.94 -32.04
N ALA E 205 51.71 8.36 -32.19
CA ALA E 205 51.34 9.75 -32.14
C ALA E 205 50.43 9.84 -30.92
N ILE E 206 49.72 8.75 -30.60
CA ILE E 206 48.85 8.72 -29.41
C ILE E 206 49.78 8.84 -28.23
N ASP E 207 50.53 7.77 -28.05
CA ASP E 207 51.50 7.62 -26.99
C ASP E 207 52.35 8.88 -26.99
N GLU E 208 52.54 9.40 -28.20
CA GLU E 208 53.34 10.61 -28.47
C GLU E 208 52.66 11.95 -28.13
N TYR E 209 51.36 12.08 -28.38
CA TYR E 209 50.64 13.33 -28.10
C TYR E 209 49.99 13.37 -26.71
N ILE E 210 49.02 12.50 -26.46
CA ILE E 210 48.33 12.45 -25.15
C ILE E 210 49.30 12.08 -24.04
N PRO E 211 49.40 12.94 -22.99
CA PRO E 211 50.30 12.68 -21.86
C PRO E 211 49.80 11.71 -20.79
N THR E 212 48.72 12.03 -20.09
CA THR E 212 48.29 11.12 -19.03
C THR E 212 46.84 11.15 -18.68
N PRO E 213 46.35 10.07 -18.06
CA PRO E 213 44.95 9.97 -17.65
C PRO E 213 44.87 10.00 -16.11
N VAL E 214 45.80 10.74 -15.48
CA VAL E 214 45.90 10.89 -14.01
C VAL E 214 44.60 11.31 -13.31
N ARG E 215 44.41 10.83 -12.10
CA ARG E 215 43.17 11.11 -11.38
C ARG E 215 43.26 10.95 -9.87
N ASP E 216 42.25 10.26 -9.31
CA ASP E 216 42.15 10.00 -7.88
C ASP E 216 40.86 9.25 -7.48
N VAL E 217 41.05 8.15 -6.74
CA VAL E 217 39.96 7.30 -6.26
C VAL E 217 39.76 7.52 -4.77
N ASP E 218 40.18 8.69 -4.28
CA ASP E 218 40.11 9.01 -2.86
C ASP E 218 38.80 9.55 -2.32
N LYS E 219 37.78 9.64 -3.18
CA LYS E 219 36.48 10.14 -2.75
C LYS E 219 35.37 9.23 -3.31
N PRO E 220 34.55 8.64 -2.38
CA PRO E 220 33.41 7.73 -2.52
C PRO E 220 32.95 7.17 -3.84
N PHE E 221 31.85 6.42 -3.73
CA PHE E 221 31.28 5.79 -4.88
C PHE E 221 30.66 6.92 -5.68
N LEU E 222 30.84 6.83 -7.00
CA LEU E 222 30.33 7.82 -7.92
C LEU E 222 30.41 7.28 -9.34
N MET E 223 29.33 6.67 -9.82
CA MET E 223 29.42 6.19 -11.19
C MET E 223 28.55 6.98 -12.19
N PRO E 224 29.20 7.85 -13.00
CA PRO E 224 28.41 8.59 -13.98
C PRO E 224 27.82 7.52 -14.90
N VAL E 225 26.65 7.02 -14.47
CA VAL E 225 25.93 5.98 -15.18
C VAL E 225 25.87 6.28 -16.67
N GLU E 226 26.76 5.65 -17.40
CA GLU E 226 26.79 5.85 -18.82
C GLU E 226 25.89 4.81 -19.53
N ASP E 227 25.64 3.63 -18.95
CA ASP E 227 24.76 2.63 -19.63
C ASP E 227 24.04 1.57 -18.74
N VAL E 228 22.97 0.97 -19.29
CA VAL E 228 22.13 -0.01 -18.56
C VAL E 228 21.50 -1.12 -19.44
N PHE E 229 21.52 -2.37 -18.92
CA PHE E 229 20.96 -3.57 -19.57
C PHE E 229 20.67 -4.70 -18.59
N THR E 230 19.64 -5.49 -18.93
CA THR E 230 19.26 -6.65 -18.15
C THR E 230 20.05 -7.80 -18.77
N ILE E 231 21.17 -8.16 -18.12
CA ILE E 231 22.08 -9.23 -18.60
C ILE E 231 21.72 -10.71 -18.28
N THR E 232 20.66 -11.20 -18.91
CA THR E 232 20.17 -12.57 -18.80
C THR E 232 20.62 -13.43 -17.60
N GLY E 233 19.65 -13.85 -16.77
CA GLY E 233 19.93 -14.71 -15.63
C GLY E 233 20.20 -14.10 -14.27
N ARG E 234 20.60 -12.83 -14.22
CA ARG E 234 20.91 -12.18 -12.95
C ARG E 234 20.06 -10.94 -12.67
N GLY E 235 20.73 -9.78 -12.59
CA GLY E 235 20.05 -8.51 -12.32
C GLY E 235 20.19 -7.38 -13.36
N THR E 236 21.33 -6.67 -13.37
CA THR E 236 21.57 -5.57 -14.31
C THR E 236 22.87 -4.82 -14.01
N VAL E 237 23.54 -4.37 -15.07
CA VAL E 237 24.82 -3.66 -14.94
C VAL E 237 24.90 -2.24 -15.49
N ALA E 238 25.61 -1.38 -14.77
CA ALA E 238 25.76 0.01 -15.16
C ALA E 238 27.16 0.41 -15.61
N THR E 239 27.48 0.21 -16.89
CA THR E 239 28.80 0.59 -17.40
C THR E 239 28.99 2.07 -17.21
N GLY E 240 30.22 2.54 -17.10
CA GLY E 240 30.43 3.95 -16.94
C GLY E 240 31.67 4.39 -16.18
N ARG E 241 32.66 4.83 -16.96
CA ARG E 241 33.94 5.33 -16.44
C ARG E 241 33.72 6.10 -15.16
N ILE E 242 34.01 5.48 -14.03
CA ILE E 242 33.84 6.14 -12.75
C ILE E 242 34.88 7.27 -12.64
N GLU E 243 34.46 8.40 -12.10
CA GLU E 243 35.38 9.52 -11.97
C GLU E 243 36.28 9.34 -10.76
N ARG E 244 35.64 9.19 -9.59
CA ARG E 244 36.30 8.99 -8.28
C ARG E 244 35.48 8.07 -7.34
N GLY E 245 35.99 6.84 -7.16
CA GLY E 245 35.36 5.85 -6.31
C GLY E 245 36.14 4.53 -6.18
N LYS E 246 35.72 3.51 -6.95
CA LYS E 246 36.28 2.14 -7.02
C LYS E 246 35.29 1.19 -6.36
N VAL E 247 34.93 0.09 -7.03
CA VAL E 247 33.93 -0.82 -6.45
C VAL E 247 34.18 -2.32 -6.28
N LYS E 248 34.42 -2.73 -5.03
CA LYS E 248 34.61 -4.13 -4.73
C LYS E 248 33.20 -4.65 -4.69
N VAL E 249 32.90 -5.58 -5.58
CA VAL E 249 31.58 -6.18 -5.62
C VAL E 249 31.00 -6.24 -4.20
N GLY E 250 29.69 -6.27 -4.08
CA GLY E 250 29.07 -6.38 -2.77
C GLY E 250 28.96 -5.13 -1.89
N ASP E 251 29.24 -3.96 -2.46
CA ASP E 251 29.16 -2.69 -1.74
C ASP E 251 27.71 -2.21 -1.69
N GLU E 252 27.19 -1.93 -0.51
CA GLU E 252 25.82 -1.41 -0.44
C GLU E 252 25.98 -0.07 -1.16
N VAL E 253 25.13 0.16 -2.16
CA VAL E 253 25.23 1.38 -2.94
C VAL E 253 23.94 2.16 -3.00
N GLU E 254 23.98 3.21 -3.84
CA GLU E 254 22.88 4.15 -4.12
C GLU E 254 23.03 4.84 -5.48
N ILE E 255 21.91 5.23 -6.04
CA ILE E 255 21.90 5.93 -7.30
C ILE E 255 21.43 7.35 -6.96
N VAL E 256 22.26 8.34 -7.25
CA VAL E 256 21.94 9.74 -6.94
C VAL E 256 21.65 10.66 -8.15
N GLY E 257 20.39 10.71 -8.59
CA GLY E 257 20.02 11.54 -9.72
C GLY E 257 18.62 11.29 -10.24
N LEU E 258 18.43 11.57 -11.52
CA LEU E 258 17.18 11.40 -12.24
C LEU E 258 16.00 10.75 -11.49
N ALA E 259 16.27 9.60 -10.86
CA ALA E 259 15.25 8.87 -10.10
C ALA E 259 14.83 9.61 -8.82
N PRO E 260 13.54 9.52 -8.45
CA PRO E 260 12.98 10.16 -7.26
C PRO E 260 13.91 10.20 -6.05
N GLU E 261 14.00 9.07 -5.36
CA GLU E 261 14.83 8.94 -4.17
C GLU E 261 16.10 8.16 -4.50
N THR E 262 17.11 8.29 -3.62
CA THR E 262 18.40 7.62 -3.79
C THR E 262 18.26 6.09 -3.64
N ARG E 263 18.02 5.37 -4.73
CA ARG E 263 17.86 3.91 -4.69
C ARG E 263 19.09 3.17 -4.16
N LYS E 264 18.87 2.22 -3.25
CA LYS E 264 19.97 1.43 -2.66
C LYS E 264 19.93 -0.03 -3.09
N THR E 265 21.10 -0.61 -3.31
CA THR E 265 21.20 -1.99 -3.75
C THR E 265 22.56 -2.61 -3.41
N VAL E 266 23.08 -3.49 -4.28
CA VAL E 266 24.36 -4.13 -4.02
C VAL E 266 25.20 -4.30 -5.29
N VAL E 267 26.50 -4.17 -5.16
CA VAL E 267 27.37 -4.35 -6.32
C VAL E 267 27.73 -5.80 -6.59
N THR E 268 26.85 -6.74 -6.25
CA THR E 268 27.10 -8.16 -6.49
C THR E 268 27.21 -8.45 -7.99
N GLY E 269 28.20 -7.82 -8.62
CA GLY E 269 28.43 -7.96 -10.06
C GLY E 269 29.31 -6.76 -10.35
N VAL E 270 30.59 -7.01 -10.68
CA VAL E 270 31.51 -5.92 -10.95
C VAL E 270 32.48 -6.17 -12.11
N GLU E 271 31.98 -6.68 -13.24
CA GLU E 271 32.89 -6.94 -14.36
C GLU E 271 33.90 -5.84 -14.76
N MET E 272 34.17 -5.75 -16.07
CA MET E 272 35.12 -4.78 -16.65
C MET E 272 35.67 -5.36 -17.96
N HIS E 273 35.25 -4.77 -19.08
CA HIS E 273 35.66 -5.24 -20.40
C HIS E 273 35.27 -6.69 -20.55
N ARG E 274 34.29 -7.08 -19.73
CA ARG E 274 33.76 -8.45 -19.68
C ARG E 274 34.78 -9.34 -18.97
N LYS E 275 35.74 -8.71 -18.30
CA LYS E 275 36.81 -9.42 -17.60
C LYS E 275 36.88 -9.00 -16.13
N THR E 276 35.97 -9.57 -15.33
CA THR E 276 35.87 -9.26 -13.91
C THR E 276 37.14 -8.68 -13.30
N LEU E 277 36.92 -7.69 -12.46
CA LEU E 277 37.98 -7.03 -11.76
C LEU E 277 37.57 -7.06 -10.28
N GLN E 278 38.54 -6.78 -9.41
CA GLN E 278 38.34 -6.78 -7.97
C GLN E 278 37.40 -5.66 -7.57
N GLU E 279 37.86 -4.44 -7.83
CA GLU E 279 37.15 -3.23 -7.48
C GLU E 279 37.62 -2.10 -8.41
N GLY E 280 37.05 -2.05 -9.63
CA GLY E 280 37.43 -1.02 -10.57
C GLY E 280 37.89 0.30 -9.95
N ILE E 281 38.73 1.06 -10.64
CA ILE E 281 39.19 2.32 -10.07
C ILE E 281 39.07 3.57 -10.97
N ALA E 282 39.82 4.59 -10.58
CA ALA E 282 39.86 5.87 -11.27
C ALA E 282 39.77 5.80 -12.80
N GLY E 283 38.84 6.58 -13.36
CA GLY E 283 38.65 6.64 -14.81
C GLY E 283 38.55 5.35 -15.60
N ASP E 284 38.54 4.23 -14.88
CA ASP E 284 38.44 2.96 -15.56
C ASP E 284 36.97 2.71 -15.91
N ASN E 285 36.69 2.60 -17.21
CA ASN E 285 35.33 2.36 -17.64
C ASN E 285 34.83 1.01 -17.11
N VAL E 286 34.56 0.96 -15.81
CA VAL E 286 34.10 -0.25 -15.13
C VAL E 286 32.72 -0.73 -15.59
N GLY E 287 32.12 -1.69 -14.87
CA GLY E 287 30.81 -2.17 -15.24
C GLY E 287 30.26 -3.15 -14.22
N LEU E 288 29.40 -2.65 -13.32
CA LEU E 288 28.82 -3.45 -12.22
C LEU E 288 27.31 -3.74 -12.17
N LEU E 289 26.98 -4.90 -11.62
CA LEU E 289 25.58 -5.32 -11.47
C LEU E 289 25.19 -4.85 -10.08
N LEU E 290 23.90 -4.93 -9.80
CA LEU E 290 23.39 -4.55 -8.51
C LEU E 290 22.13 -5.34 -8.13
N ARG E 291 22.11 -5.74 -6.86
CA ARG E 291 21.04 -6.54 -6.27
C ARG E 291 19.79 -5.74 -5.91
N GLY E 292 18.77 -5.81 -6.76
CA GLY E 292 17.52 -5.09 -6.49
C GLY E 292 17.28 -3.82 -7.28
N VAL E 293 17.99 -3.69 -8.39
CA VAL E 293 17.87 -2.53 -9.24
C VAL E 293 17.93 -2.98 -10.68
N SER E 294 16.78 -3.26 -11.28
CA SER E 294 16.77 -3.68 -12.68
C SER E 294 17.04 -2.44 -13.53
N ARG E 295 16.71 -2.51 -14.81
CA ARG E 295 16.90 -1.36 -15.67
C ARG E 295 15.88 -0.32 -15.15
N GLU E 296 14.69 -0.84 -14.81
CA GLU E 296 13.56 -0.10 -14.25
C GLU E 296 13.92 0.58 -12.92
N GLU E 297 15.20 0.51 -12.56
CA GLU E 297 15.66 1.06 -11.31
C GLU E 297 16.93 1.87 -11.52
N VAL E 298 17.32 2.04 -12.78
CA VAL E 298 18.50 2.86 -13.06
C VAL E 298 18.72 3.10 -14.55
N GLU E 299 18.80 4.40 -14.87
CA GLU E 299 18.99 4.88 -16.23
C GLU E 299 20.16 5.83 -16.39
N ARG E 300 20.74 5.79 -17.58
CA ARG E 300 21.86 6.65 -17.93
C ARG E 300 21.64 7.99 -17.27
N GLY E 301 22.60 8.43 -16.48
CA GLY E 301 22.41 9.70 -15.81
C GLY E 301 22.79 9.73 -14.34
N GLN E 302 22.04 9.07 -13.44
CA GLN E 302 22.37 9.15 -12.01
C GLN E 302 23.84 8.91 -11.69
N VAL E 303 24.14 8.90 -10.41
CA VAL E 303 25.49 8.59 -10.00
C VAL E 303 25.41 7.50 -8.96
N LEU E 304 25.80 6.30 -9.39
CA LEU E 304 25.83 5.17 -8.48
C LEU E 304 26.86 5.68 -7.53
N ALA E 305 26.40 5.88 -6.30
CA ALA E 305 27.26 6.39 -5.28
C ALA E 305 26.83 5.89 -3.93
N LYS E 306 27.75 5.15 -3.31
CA LYS E 306 27.60 4.58 -2.00
C LYS E 306 26.79 5.56 -1.15
N PRO E 307 26.05 5.02 -0.15
CA PRO E 307 25.22 5.86 0.73
C PRO E 307 25.93 7.05 1.41
N GLY E 308 25.66 8.27 0.94
CA GLY E 308 26.29 9.43 1.56
C GLY E 308 27.12 10.32 0.67
N SER E 309 27.42 9.88 -0.57
CA SER E 309 28.20 10.73 -1.49
C SER E 309 27.33 11.95 -1.93
N ILE E 310 27.96 13.00 -2.49
CA ILE E 310 27.26 14.22 -2.90
C ILE E 310 25.82 14.07 -3.45
N THR E 311 24.95 14.68 -2.67
CA THR E 311 23.50 14.73 -2.81
C THR E 311 22.85 15.17 -4.11
N PRO E 312 21.51 14.96 -4.19
CA PRO E 312 20.65 15.31 -5.31
C PRO E 312 20.05 16.72 -5.09
N HIS E 313 19.94 17.50 -6.16
CA HIS E 313 19.38 18.86 -6.07
C HIS E 313 18.53 19.25 -7.27
N THR E 314 17.60 20.16 -7.02
CA THR E 314 16.69 20.64 -8.03
C THR E 314 17.05 22.09 -8.30
N LYS E 315 17.27 22.84 -7.23
CA LYS E 315 17.64 24.25 -7.31
C LYS E 315 19.15 24.38 -7.40
N PHE E 316 19.73 25.49 -6.94
CA PHE E 316 21.18 25.73 -6.94
C PHE E 316 21.61 27.02 -7.57
N GLU E 317 22.89 27.36 -7.41
CA GLU E 317 23.45 28.61 -7.92
C GLU E 317 24.63 28.29 -8.82
N ALA E 318 25.17 29.27 -9.54
CA ALA E 318 26.29 28.94 -10.41
C ALA E 318 26.96 30.11 -11.08
N SER E 319 28.26 29.98 -11.36
CA SER E 319 29.00 31.03 -12.07
C SER E 319 29.08 30.55 -13.49
N VAL E 320 28.61 31.39 -14.38
CA VAL E 320 28.56 31.00 -15.76
C VAL E 320 29.26 31.95 -16.72
N TYR E 321 29.74 31.38 -17.82
CA TYR E 321 30.35 32.17 -18.87
C TYR E 321 29.54 31.84 -20.11
N ILE E 322 28.83 32.82 -20.64
CA ILE E 322 28.05 32.56 -21.84
C ILE E 322 28.98 32.81 -22.99
N LEU E 323 29.16 31.83 -23.87
CA LEU E 323 30.04 32.03 -25.01
C LEU E 323 29.42 33.07 -25.94
N LYS E 324 30.32 33.79 -26.61
CA LYS E 324 29.96 34.80 -27.58
C LYS E 324 29.51 34.04 -28.81
N LYS E 325 28.85 34.72 -29.75
CA LYS E 325 28.40 34.03 -30.95
C LYS E 325 29.65 33.58 -31.63
N GLU E 326 30.67 34.43 -31.49
CA GLU E 326 31.97 34.20 -32.07
C GLU E 326 32.53 32.83 -31.68
N GLU E 327 32.00 32.26 -30.60
CA GLU E 327 32.48 30.96 -30.16
C GLU E 327 31.47 29.85 -30.35
N GLY E 328 30.48 30.10 -31.21
CA GLY E 328 29.44 29.12 -31.47
C GLY E 328 28.28 29.24 -30.50
N GLY E 329 28.34 30.27 -29.65
CA GLY E 329 27.32 30.51 -28.65
C GLY E 329 26.14 31.18 -29.30
N ARG E 330 25.22 31.73 -28.49
CA ARG E 330 24.08 32.38 -29.12
C ARG E 330 24.38 33.82 -29.54
N HIS E 331 23.50 34.44 -30.32
CA HIS E 331 23.74 35.80 -30.77
C HIS E 331 22.74 36.78 -30.15
N THR E 332 21.78 36.26 -29.40
CA THR E 332 20.80 37.12 -28.75
C THR E 332 20.85 36.83 -27.24
N GLY E 333 20.82 37.87 -26.41
CA GLY E 333 20.81 37.65 -24.97
C GLY E 333 19.51 36.96 -24.60
N PHE E 334 19.31 36.67 -23.33
CA PHE E 334 18.09 35.97 -22.91
C PHE E 334 17.90 36.42 -21.52
N PHE E 335 16.72 36.18 -20.95
CA PHE E 335 16.52 36.60 -19.58
C PHE E 335 15.81 35.52 -18.90
N THR E 336 15.47 35.80 -17.66
CA THR E 336 14.74 34.86 -16.84
C THR E 336 13.62 34.17 -17.63
N GLY E 337 13.39 32.92 -17.29
CA GLY E 337 12.37 32.09 -17.92
C GLY E 337 13.02 31.18 -18.94
N TYR E 338 14.32 31.39 -19.15
CA TYR E 338 15.08 30.62 -20.12
C TYR E 338 15.32 29.21 -19.59
N ARG E 339 14.85 28.22 -20.35
CA ARG E 339 14.96 26.81 -19.98
C ARG E 339 15.80 26.01 -20.96
N PRO E 340 17.14 26.11 -20.85
CA PRO E 340 18.12 25.42 -21.69
C PRO E 340 18.50 24.16 -20.93
N GLN E 341 18.66 23.02 -21.59
CA GLN E 341 19.06 21.87 -20.80
C GLN E 341 20.53 22.00 -20.35
N PHE E 342 20.78 21.59 -19.10
CA PHE E 342 22.12 21.64 -18.56
C PHE E 342 22.75 20.24 -18.60
N TYR E 343 24.01 20.20 -19.00
CA TYR E 343 24.71 18.93 -19.10
C TYR E 343 25.62 18.68 -17.91
N PHE E 344 25.40 17.52 -17.29
CA PHE E 344 26.17 17.08 -16.13
C PHE E 344 26.77 15.71 -16.39
N ARG E 345 28.00 15.73 -16.91
CA ARG E 345 28.74 14.52 -17.24
C ARG E 345 27.88 13.52 -18.03
N THR E 346 27.13 12.68 -17.33
CA THR E 346 26.28 11.67 -17.97
C THR E 346 25.12 12.28 -18.77
N THR E 347 23.97 12.43 -18.12
CA THR E 347 22.76 12.95 -18.74
C THR E 347 22.74 14.46 -18.80
N ASP E 348 21.68 15.02 -19.39
CA ASP E 348 21.45 16.46 -19.55
C ASP E 348 20.01 16.80 -19.13
N VAL E 349 19.84 17.82 -18.27
CA VAL E 349 18.48 18.21 -17.89
C VAL E 349 18.13 19.69 -17.99
N THR E 350 16.96 19.94 -18.55
CA THR E 350 16.54 21.31 -18.73
C THR E 350 16.32 21.98 -17.37
N GLY E 351 16.77 23.24 -17.26
CA GLY E 351 16.61 23.99 -16.03
C GLY E 351 16.09 25.38 -16.35
N VAL E 352 15.27 25.91 -15.45
CA VAL E 352 14.66 27.24 -15.62
C VAL E 352 15.51 28.35 -15.02
N VAL E 353 16.34 29.00 -15.83
CA VAL E 353 17.18 30.09 -15.31
C VAL E 353 16.40 31.22 -14.69
N ARG E 354 16.84 31.70 -13.55
CA ARG E 354 16.18 32.83 -12.92
C ARG E 354 17.31 33.72 -12.51
N LEU E 355 17.54 34.71 -13.34
CA LEU E 355 18.60 35.68 -13.13
C LEU E 355 18.57 36.27 -11.74
N PRO E 356 19.74 36.74 -11.26
CA PRO E 356 19.95 37.35 -9.94
C PRO E 356 19.15 38.63 -9.87
N GLN E 357 18.78 39.01 -8.65
CA GLN E 357 18.00 40.22 -8.41
C GLN E 357 18.80 41.49 -8.76
N GLY E 358 19.69 41.37 -9.75
CA GLY E 358 20.50 42.50 -10.15
C GLY E 358 20.50 42.61 -11.66
N VAL E 359 20.93 41.55 -12.33
CA VAL E 359 21.00 41.55 -13.79
C VAL E 359 19.61 41.41 -14.38
N GLU E 360 19.47 41.93 -15.60
CA GLU E 360 18.21 41.94 -16.34
C GLU E 360 18.25 41.16 -17.66
N MET E 361 19.38 41.23 -18.37
CA MET E 361 19.50 40.54 -19.64
C MET E 361 20.87 40.00 -20.02
N VAL E 362 21.06 38.70 -19.82
CA VAL E 362 22.34 38.10 -20.14
C VAL E 362 22.60 38.17 -21.63
N MET E 363 23.85 38.44 -21.97
CA MET E 363 24.23 38.60 -23.35
C MET E 363 25.42 37.78 -23.76
N PRO E 364 25.53 37.48 -25.06
CA PRO E 364 26.67 36.70 -25.57
C PRO E 364 27.95 37.43 -25.19
N GLY E 365 28.95 36.68 -24.76
CA GLY E 365 30.17 37.35 -24.35
C GLY E 365 30.10 37.55 -22.86
N ASP E 366 28.94 37.95 -22.36
CA ASP E 366 28.81 38.18 -20.93
C ASP E 366 29.23 36.96 -20.10
N ASN E 367 29.84 37.26 -18.96
CA ASN E 367 30.29 36.24 -18.05
C ASN E 367 29.50 36.63 -16.79
N VAL E 368 28.68 35.74 -16.27
CA VAL E 368 27.88 36.14 -15.13
C VAL E 368 27.69 35.11 -14.04
N THR E 369 26.67 35.33 -13.21
CA THR E 369 26.29 34.47 -12.11
C THR E 369 24.77 34.42 -12.16
N PHE E 370 24.13 33.46 -11.48
CA PHE E 370 22.67 33.33 -11.42
C PHE E 370 22.15 32.01 -10.90
N THR E 371 20.83 31.88 -10.84
CA THR E 371 20.22 30.67 -10.32
C THR E 371 19.65 29.76 -11.39
N VAL E 372 19.35 28.52 -11.02
CA VAL E 372 18.78 27.53 -11.92
C VAL E 372 17.85 26.65 -11.12
N GLU E 373 17.02 25.92 -11.81
CA GLU E 373 16.07 25.08 -11.12
C GLU E 373 15.73 23.95 -12.08
N LEU E 374 16.54 22.88 -12.01
CA LEU E 374 16.35 21.71 -12.86
C LEU E 374 14.96 21.07 -12.75
N ILE E 375 14.50 20.60 -13.88
CA ILE E 375 13.20 19.95 -14.01
C ILE E 375 13.17 18.60 -13.30
N LYS E 376 14.34 18.14 -12.88
CA LYS E 376 14.51 16.86 -12.21
C LYS E 376 15.56 17.00 -11.11
N PRO E 377 15.94 15.89 -10.45
CA PRO E 377 16.95 15.99 -9.40
C PRO E 377 18.37 15.67 -9.91
N VAL E 378 19.41 16.08 -9.19
CA VAL E 378 20.78 15.79 -9.66
C VAL E 378 21.96 15.85 -8.64
N ALA E 379 23.08 15.21 -8.98
CA ALA E 379 24.23 15.21 -8.06
C ALA E 379 25.05 16.49 -8.11
N LEU E 380 24.83 17.39 -7.15
CA LEU E 380 25.55 18.66 -7.14
C LEU E 380 26.64 18.81 -6.10
N GLU E 381 27.61 19.67 -6.40
CA GLU E 381 28.71 19.94 -5.49
C GLU E 381 29.38 21.24 -5.91
N GLU E 382 29.41 22.21 -5.01
CA GLU E 382 30.04 23.49 -5.32
C GLU E 382 31.41 23.34 -6.00
N GLY E 383 31.50 23.74 -7.26
CA GLY E 383 32.76 23.62 -7.98
C GLY E 383 32.60 22.60 -9.10
N LEU E 384 31.45 21.95 -9.09
CA LEU E 384 31.06 20.93 -10.07
C LEU E 384 30.83 21.62 -11.42
N ARG E 385 31.92 21.90 -12.15
CA ARG E 385 31.81 22.57 -13.45
C ARG E 385 30.83 21.83 -14.39
N PHE E 386 30.01 22.60 -15.11
CA PHE E 386 28.99 22.07 -16.04
C PHE E 386 28.82 22.89 -17.33
N ALA E 387 28.28 22.24 -18.37
CA ALA E 387 28.05 22.91 -19.66
C ALA E 387 26.57 23.16 -19.97
N ILE E 388 26.33 24.11 -20.90
CA ILE E 388 24.97 24.50 -21.33
C ILE E 388 24.74 24.55 -22.83
N ARG E 389 23.70 23.87 -23.27
CA ARG E 389 23.36 23.84 -24.68
C ARG E 389 21.85 23.83 -24.80
N GLU E 390 21.39 24.67 -25.72
CA GLU E 390 19.97 24.81 -25.97
C GLU E 390 19.78 24.77 -27.47
N GLY E 391 18.63 24.23 -27.88
CA GLY E 391 18.27 24.06 -29.25
C GLY E 391 19.44 24.21 -30.19
N GLY E 392 19.93 23.13 -30.75
CA GLY E 392 21.03 23.27 -31.68
C GLY E 392 22.45 23.46 -31.17
N ARG E 393 22.73 24.39 -30.26
CA ARG E 393 24.12 24.49 -29.85
C ARG E 393 24.44 24.81 -28.42
N THR E 394 25.75 24.91 -28.19
CA THR E 394 26.29 25.22 -26.88
C THR E 394 26.18 26.70 -26.68
N VAL E 395 25.88 27.13 -25.47
CA VAL E 395 25.74 28.55 -25.22
C VAL E 395 26.72 29.13 -24.23
N GLY E 396 27.02 28.38 -23.18
CA GLY E 396 27.93 28.89 -22.17
C GLY E 396 28.27 27.79 -21.20
N ALA E 397 29.43 27.92 -20.57
CA ALA E 397 29.93 26.96 -19.58
C ALA E 397 29.91 27.63 -18.21
N GLY E 398 29.87 26.83 -17.14
CA GLY E 398 29.84 27.40 -15.80
C GLY E 398 29.94 26.41 -14.68
N VAL E 399 30.16 26.89 -13.46
CA VAL E 399 30.32 26.02 -12.30
C VAL E 399 29.27 26.20 -11.22
N VAL E 400 29.03 25.17 -10.42
CA VAL E 400 28.02 25.24 -9.36
C VAL E 400 28.48 26.03 -8.15
N THR E 401 28.51 27.35 -8.28
CA THR E 401 28.92 28.26 -7.21
C THR E 401 28.30 28.02 -5.82
N LYS E 402 27.19 27.29 -5.75
CA LYS E 402 26.53 27.07 -4.47
C LYS E 402 25.47 26.00 -4.64
N ILE E 403 24.47 26.01 -3.76
CA ILE E 403 23.35 25.08 -3.83
C ILE E 403 22.19 25.63 -3.02
N LEU E 404 20.97 25.24 -3.39
CA LEU E 404 19.84 25.79 -2.69
C LEU E 404 18.77 24.81 -2.27
N GLU E 405 18.80 23.58 -2.80
CA GLU E 405 17.74 22.63 -2.46
C GLU E 405 17.62 21.46 -3.44
P 2MG F 10 -9.74 25.34 -17.78
OP1 2MG F 10 -10.25 26.36 -16.84
OP2 2MG F 10 -8.30 25.38 -18.20
O5' 2MG F 10 -10.04 23.90 -17.17
C5' 2MG F 10 -9.63 23.54 -15.83
C4' 2MG F 10 -10.60 22.50 -15.28
O4' 2MG F 10 -11.85 23.17 -14.94
C3' 2MG F 10 -10.98 21.40 -16.26
O3' 2MG F 10 -10.05 20.30 -16.24
C2' 2MG F 10 -12.39 21.02 -15.81
O2' 2MG F 10 -12.38 20.11 -14.74
C1' 2MG F 10 -12.94 22.36 -15.33
N9 2MG F 10 -13.70 23.06 -16.36
C8 2MG F 10 -13.45 24.32 -16.86
N7 2MG F 10 -14.33 24.68 -17.77
C5 2MG F 10 -15.19 23.61 -17.85
C6 2MG F 10 -16.33 23.42 -18.66
O6 2MG F 10 -16.83 24.20 -19.49
N1 2MG F 10 -16.92 22.17 -18.43
C2 2MG F 10 -16.46 21.22 -17.54
N2 2MG F 10 -17.15 20.06 -17.43
CM2 2MG F 10 -18.41 19.81 -18.12
N3 2MG F 10 -15.38 21.39 -16.79
C4 2MG F 10 -14.80 22.59 -17.00
P H2U F 16 -8.58 23.41 -40.06
OP1 H2U F 16 -8.92 23.33 -41.50
OP2 H2U F 16 -7.75 22.33 -39.45
O5' H2U F 16 -7.84 24.80 -39.80
C5' H2U F 16 -8.35 26.05 -40.35
C4' H2U F 16 -7.22 27.07 -40.39
O4' H2U F 16 -6.88 27.49 -39.04
C3' H2U F 16 -5.95 26.50 -40.97
O3' H2U F 16 -5.19 27.51 -41.62
C1' H2U F 16 -5.58 27.03 -38.70
C2' H2U F 16 -5.23 25.98 -39.75
O2' H2U F 16 -3.84 25.79 -39.92
N1 H2U F 16 -5.64 26.48 -37.32
C2 H2U F 16 -5.09 27.13 -36.27
O2 H2U F 16 -5.04 28.34 -36.17
N3 H2U F 16 -4.64 26.32 -35.26
C4 H2U F 16 -4.82 24.96 -35.15
O4 H2U F 16 -4.62 24.39 -34.08
C5 H2U F 16 -5.33 24.29 -36.36
C6 H2U F 16 -6.28 25.19 -37.09
P H2U F 17 -4.07 27.06 -42.68
OP1 H2U F 17 -4.14 28.09 -43.74
OP2 H2U F 17 -4.30 25.61 -43.03
O5' H2U F 17 -2.70 27.21 -41.88
C5' H2U F 17 -1.47 26.59 -42.34
C4' H2U F 17 -0.50 27.65 -42.85
O4' H2U F 17 -0.91 28.13 -44.17
C3' H2U F 17 -0.40 28.91 -42.00
O3' H2U F 17 0.96 29.39 -42.18
C1' H2U F 17 -1.33 29.49 -44.06
C2' H2U F 17 -1.54 29.73 -42.57
O2' H2U F 17 -1.66 31.06 -42.16
N1 H2U F 17 -2.46 29.74 -45.01
C2 H2U F 17 -3.24 30.86 -44.87
O2 H2U F 17 -3.95 31.09 -43.89
N3 H2U F 17 -3.24 31.69 -45.98
C4 H2U F 17 -2.83 31.37 -47.26
O4 H2U F 17 -3.16 32.10 -48.20
C5 H2U F 17 -2.05 30.09 -47.41
C6 H2U F 17 -2.42 29.09 -46.33
P M2G F 26 -25.18 20.45 -18.47
OP1 M2G F 26 -26.63 20.15 -18.41
OP2 M2G F 26 -24.72 21.75 -19.02
O5' M2G F 26 -24.60 20.29 -17.00
C5' M2G F 26 -23.96 21.37 -16.33
C4' M2G F 26 -22.51 21.05 -16.10
O4' M2G F 26 -21.79 20.99 -17.35
C3' M2G F 26 -21.83 22.12 -15.29
O3' M2G F 26 -22.07 21.85 -13.93
C2' M2G F 26 -20.38 21.99 -15.72
O2' M2G F 26 -19.72 20.93 -15.08
C1' M2G F 26 -20.53 21.64 -17.20
N9 M2G F 26 -20.50 22.81 -18.08
C8 M2G F 26 -21.23 23.00 -19.24
N7 M2G F 26 -21.00 24.16 -19.80
C5 M2G F 26 -20.06 24.76 -18.98
C6 M2G F 26 -19.43 26.03 -19.07
O6 M2G F 26 -19.58 26.90 -19.95
N1 M2G F 26 -18.56 26.25 -18.01
C2 M2G F 26 -18.31 25.37 -16.98
N2 M2G F 26 -17.41 25.77 -16.02
N3 M2G F 26 -18.88 24.18 -16.89
C4 M2G F 26 -19.74 23.95 -17.91
CM1 M2G F 26 -16.98 27.15 -15.93
CM2 M2G F 26 -16.88 24.78 -15.08
N1 OMC F 32 -38.95 30.60 -14.18
C2 OMC F 32 -38.34 29.40 -13.77
N3 OMC F 32 -37.17 29.45 -13.10
C4 OMC F 32 -36.60 30.63 -12.84
C5 OMC F 32 -37.19 31.85 -13.24
C6 OMC F 32 -38.35 31.79 -13.90
O2 OMC F 32 -38.92 28.32 -14.03
N4 OMC F 32 -35.45 30.64 -12.19
C1' OMC F 32 -40.25 30.54 -14.88
C2' OMC F 32 -41.39 30.36 -13.87
O2' OMC F 32 -42.47 29.65 -14.46
CM2 OMC F 32 -42.30 28.25 -14.24
C3' OMC F 32 -41.74 31.81 -13.55
C4' OMC F 32 -41.54 32.51 -14.89
O4' OMC F 32 -40.46 31.79 -15.53
O3' OMC F 32 -43.03 31.97 -12.99
C5' OMC F 32 -41.16 33.97 -14.77
O5' OMC F 32 -40.20 34.13 -13.70
P OMC F 32 -39.80 35.59 -13.22
OP1 OMC F 32 -41.05 36.37 -13.12
OP2 OMC F 32 -38.87 35.56 -12.03
P OMG F 34 -44.34 29.25 -7.11
OP1 OMG F 34 -45.52 28.71 -6.35
OP2 OMG F 34 -44.46 30.52 -7.88
O5' OMG F 34 -43.12 29.40 -6.10
C5' OMG F 34 -43.03 30.54 -5.26
C4' OMG F 34 -42.24 30.19 -4.03
O4' OMG F 34 -43.01 29.24 -3.23
C3' OMG F 34 -40.93 29.52 -4.31
O3' OMG F 34 -39.91 30.46 -4.61
C2' OMG F 34 -40.68 28.69 -3.06
O2' OMG F 34 -40.06 29.48 -2.06
CM2 OMG F 34 -39.94 28.71 -0.86
C1' OMG F 34 -42.12 28.26 -2.69
N9 OMG F 34 -42.52 26.95 -3.25
C8 OMG F 34 -43.51 26.70 -4.18
N7 OMG F 34 -43.62 25.43 -4.49
C5 OMG F 34 -42.65 24.82 -3.73
C6 OMG F 34 -42.27 23.48 -3.64
O6 OMG F 34 -42.73 22.51 -4.27
N1 OMG F 34 -41.24 23.30 -2.71
C2 OMG F 34 -40.64 24.28 -1.98
N2 OMG F 34 -39.68 23.92 -1.15
N3 OMG F 34 -40.96 25.55 -2.07
C4 OMG F 34 -41.97 25.75 -2.94
N1 YG F 37 -39.03 21.70 -13.85
N2 YG F 37 -39.29 19.68 -14.80
C2 YG F 37 -38.68 20.40 -13.86
N3 YG F 37 -37.77 19.87 -13.08
C3 YG F 37 -37.57 18.42 -13.00
C4 YG F 37 -37.12 20.79 -12.34
C5 YG F 37 -37.38 22.13 -12.25
C6 YG F 37 -38.43 22.68 -13.05
O6 YG F 37 -38.84 23.86 -13.11
N7 YG F 37 -36.52 22.73 -11.34
C8 YG F 37 -35.73 21.77 -10.94
N9 YG F 37 -35.99 20.57 -11.56
C10 YG F 37 -40.74 20.35 -16.70
C11 YG F 37 -40.01 20.62 -15.48
C12 YG F 37 -39.97 21.91 -14.82
C13 YG F 37 -40.91 23.08 -15.12
C14 YG F 37 -41.93 23.05 -13.98
C15 YG F 37 -43.34 23.67 -14.29
C16 YG F 37 -44.06 23.15 -13.07
O17 YG F 37 -44.74 22.11 -13.18
O18 YG F 37 -44.01 23.72 -11.94
C19 YG F 37 -42.74 23.86 -11.28
N20 YG F 37 -43.97 23.02 -15.55
C21 YG F 37 -44.72 23.71 -16.55
O22 YG F 37 -45.55 24.58 -16.26
O23 YG F 37 -44.55 23.44 -17.80
C24 YG F 37 -43.26 23.63 -18.42
C1' YG F 37 -35.19 19.35 -11.50
C2' YG F 37 -34.54 19.10 -12.88
O2' YG F 37 -34.37 17.72 -13.17
C3' YG F 37 -33.20 19.80 -12.72
O3' YG F 37 -32.27 19.25 -13.62
C4' YG F 37 -32.85 19.49 -11.28
O4' YG F 37 -34.13 19.55 -10.58
C5' YG F 37 -31.88 20.44 -10.65
O5' YG F 37 -32.31 21.77 -10.85
P YG F 37 -31.91 22.93 -9.83
OP1 YG F 37 -30.43 22.98 -9.69
OP2 YG F 37 -32.66 24.11 -10.27
N1 PSU F 39 -34.23 25.08 -17.16
C2 PSU F 39 -34.28 26.38 -16.72
N3 PSU F 39 -35.01 27.22 -17.52
C4 PSU F 39 -35.69 26.89 -18.67
C5 PSU F 39 -35.62 25.53 -19.02
C6 PSU F 39 -34.89 24.69 -18.29
O2 PSU F 39 -33.75 26.77 -15.70
O4 PSU F 39 -36.29 27.79 -19.30
C1' PSU F 39 -36.38 25.06 -20.20
C2' PSU F 39 -35.85 25.58 -21.54
O2' PSU F 39 -36.96 25.86 -22.34
C3' PSU F 39 -35.06 24.38 -22.02
C4' PSU F 39 -35.88 23.21 -21.53
O3' PSU F 39 -34.94 24.29 -23.42
O4' PSU F 39 -36.42 23.65 -20.26
C5' PSU F 39 -35.08 21.94 -21.37
O5' PSU F 39 -33.85 22.22 -20.66
P PSU F 39 -32.94 21.03 -20.12
OP1 PSU F 39 -32.47 20.29 -21.31
OP2 PSU F 39 -31.93 21.61 -19.15
P 5MC F 40 -33.86 25.19 -24.18
OP1 5MC F 40 -33.99 24.80 -25.62
OP2 5MC F 40 -32.52 25.11 -23.52
O5' 5MC F 40 -34.39 26.68 -23.95
C5' 5MC F 40 -35.58 27.19 -24.60
C4' 5MC F 40 -35.71 28.67 -24.32
O4' 5MC F 40 -36.01 28.88 -22.92
C3' 5MC F 40 -34.41 29.42 -24.53
O3' 5MC F 40 -34.21 29.80 -25.87
C2' 5MC F 40 -34.51 30.61 -23.59
O2' 5MC F 40 -35.23 31.66 -24.17
C1' 5MC F 40 -35.29 30.00 -22.43
N1 5MC F 40 -34.39 29.53 -21.36
C2 5MC F 40 -34.07 30.40 -20.30
O2 5MC F 40 -34.60 31.53 -20.28
N3 5MC F 40 -33.23 29.97 -19.32
C4 5MC F 40 -32.72 28.73 -19.36
N4 5MC F 40 -31.90 28.36 -18.37
C5 5MC F 40 -33.07 27.82 -20.43
C6 5MC F 40 -33.87 28.27 -21.40
CM5 5MC F 40 -32.62 26.38 -20.46
P 7MG F 46 -8.63 32.30 -18.83
OP1 7MG F 46 -7.45 32.15 -17.93
OP2 7MG F 46 -8.85 33.57 -19.58
O5' 7MG F 46 -8.57 31.13 -19.91
C5' 7MG F 46 -8.66 29.76 -19.50
C4' 7MG F 46 -7.95 28.86 -20.47
O4' 7MG F 46 -8.76 28.69 -21.66
C3' 7MG F 46 -6.54 29.23 -20.91
O3' 7MG F 46 -5.67 28.08 -20.86
C2' 7MG F 46 -6.74 29.68 -22.35
O2' 7MG F 46 -5.62 29.43 -23.18
C1' 7MG F 46 -7.93 28.81 -22.79
N9 7MG F 46 -8.74 29.37 -23.88
C8 7MG F 46 -9.03 30.69 -24.08
N7 7MG F 46 -9.73 30.89 -25.16
C5 7MG F 46 -9.94 29.62 -25.70
C6 7MG F 46 -10.64 29.22 -26.87
O6 7MG F 46 -11.27 29.93 -27.68
N1 7MG F 46 -10.57 27.86 -27.06
C2 7MG F 46 -9.96 26.99 -26.22
N2 7MG F 46 -10.04 25.72 -26.59
N3 7MG F 46 -9.32 27.34 -25.10
C4 7MG F 46 -9.35 28.66 -24.91
CM7 7MG F 46 -10.19 32.18 -25.70
P 5MC F 49 -0.92 23.43 -26.84
OP1 5MC F 49 0.02 23.68 -27.99
OP2 5MC F 49 -1.49 22.08 -26.61
O5' 5MC F 49 -0.10 23.78 -25.52
C5' 5MC F 49 -0.76 23.76 -24.25
C4' 5MC F 49 0.19 23.33 -23.19
O4' 5MC F 49 0.56 21.94 -23.40
C3' 5MC F 49 1.51 24.07 -23.25
O3' 5MC F 49 1.45 25.38 -22.69
C2' 5MC F 49 2.47 23.11 -22.58
O2' 5MC F 49 2.48 23.18 -21.17
C1' 5MC F 49 1.93 21.75 -23.07
N1 5MC F 49 2.67 21.27 -24.26
C2 5MC F 49 4.06 21.13 -24.18
O2 5MC F 49 4.63 21.38 -23.11
N3 5MC F 49 4.76 20.73 -25.25
C4 5MC F 49 4.11 20.47 -26.40
N4 5MC F 49 4.84 20.08 -27.46
C5 5MC F 49 2.70 20.59 -26.51
C6 5MC F 49 2.01 20.99 -25.42
CM5 5MC F 49 1.99 20.29 -27.79
N1 5MU F 54 12.31 34.10 -35.69
C2 5MU F 54 10.96 33.76 -35.70
N3 5MU F 54 10.28 34.08 -34.55
C4 5MU F 54 10.80 34.70 -33.43
C5 5MU F 54 12.24 34.98 -33.49
C5M 5MU F 54 12.91 35.59 -32.31
C6 5MU F 54 12.89 34.68 -34.60
O2 5MU F 54 10.41 33.20 -36.65
O4 5MU F 54 10.04 34.97 -32.50
C1' 5MU F 54 13.11 33.84 -36.88
C2' 5MU F 54 13.10 35.03 -37.85
O2' 5MU F 54 13.20 34.59 -39.21
C3' 5MU F 54 14.35 35.78 -37.41
C4' 5MU F 54 15.28 34.65 -37.06
O3' 5MU F 54 14.87 36.57 -38.45
O4' 5MU F 54 14.45 33.66 -36.45
C5' 5MU F 54 16.40 35.00 -36.14
O5' 5MU F 54 15.90 35.58 -34.96
P 5MU F 54 16.91 35.80 -33.76
OP1 5MU F 54 18.21 36.33 -34.26
OP2 5MU F 54 16.17 36.54 -32.69
N1 PSU F 55 11.35 38.25 -34.41
C2 PSU F 55 10.49 38.02 -33.35
N3 PSU F 55 9.22 37.66 -33.71
C4 PSU F 55 8.72 37.54 -34.99
C5 PSU F 55 9.67 37.84 -36.02
C6 PSU F 55 10.92 38.15 -35.71
O2 PSU F 55 10.83 38.14 -32.20
O4 PSU F 55 7.56 37.18 -35.15
C1' PSU F 55 9.23 37.84 -37.46
C2' PSU F 55 9.13 39.29 -37.98
O2' PSU F 55 8.24 39.34 -39.08
C3' PSU F 55 10.54 39.53 -38.46
C4' PSU F 55 10.85 38.20 -39.13
O3' PSU F 55 10.58 40.63 -39.37
O4' PSU F 55 10.26 37.22 -38.22
C5' PSU F 55 12.28 37.86 -39.39
O5' PSU F 55 13.09 38.28 -38.29
P PSU F 55 14.67 38.16 -38.38
OP1 PSU F 55 15.10 38.76 -39.67
OP2 PSU F 55 15.31 38.61 -37.09
P 1MA F 58 6.09 37.32 -31.01
OP1 1MA F 58 6.00 37.23 -29.52
OP2 1MA F 58 7.44 37.40 -31.66
O5' 1MA F 58 5.27 36.14 -31.70
C5' 1MA F 58 3.84 36.19 -31.69
C4' 1MA F 58 3.26 34.81 -31.92
O4' 1MA F 58 3.72 34.26 -33.18
C3' 1MA F 58 3.56 33.77 -30.87
O3' 1MA F 58 2.42 32.93 -30.86
C2' 1MA F 58 4.71 32.98 -31.48
O2' 1MA F 58 4.83 31.64 -31.05
C1' 1MA F 58 4.33 33.01 -32.96
N9 1MA F 58 5.47 32.95 -33.86
C8 1MA F 58 6.79 33.35 -33.70
N7 1MA F 58 7.55 33.13 -34.75
C5 1MA F 58 6.68 32.55 -35.67
C6 1MA F 58 6.87 32.08 -36.96
N6 1MA F 58 8.05 32.09 -37.57
N1 1MA F 58 5.79 31.56 -37.60
CM1 1MA F 58 5.90 31.05 -38.97
C2 1MA F 58 4.60 31.51 -36.95
N3 1MA F 58 4.30 31.92 -35.72
C4 1MA F 58 5.39 32.44 -35.13
N PHA F 77 32.46 -3.77 -17.39
CA PHA F 77 31.92 -2.95 -18.51
C PHA F 77 31.58 -3.89 -19.65
O PHA F 77 32.34 -4.14 -20.56
CB PHA F 77 32.96 -1.86 -18.93
CG PHA F 77 32.74 -1.33 -20.33
CD1 PHA F 77 31.56 -0.64 -20.66
CD2 PHA F 77 33.67 -1.59 -21.34
CE1 PHA F 77 31.31 -0.24 -21.96
CE2 PHA F 77 33.41 -1.18 -22.66
CZ PHA F 77 32.24 -0.51 -22.97
PG GNP G . -45.32 -18.86 -5.95
O1G GNP G . -43.97 -19.50 -5.94
O2G GNP G . -45.15 -17.58 -6.64
O3G GNP G . -45.84 -18.86 -4.54
N3B GNP G . -46.26 -19.89 -6.89
PB GNP G . -45.93 -21.43 -7.42
O1B GNP G . -46.19 -21.52 -8.88
O2B GNP G . -44.54 -21.86 -7.05
O3A GNP G . -46.99 -22.38 -6.69
PA GNP G . -46.77 -23.87 -6.19
O1A GNP G . -46.51 -24.79 -7.32
O2A GNP G . -45.64 -23.81 -5.18
O5' GNP G . -48.21 -24.23 -5.54
C5' GNP G . -48.41 -24.45 -4.11
C4' GNP G . -49.39 -25.60 -3.82
O4' GNP G . -50.59 -25.65 -4.68
C3' GNP G . -48.83 -27.04 -3.90
O3' GNP G . -47.93 -27.43 -2.87
C2' GNP G . -50.09 -27.88 -3.91
O2' GNP G . -50.64 -28.27 -2.66
C1' GNP G . -51.03 -27.01 -4.75
N9 GNP G . -51.13 -27.55 -6.13
C8 GNP G . -50.15 -27.57 -7.11
N7 GNP G . -50.53 -28.13 -8.23
C5 GNP G . -51.84 -28.51 -7.98
C6 GNP G . -52.77 -29.17 -8.82
O6 GNP G . -52.59 -29.54 -9.97
N1 GNP G . -54.04 -29.40 -8.19
C2 GNP G . -54.35 -29.01 -6.88
N2 GNP G . -55.57 -29.29 -6.44
N3 GNP G . -53.47 -28.38 -6.08
C4 GNP G . -52.23 -28.17 -6.69
MG MG H . -42.57 -20.65 -8.26
C1 ENX I . -32.78 -7.79 -19.78
C2 ENX I . -32.59 -6.92 -21.01
C3 ENX I . -33.42 -7.37 -22.14
C4 ENX I . -33.88 -6.57 -23.12
C5 ENX I . -34.73 -7.06 -24.26
C6 ENX I . -35.63 -5.94 -24.90
C7 ENX I . -36.44 -6.54 -26.03
C8 ENX I . -37.35 -5.57 -26.73
C9 ENX I . -38.29 -6.33 -27.60
C10 ENX I . -39.23 -5.51 -28.46
C11 ENX I . -40.35 -4.92 -27.55
C12 ENX I . -41.64 -4.46 -28.29
C13 ENX I . -42.70 -4.06 -27.29
C14 ENX I . -43.95 -4.56 -27.36
C15 ENX I . -45.01 -4.27 -26.44
C16 ENX I . -46.25 -4.76 -26.56
C17 ENX I . -47.26 -4.44 -25.57
C18 ENX I . -48.55 -4.81 -25.55
C19 ENX I . -49.34 -4.36 -24.40
C20 ENX I . -50.38 -5.01 -23.85
C21 ENX I . -51.70 -4.39 -23.73
C22 ENX I . -52.74 -5.02 -23.14
C23 ENX I . -53.37 -4.54 -21.90
O24 ENX I . -52.43 -4.16 -20.91
C25 ENX I . -52.88 -3.66 -19.59
C26 ENX I . -53.56 -2.27 -19.73
C27 ENX I . -52.54 -1.17 -20.09
C28 ENX I . -53.25 0.16 -20.19
O29 ENX I . -35.59 -8.17 -23.82
CL30 ENX I . -34.65 -4.59 -25.47
O31 ENX I . -35.56 -7.10 -26.98
O32 ENX I . -39.79 -6.34 -29.48
O33 ENX I . -40.64 -5.98 -26.61
C34 ENX I . -41.34 -3.31 -29.28
CL35 ENX I . -42.21 -2.98 -26.04
C36 ENX I . -49.21 -5.63 -26.59
O37 ENX I . -54.58 -4.44 -21.65
C38 ENX I . -51.71 -3.56 -18.55
C39 ENX I . -50.69 -2.45 -18.89
C40 ENX I . -51.41 -1.10 -19.04
O41 ENX I . -51.01 -4.80 -18.41
C42 ENX I . -35.35 -9.46 -24.30
N43 ENX I . -35.98 -9.70 -25.48
O44 ENX I . -34.63 -10.26 -23.66
O45 ENX I . -38.35 -7.56 -27.61
O46 ENX I . -53.91 0.74 -19.34
O47 ENX I . -53.12 0.79 -21.40
PG GNP J . 16.26 11.67 45.16
O1G GNP J . 16.15 10.35 44.44
O2G GNP J . 15.07 12.44 44.77
O3G GNP J . 17.62 12.24 44.84
N3B GNP J . 16.17 11.26 46.79
PB GNP J . 16.27 9.78 47.52
O1B GNP J . 15.15 9.61 48.46
O2B GNP J . 16.37 8.67 46.50
O3A GNP J . 17.62 9.82 48.38
PA GNP J . 18.62 8.61 48.67
O1A GNP J . 17.98 7.54 49.47
O2A GNP J . 19.13 8.17 47.32
O5' GNP J . 19.74 9.34 49.59
C5' GNP J . 21.12 9.54 49.16
C4' GNP J . 22.15 9.30 50.27
O4' GNP J . 21.79 9.83 51.59
C3' GNP J . 22.54 7.83 50.56
O3' GNP J . 23.32 7.17 49.57
C2' GNP J . 23.26 7.93 51.89
O2' GNP J . 24.66 8.20 51.87
C1' GNP J . 22.44 9.04 52.59
N9 GNP J . 21.52 8.42 53.59
C8 GNP J . 20.40 7.64 53.35
N7 GNP J . 19.81 7.24 54.43
C5 GNP J . 20.55 7.77 55.46
C6 GNP J . 20.39 7.66 56.87
O6 GNP J . 19.51 7.06 57.46
N1 GNP J . 21.40 8.38 57.60
C2 GNP J . 22.44 9.09 57.02
N2 GNP J . 23.29 9.70 57.84
N3 GNP J . 22.60 9.19 55.67
C4 GNP J . 21.62 8.51 54.96
MG MG K . 14.26 8.20 45.07
C1 ENX L . -3.96 10.14 37.43
C2 ENX L . -5.43 10.48 37.46
C3 ENX L . -5.98 10.43 38.85
C4 ENX L . -7.02 11.15 39.29
C5 ENX L . -7.53 11.08 40.70
C6 ENX L . -8.31 12.37 41.16
C7 ENX L . -8.78 12.19 42.59
C8 ENX L . -9.53 13.36 43.15
C9 ENX L . -9.68 13.18 44.61
C10 ENX L . -10.49 14.23 45.35
C11 ENX L . -9.62 15.53 45.46
C12 ENX L . -10.09 16.53 46.56
C13 ENX L . -9.09 17.66 46.68
C14 ENX L . -8.58 18.02 47.87
C15 ENX L . -7.61 19.05 48.08
C16 ENX L . -7.14 19.40 49.29
C17 ENX L . -6.15 20.44 49.40
C18 ENX L . -5.59 20.95 50.52
C19 ENX L . -4.57 21.98 50.34
C20 ENX L . -3.51 22.20 51.15
C21 ENX L . -3.29 23.50 51.77
C22 ENX L . -2.21 23.76 52.55
C23 ENX L . -1.18 24.73 52.19
O24 ENX L . -0.76 24.64 50.85
C25 ENX L . 0.28 25.54 50.31
C26 ENX L . -0.25 27.00 50.24
C27 ENX L . -1.31 27.17 49.14
C28 ENX L . -1.76 28.61 49.09
O29 ENX L . -6.44 10.81 41.63
CL30 ENX L . -9.65 12.71 40.08
O31 ENX L . -9.61 11.04 42.65
O32 ENX L . -10.85 13.74 46.64
O33 ENX L . -8.29 15.07 45.71
C34 ENX L . -11.51 17.06 46.29
CL35 ENX L . -8.64 18.44 45.21
C36 ENX L . -5.93 20.53 51.90
O37 ENX L . -0.65 25.59 52.92
C38 ENX L . 0.79 25.11 48.89
C39 ENX L . -0.28 25.28 47.77
C40 ENX L . -0.77 26.74 47.75
O41 ENX L . 1.24 23.75 48.87
C42 ENX L . -6.37 9.58 42.29
N43 ENX L . -7.09 9.56 43.45
O44 ENX L . -5.68 8.64 41.83
O45 ENX L . -9.14 12.26 45.23
O46 ENX L . -1.09 29.63 48.89
O47 ENX L . -3.10 28.81 49.29
PG GNP M . 29.01 7.41 -39.24
O1G GNP M . 28.99 6.32 -38.20
O2G GNP M . 28.69 8.65 -38.53
O3G GNP M . 28.10 6.97 -40.36
N3B GNP M . 30.60 7.44 -39.77
PB GNP M . 31.83 6.37 -39.51
O1B GNP M . 33.03 7.08 -39.04
O2B GNP M . 31.41 5.25 -38.56
O3A GNP M . 32.16 5.74 -40.94
PA GNP M . 32.63 4.24 -41.26
O1A GNP M . 33.96 3.96 -40.67
O2A GNP M . 31.52 3.35 -40.78
O5' GNP M . 32.79 4.29 -42.87
C5' GNP M . 31.94 3.53 -43.79
C4' GNP M . 32.70 2.93 -44.97
O4' GNP M . 33.71 3.80 -45.58
C3' GNP M . 33.47 1.61 -44.71
O3' GNP M . 32.67 0.44 -44.50
C2' GNP M . 34.35 1.49 -45.93
O2' GNP M . 33.82 0.85 -47.09
C1' GNP M . 34.73 2.97 -46.17
N9 GNP M . 36.10 3.23 -45.69
C8 GNP M . 36.55 3.25 -44.38
N7 GNP M . 37.83 3.51 -44.27
C5 GNP M . 38.26 3.65 -45.56
C6 GNP M . 39.55 3.93 -46.08
O6 GNP M . 40.58 4.10 -45.43
N1 GNP M . 39.60 4.01 -47.50
C2 GNP M . 38.49 3.83 -48.34
N2 GNP M . 38.69 3.92 -49.65
N3 GNP M . 37.25 3.55 -47.85
C4 GNP M . 37.20 3.48 -46.47
MG MG N . 31.00 5.91 -36.09
C1 ENX O . 28.86 17.08 -19.82
C2 ENX O . 29.18 18.24 -18.91
C3 ENX O . 30.54 18.77 -19.14
C4 ENX O . 30.91 20.05 -18.92
C5 ENX O . 32.30 20.56 -19.18
C6 ENX O . 32.36 22.12 -19.44
C7 ENX O . 33.80 22.53 -19.69
C8 ENX O . 34.00 23.99 -19.96
C9 ENX O . 35.37 24.20 -20.46
C10 ENX O . 35.79 25.65 -20.71
C11 ENX O . 35.08 26.15 -22.01
C12 ENX O . 35.74 27.40 -22.67
C13 ENX O . 35.06 27.70 -23.99
C14 ENX O . 35.79 27.88 -25.11
C15 ENX O . 35.23 28.12 -26.41
C16 ENX O . 35.99 28.32 -27.51
C17 ENX O . 35.36 28.54 -28.78
C18 ENX O . 35.93 28.81 -29.97
C19 ENX O . 35.06 28.96 -31.12
C20 ENX O . 35.35 28.64 -32.41
C21 ENX O . 35.26 29.62 -33.48
C22 ENX O . 35.52 29.31 -34.76
C23 ENX O . 34.48 29.37 -35.82
O24 ENX O . 33.25 28.81 -35.43
C25 ENX O . 32.12 28.77 -36.36
C26 ENX O . 31.57 30.20 -36.62
C27 ENX O . 30.87 30.78 -35.38
C28 ENX O . 30.34 32.16 -35.70
O29 ENX O . 32.89 19.86 -20.32
CL30 ENX O . 31.68 23.00 -18.08
O31 ENX O . 34.58 22.16 -18.57
O32 ENX O . 37.22 25.71 -20.83
O33 ENX O . 35.11 25.02 -22.89
C34 ENX O . 35.69 28.62 -21.73
CL35 ENX O . 33.34 27.74 -23.97
C36 ENX O . 37.40 28.94 -30.18
O37 ENX O . 34.59 29.84 -36.96
C38 ENX O . 30.93 27.86 -35.85
C39 ENX O . 30.21 28.45 -34.61
C40 ENX O . 29.71 29.87 -34.91
O41 ENX O . 31.37 26.53 -35.54
C42 ENX O . 33.96 18.98 -20.12
N43 ENX O . 35.17 19.61 -20.13
O44 ENX O . 33.76 17.76 -19.96
O45 ENX O . 36.14 23.28 -20.73
O46 ENX O . 29.55 32.50 -36.59
O47 ENX O . 30.82 33.16 -34.90
#